data_6DWM
#
_entry.id   6DWM
#
_cell.length_a   65.330
_cell.length_b   194.758
_cell.length_c   236.137
_cell.angle_alpha   90.000
_cell.angle_beta   90.000
_cell.angle_gamma   90.000
#
_symmetry.space_group_name_H-M   'P 21 21 21'
#
loop_
_entity.id
_entity.type
_entity.pdbx_description
1 polymer 'Cytochrome P450 1A1'
2 non-polymer 'PROTOPORPHYRIN IX CONTAINING FE'
3 non-polymer 4-{[(2E)-3,7-dimethylocta-2,6-dien-1-yl]oxy}-7H-furo[3,2-g][1]benzopyran-7-one
4 non-polymer 3-[(3-CHOLAMIDOPROPYL)DIMETHYLAMMONIO]-1-PROPANESULFONATE
5 non-polymer GLYCEROL
6 water water
#
_entity_poly.entity_id   1
_entity_poly.type   'polypeptide(L)'
_entity_poly.pdbx_seq_one_letter_code
;MAKKTSSKGLKNPPGPWGWPLIGHMLTLGKNPHLALSRMSQQYGDVLQIRIGSTPVVVLSGLDTIRQALVRQGDDFKGRP
DLYTFTLISNGQSMSFSPDSGPVWAARRRLAQNGLKSFSIASDPASSTSCYLEEHVSKEAEVLISTLQELMAGPGHFNPY
RYVVVSVTNVICAICFGRRYDHNHQELLSLVNLNNNFGEVVGSGNPADFIPILRYLPNPSLNAFKDLNEKFYSFMQKMVK
EHYKTFEKGHIRDITDSLIEHCQEKQLDENANVQLSDEKIINIVLDLFGAGFDTVTTAISWSLMYLVMNPRVQRKIQEEL
DTVIGRSRRPRLSDRSHLPYMEAFILETFRHSSFVPFTIPHSTTRDTSLKGFYIPKGRCVFVNQWQINHDQKLWVNPSEF
LPERFLTPDGAIDKVLSEKVIIFGMGKRKCIGETIARWEVFLFLAILLQRVEFSVPLGVKVDMTPIYGLTMKHACCEHFQ
MQLRSHHHHHH
;
_entity_poly.pdbx_strand_id   A,B,C,D
#
# COMPACT_ATOMS: atom_id res chain seq x y z
N LYS A 8 -27.64 -23.71 2.37
CA LYS A 8 -28.23 -24.71 3.24
C LYS A 8 -27.66 -26.10 2.95
N GLY A 9 -27.87 -26.59 1.73
CA GLY A 9 -27.36 -27.88 1.33
C GLY A 9 -26.16 -27.78 0.42
N LEU A 10 -26.22 -28.42 -0.75
CA LEU A 10 -25.12 -28.39 -1.70
C LEU A 10 -25.65 -28.50 -3.11
N LYS A 11 -25.41 -27.47 -3.91
CA LYS A 11 -25.85 -27.42 -5.31
C LYS A 11 -24.64 -27.37 -6.23
N ASN A 12 -24.89 -27.58 -7.52
CA ASN A 12 -23.89 -27.34 -8.55
C ASN A 12 -24.01 -25.92 -9.09
N PRO A 13 -22.93 -25.29 -9.52
CA PRO A 13 -23.02 -23.89 -10.02
C PRO A 13 -23.89 -23.80 -11.26
N PRO A 14 -24.76 -22.79 -11.32
CA PRO A 14 -25.63 -22.62 -12.49
C PRO A 14 -24.88 -22.06 -13.68
N GLY A 15 -25.54 -22.12 -14.83
CA GLY A 15 -24.96 -21.63 -16.06
C GLY A 15 -25.83 -21.88 -17.26
N PRO A 16 -25.56 -21.17 -18.35
CA PRO A 16 -26.35 -21.34 -19.57
C PRO A 16 -25.98 -22.61 -20.31
N TRP A 17 -26.89 -23.02 -21.19
CA TRP A 17 -26.64 -24.16 -22.07
C TRP A 17 -25.52 -23.81 -23.04
N GLY A 18 -24.65 -24.78 -23.31
CA GLY A 18 -23.55 -24.58 -24.23
C GLY A 18 -23.48 -25.73 -25.23
N TRP A 19 -22.75 -25.49 -26.32
CA TRP A 19 -22.60 -26.51 -27.35
C TRP A 19 -21.78 -27.69 -26.82
N PRO A 20 -22.10 -28.92 -27.25
CA PRO A 20 -21.40 -30.07 -26.68
C PRO A 20 -19.92 -30.16 -27.02
N LEU A 21 -19.49 -29.63 -28.16
CA LEU A 21 -18.08 -29.72 -28.54
C LEU A 21 -17.29 -28.47 -28.15
N ILE A 22 -17.82 -27.28 -28.44
CA ILE A 22 -17.09 -26.03 -28.17
C ILE A 22 -17.59 -25.31 -26.93
N GLY A 23 -18.71 -25.71 -26.36
CA GLY A 23 -19.17 -25.06 -25.16
C GLY A 23 -19.66 -23.65 -25.45
N HIS A 24 -19.18 -22.70 -24.65
CA HIS A 24 -19.60 -21.30 -24.76
C HIS A 24 -18.55 -20.42 -25.39
N MET A 25 -17.67 -21.00 -26.20
CA MET A 25 -16.59 -20.22 -26.78
C MET A 25 -17.14 -19.06 -27.59
N LEU A 26 -18.27 -19.25 -28.27
CA LEU A 26 -18.82 -18.18 -29.08
C LEU A 26 -19.55 -17.14 -28.23
N THR A 27 -20.12 -17.55 -27.09
CA THR A 27 -20.77 -16.59 -26.21
C THR A 27 -19.74 -15.59 -25.67
N LEU A 28 -18.54 -16.06 -25.33
CA LEU A 28 -17.50 -15.17 -24.84
C LEU A 28 -17.06 -14.19 -25.90
N GLY A 29 -16.82 -14.67 -27.12
CA GLY A 29 -16.48 -13.76 -28.20
C GLY A 29 -15.15 -13.08 -27.95
N LYS A 30 -15.06 -11.82 -28.38
CA LYS A 30 -13.84 -11.05 -28.26
C LYS A 30 -13.72 -10.29 -26.95
N ASN A 31 -14.79 -10.16 -26.18
CA ASN A 31 -14.76 -9.43 -24.91
C ASN A 31 -15.34 -10.29 -23.80
N PRO A 32 -14.60 -11.29 -23.35
CA PRO A 32 -15.15 -12.18 -22.32
C PRO A 32 -15.60 -11.44 -21.08
N HIS A 33 -14.87 -10.38 -20.69
CA HIS A 33 -15.23 -9.66 -19.48
C HIS A 33 -16.63 -9.06 -19.60
N LEU A 34 -16.99 -8.61 -20.80
CA LEU A 34 -18.34 -8.09 -21.00
C LEU A 34 -19.37 -9.20 -21.09
N ALA A 35 -19.06 -10.27 -21.83
CA ALA A 35 -20.01 -11.36 -21.97
C ALA A 35 -20.31 -12.00 -20.61
N LEU A 36 -19.27 -12.27 -19.81
CA LEU A 36 -19.49 -12.91 -18.52
C LEU A 36 -20.11 -11.97 -17.49
N SER A 37 -19.98 -10.65 -17.66
CA SER A 37 -20.65 -9.73 -16.75
C SER A 37 -22.15 -9.79 -16.98
N ARG A 38 -22.59 -9.70 -18.24
CA ARG A 38 -24.01 -9.88 -18.51
C ARG A 38 -24.48 -11.23 -18.00
N MET A 39 -23.65 -12.26 -18.17
CA MET A 39 -24.05 -13.60 -17.77
C MET A 39 -24.23 -13.69 -16.25
N SER A 40 -23.36 -13.01 -15.48
CA SER A 40 -23.49 -13.05 -14.04
C SER A 40 -24.72 -12.30 -13.54
N GLN A 41 -25.23 -11.34 -14.32
CA GLN A 41 -26.47 -10.65 -13.93
C GLN A 41 -27.64 -11.61 -13.88
N GLN A 42 -27.59 -12.67 -14.68
CA GLN A 42 -28.67 -13.64 -14.77
C GLN A 42 -28.47 -14.86 -13.87
N TYR A 43 -27.23 -15.31 -13.72
CA TYR A 43 -26.92 -16.53 -13.01
C TYR A 43 -26.20 -16.34 -11.69
N GLY A 44 -25.65 -15.15 -11.42
CA GLY A 44 -25.11 -14.86 -10.11
C GLY A 44 -23.60 -14.91 -10.05
N ASP A 45 -23.11 -14.79 -8.81
CA ASP A 45 -21.68 -14.63 -8.55
C ASP A 45 -20.89 -15.90 -8.78
N VAL A 46 -21.51 -17.06 -8.77
CA VAL A 46 -20.83 -18.32 -9.02
C VAL A 46 -21.57 -19.01 -10.15
N LEU A 47 -20.93 -19.09 -11.31
CA LEU A 47 -21.54 -19.69 -12.49
C LEU A 47 -20.53 -20.58 -13.20
N GLN A 48 -21.03 -21.38 -14.14
CA GLN A 48 -20.26 -22.43 -14.78
C GLN A 48 -20.44 -22.35 -16.29
N ILE A 49 -19.34 -22.51 -17.00
CA ILE A 49 -19.38 -22.54 -18.46
C ILE A 49 -18.46 -23.66 -18.91
N ARG A 50 -18.28 -23.77 -20.23
CA ARG A 50 -17.34 -24.69 -20.84
C ARG A 50 -16.67 -23.98 -21.99
N ILE A 51 -15.36 -24.15 -22.09
CA ILE A 51 -14.58 -23.73 -23.23
C ILE A 51 -14.03 -25.00 -23.85
N GLY A 52 -14.55 -25.38 -25.01
CA GLY A 52 -14.31 -26.69 -25.55
C GLY A 52 -15.00 -27.70 -24.66
N SER A 53 -14.23 -28.63 -24.09
CA SER A 53 -14.78 -29.59 -23.15
C SER A 53 -14.34 -29.29 -21.73
N THR A 54 -13.70 -28.16 -21.50
CA THR A 54 -13.14 -27.84 -20.21
C THR A 54 -14.12 -27.00 -19.43
N PRO A 55 -14.58 -27.45 -18.27
CA PRO A 55 -15.46 -26.60 -17.46
C PRO A 55 -14.66 -25.47 -16.84
N VAL A 56 -15.34 -24.36 -16.61
CA VAL A 56 -14.73 -23.19 -16.01
C VAL A 56 -15.77 -22.55 -15.12
N VAL A 57 -15.36 -22.21 -13.90
CA VAL A 57 -16.21 -21.51 -12.94
C VAL A 57 -15.79 -20.05 -12.96
N VAL A 58 -16.77 -19.15 -13.08
CA VAL A 58 -16.51 -17.73 -13.15
C VAL A 58 -17.07 -17.07 -11.90
N LEU A 59 -16.22 -16.34 -11.19
CA LEU A 59 -16.59 -15.70 -9.94
C LEU A 59 -16.80 -14.21 -10.17
N SER A 60 -17.92 -13.69 -9.66
CA SER A 60 -18.24 -12.28 -9.73
C SER A 60 -18.65 -11.82 -8.33
N GLY A 61 -19.02 -10.56 -8.22
CA GLY A 61 -19.45 -10.00 -6.95
C GLY A 61 -18.29 -9.77 -6.00
N LEU A 62 -18.33 -8.64 -5.29
CA LEU A 62 -17.21 -8.24 -4.47
C LEU A 62 -17.05 -9.14 -3.26
N ASP A 63 -18.15 -9.48 -2.59
CA ASP A 63 -18.01 -10.31 -1.41
C ASP A 63 -17.72 -11.75 -1.79
N THR A 64 -18.34 -12.26 -2.84
CA THR A 64 -18.11 -13.65 -3.23
C THR A 64 -16.64 -13.87 -3.58
N ILE A 65 -16.02 -12.92 -4.26
CA ILE A 65 -14.63 -13.11 -4.66
C ILE A 65 -13.72 -13.00 -3.44
N ARG A 66 -14.01 -12.09 -2.52
CA ARG A 66 -13.25 -12.01 -1.28
C ARG A 66 -13.41 -13.30 -0.46
N GLN A 67 -14.61 -13.89 -0.50
CA GLN A 67 -14.86 -15.15 0.22
C GLN A 67 -13.97 -16.27 -0.30
N ALA A 68 -13.74 -16.31 -1.60
CA ALA A 68 -12.99 -17.42 -2.20
C ALA A 68 -11.49 -17.20 -2.15
N LEU A 69 -11.02 -16.01 -2.54
CA LEU A 69 -9.59 -15.79 -2.65
C LEU A 69 -8.95 -15.50 -1.30
N VAL A 70 -9.70 -14.97 -0.34
CA VAL A 70 -9.17 -14.62 0.96
C VAL A 70 -9.58 -15.66 2.00
N ARG A 71 -10.88 -15.68 2.34
CA ARG A 71 -11.35 -16.50 3.44
C ARG A 71 -11.17 -18.00 3.17
N GLN A 72 -11.25 -18.41 1.90
CA GLN A 72 -10.96 -19.79 1.51
C GLN A 72 -9.76 -19.83 0.56
N GLY A 73 -8.81 -18.92 0.79
CA GLY A 73 -7.75 -18.71 -0.17
C GLY A 73 -6.98 -19.96 -0.52
N ASP A 74 -6.68 -20.80 0.47
CA ASP A 74 -5.88 -21.97 0.18
C ASP A 74 -6.60 -22.93 -0.76
N ASP A 75 -7.93 -22.84 -0.86
CA ASP A 75 -8.66 -23.68 -1.80
C ASP A 75 -8.57 -23.16 -3.23
N PHE A 76 -8.29 -21.86 -3.42
CA PHE A 76 -8.31 -21.22 -4.73
C PHE A 76 -6.95 -20.62 -5.13
N LYS A 77 -5.85 -21.17 -4.62
CA LYS A 77 -4.54 -20.59 -4.85
C LYS A 77 -3.78 -21.23 -6.01
N GLY A 78 -4.42 -22.13 -6.76
CA GLY A 78 -3.72 -22.87 -7.79
C GLY A 78 -3.79 -22.19 -9.16
N ARG A 79 -2.99 -22.73 -10.08
CA ARG A 79 -3.02 -22.32 -11.48
C ARG A 79 -3.43 -23.51 -12.35
N PRO A 80 -4.34 -23.32 -13.31
CA PRO A 80 -4.63 -24.42 -14.24
C PRO A 80 -3.43 -24.69 -15.14
N ASP A 81 -3.30 -25.94 -15.56
CA ASP A 81 -2.18 -26.36 -16.42
C ASP A 81 -2.53 -26.11 -17.88
N LEU A 82 -2.55 -24.82 -18.24
CA LEU A 82 -2.87 -24.40 -19.59
C LEU A 82 -1.62 -24.42 -20.47
N TYR A 83 -1.84 -24.60 -21.77
CA TYR A 83 -0.73 -24.71 -22.71
C TYR A 83 0.06 -23.41 -22.81
N THR A 84 -0.64 -22.28 -22.94
CA THR A 84 0.05 -21.01 -23.11
C THR A 84 1.05 -20.76 -21.98
N PHE A 85 0.75 -21.24 -20.76
CA PHE A 85 1.64 -21.01 -19.63
C PHE A 85 2.91 -21.84 -19.74
N THR A 86 2.84 -23.01 -20.41
CA THR A 86 4.01 -23.86 -20.56
C THR A 86 5.06 -23.22 -21.47
N LEU A 87 4.69 -22.16 -22.20
CA LEU A 87 5.61 -21.45 -23.07
C LEU A 87 6.28 -20.26 -22.38
N ILE A 88 5.92 -19.98 -21.13
CA ILE A 88 6.45 -18.84 -20.39
C ILE A 88 7.59 -19.32 -19.50
N SER A 89 8.74 -18.67 -19.58
CA SER A 89 9.90 -18.99 -18.75
C SER A 89 10.21 -20.48 -18.79
N ASN A 90 10.22 -21.04 -20.00
CA ASN A 90 10.61 -22.44 -20.20
C ASN A 90 9.75 -23.37 -19.35
N GLY A 91 8.47 -23.05 -19.24
CA GLY A 91 7.55 -23.86 -18.47
C GLY A 91 7.77 -23.83 -16.98
N GLN A 92 8.62 -22.93 -16.49
CA GLN A 92 8.95 -22.89 -15.07
C GLN A 92 8.71 -21.50 -14.50
N SER A 93 7.61 -20.87 -14.92
CA SER A 93 7.28 -19.55 -14.43
C SER A 93 6.72 -19.64 -13.02
N MET A 94 7.21 -18.78 -12.14
CA MET A 94 6.68 -18.71 -10.78
C MET A 94 5.19 -18.41 -10.80
N SER A 95 4.76 -17.47 -11.64
CA SER A 95 3.41 -16.94 -11.60
C SER A 95 2.42 -17.76 -12.42
N PHE A 96 2.90 -18.50 -13.42
CA PHE A 96 2.03 -19.20 -14.36
C PHE A 96 2.13 -20.72 -14.33
N SER A 97 3.19 -21.30 -13.77
CA SER A 97 3.29 -22.75 -13.70
C SER A 97 2.23 -23.31 -12.75
N PRO A 98 1.93 -24.61 -12.87
CA PRO A 98 0.93 -25.23 -11.98
C PRO A 98 1.40 -25.42 -10.55
N ASP A 99 2.66 -25.12 -10.26
CA ASP A 99 3.17 -25.28 -8.90
C ASP A 99 2.55 -24.24 -7.97
N SER A 100 1.80 -24.70 -6.97
CA SER A 100 1.26 -23.81 -5.94
C SER A 100 1.62 -24.29 -4.56
N GLY A 101 2.57 -25.22 -4.43
CA GLY A 101 2.95 -25.79 -3.16
C GLY A 101 3.99 -24.95 -2.45
N PRO A 102 4.84 -25.60 -1.65
CA PRO A 102 5.85 -24.83 -0.92
C PRO A 102 6.94 -24.25 -1.83
N VAL A 103 7.23 -24.89 -2.96
CA VAL A 103 8.25 -24.34 -3.86
C VAL A 103 7.80 -22.98 -4.39
N TRP A 104 6.54 -22.86 -4.78
CA TRP A 104 6.03 -21.57 -5.24
C TRP A 104 6.10 -20.52 -4.14
N ALA A 105 5.64 -20.87 -2.94
CA ALA A 105 5.62 -19.91 -1.84
C ALA A 105 7.02 -19.41 -1.50
N ALA A 106 8.02 -20.27 -1.63
CA ALA A 106 9.40 -19.84 -1.38
C ALA A 106 9.84 -18.83 -2.44
N ARG A 107 9.55 -19.11 -3.70
CA ARG A 107 9.92 -18.19 -4.78
C ARG A 107 9.20 -16.86 -4.61
N ARG A 108 7.91 -16.91 -4.28
CA ARG A 108 7.18 -15.68 -4.03
C ARG A 108 7.81 -14.89 -2.89
N ARG A 109 8.32 -15.59 -1.89
CA ARG A 109 8.95 -14.90 -0.76
C ARG A 109 10.29 -14.29 -1.18
N LEU A 110 11.02 -14.91 -2.10
CA LEU A 110 12.23 -14.31 -2.65
C LEU A 110 11.92 -13.05 -3.46
N ALA A 111 10.83 -13.08 -4.24
CA ALA A 111 10.49 -11.92 -5.06
C ALA A 111 10.06 -10.74 -4.21
N GLN A 112 9.21 -10.97 -3.19
CA GLN A 112 8.77 -9.88 -2.34
C GLN A 112 9.94 -9.18 -1.67
N ASN A 113 10.88 -9.96 -1.11
CA ASN A 113 12.02 -9.37 -0.42
C ASN A 113 12.96 -8.68 -1.41
N GLY A 114 13.18 -9.29 -2.58
CA GLY A 114 13.98 -8.62 -3.61
C GLY A 114 13.39 -7.29 -4.05
N LEU A 115 12.08 -7.25 -4.25
CA LEU A 115 11.41 -6.01 -4.60
C LEU A 115 11.52 -4.99 -3.47
N LYS A 116 11.16 -5.41 -2.25
CA LYS A 116 11.18 -4.52 -1.10
C LYS A 116 12.59 -3.97 -0.87
N SER A 117 13.61 -4.82 -1.02
CA SER A 117 14.98 -4.38 -0.77
C SER A 117 15.47 -3.35 -1.77
N PHE A 118 14.99 -3.42 -3.02
CA PHE A 118 15.53 -2.56 -4.08
C PHE A 118 14.47 -1.63 -4.67
N SER A 119 13.39 -1.38 -3.95
CA SER A 119 12.40 -0.40 -4.36
C SER A 119 12.08 0.56 -3.22
N ILE A 120 11.67 0.03 -2.07
CA ILE A 120 11.26 0.89 -0.97
C ILE A 120 12.40 1.23 -0.01
N ALA A 121 13.45 0.41 0.04
CA ALA A 121 14.55 0.66 0.95
C ALA A 121 15.25 1.97 0.58
N SER A 122 15.92 2.54 1.58
CA SER A 122 16.59 3.82 1.38
C SER A 122 17.83 3.62 0.52
N ASP A 123 18.01 4.52 -0.44
CA ASP A 123 19.16 4.43 -1.35
C ASP A 123 20.42 4.80 -0.59
N PRO A 124 21.49 4.01 -0.68
CA PRO A 124 22.74 4.38 -0.01
C PRO A 124 23.31 5.71 -0.48
N ALA A 125 22.99 6.13 -1.71
CA ALA A 125 23.51 7.39 -2.24
C ALA A 125 22.76 8.58 -1.64
N SER A 126 21.49 8.73 -2.00
CA SER A 126 20.68 9.82 -1.48
C SER A 126 20.14 9.48 -0.10
N SER A 127 20.01 10.52 0.73
CA SER A 127 19.43 10.37 2.06
C SER A 127 17.95 10.70 2.09
N THR A 128 17.50 11.59 1.20
CA THR A 128 16.11 12.05 1.22
C THR A 128 15.13 11.01 0.69
N SER A 129 15.53 10.24 -0.32
CA SER A 129 14.60 9.40 -1.07
C SER A 129 15.04 7.95 -1.07
N CYS A 130 14.14 7.09 -1.54
CA CYS A 130 14.37 5.66 -1.66
C CYS A 130 14.74 5.32 -3.11
N TYR A 131 14.98 4.04 -3.36
CA TYR A 131 15.39 3.60 -4.69
C TYR A 131 14.37 4.00 -5.75
N LEU A 132 13.10 3.63 -5.53
CA LEU A 132 12.07 3.86 -6.54
C LEU A 132 11.93 5.34 -6.87
N GLU A 133 11.85 6.19 -5.84
CA GLU A 133 11.70 7.62 -6.09
C GLU A 133 12.89 8.17 -6.88
N GLU A 134 14.09 7.65 -6.61
CA GLU A 134 15.27 8.13 -7.34
C GLU A 134 15.16 7.78 -8.82
N HIS A 135 14.76 6.54 -9.13
CA HIS A 135 14.69 6.10 -10.51
C HIS A 135 13.56 6.80 -11.26
N VAL A 136 12.38 6.89 -10.66
CA VAL A 136 11.24 7.52 -11.34
C VAL A 136 11.51 8.98 -11.61
N SER A 137 12.23 9.66 -10.71
CA SER A 137 12.57 11.06 -10.93
C SER A 137 13.48 11.23 -12.14
N LYS A 138 14.50 10.38 -12.27
CA LYS A 138 15.41 10.50 -13.40
C LYS A 138 14.67 10.29 -14.72
N GLU A 139 13.85 9.25 -14.79
CA GLU A 139 13.17 8.92 -16.05
C GLU A 139 12.07 9.92 -16.37
N ALA A 140 11.45 10.51 -15.34
CA ALA A 140 10.46 11.54 -15.59
C ALA A 140 11.08 12.75 -16.28
N GLU A 141 12.32 13.11 -15.91
CA GLU A 141 13.00 14.22 -16.56
C GLU A 141 13.34 13.88 -18.01
N VAL A 142 13.98 12.73 -18.23
CA VAL A 142 14.31 12.32 -19.59
C VAL A 142 13.06 12.24 -20.42
N LEU A 143 11.95 11.80 -19.81
CA LEU A 143 10.69 11.70 -20.54
C LEU A 143 10.19 13.07 -20.98
N ILE A 144 10.32 14.07 -20.10
CA ILE A 144 9.89 15.42 -20.46
C ILE A 144 10.75 15.98 -21.59
N SER A 145 12.07 15.82 -21.47
CA SER A 145 12.96 16.29 -22.52
C SER A 145 12.66 15.61 -23.84
N THR A 146 12.42 14.29 -23.80
CA THR A 146 12.18 13.53 -25.02
C THR A 146 10.90 14.02 -25.72
N LEU A 147 9.90 14.41 -24.93
CA LEU A 147 8.64 14.89 -25.52
C LEU A 147 8.76 16.32 -26.04
N GLN A 148 9.61 17.14 -25.43
CA GLN A 148 9.84 18.48 -25.97
C GLN A 148 10.49 18.41 -27.35
N GLU A 149 11.41 17.48 -27.55
CA GLU A 149 12.04 17.32 -28.86
C GLU A 149 11.02 16.97 -29.95
N LEU A 150 10.06 16.10 -29.61
CA LEU A 150 9.05 15.71 -30.59
C LEU A 150 8.13 16.87 -30.94
N MET A 151 7.88 17.77 -29.99
CA MET A 151 7.04 18.92 -30.26
C MET A 151 7.74 19.93 -31.17
N ALA A 152 9.08 19.93 -31.16
CA ALA A 152 9.84 20.78 -32.06
C ALA A 152 9.90 20.22 -33.47
N GLY A 153 9.91 18.90 -33.61
CA GLY A 153 9.97 18.25 -34.89
C GLY A 153 8.60 17.98 -35.48
N PRO A 154 8.11 16.75 -35.34
CA PRO A 154 6.78 16.44 -35.91
C PRO A 154 5.66 17.27 -35.33
N GLY A 155 5.80 17.73 -34.09
CA GLY A 155 4.73 18.43 -33.40
C GLY A 155 3.73 17.54 -32.72
N HIS A 156 3.83 16.23 -32.90
CA HIS A 156 2.93 15.27 -32.27
C HIS A 156 3.71 13.99 -32.03
N PHE A 157 3.14 13.12 -31.20
CA PHE A 157 3.84 11.91 -30.82
C PHE A 157 2.84 10.86 -30.36
N ASN A 158 3.32 9.62 -30.29
CA ASN A 158 2.62 8.50 -29.68
C ASN A 158 3.17 8.35 -28.27
N PRO A 159 2.36 8.57 -27.22
CA PRO A 159 2.94 8.52 -25.87
C PRO A 159 3.44 7.14 -25.48
N TYR A 160 2.74 6.08 -25.89
CA TYR A 160 3.16 4.75 -25.50
C TYR A 160 4.59 4.46 -25.96
N ARG A 161 4.94 4.94 -27.16
CA ARG A 161 6.26 4.70 -27.74
C ARG A 161 7.37 5.12 -26.78
N TYR A 162 7.17 6.20 -26.03
CA TYR A 162 8.21 6.75 -25.16
C TYR A 162 7.94 6.52 -23.69
N VAL A 163 6.69 6.30 -23.29
CA VAL A 163 6.40 5.96 -21.90
C VAL A 163 6.90 4.57 -21.57
N VAL A 164 6.80 3.63 -22.53
CA VAL A 164 7.20 2.25 -22.28
C VAL A 164 8.69 2.15 -21.99
N VAL A 165 9.49 3.06 -22.54
CA VAL A 165 10.92 3.06 -22.25
C VAL A 165 11.18 3.61 -20.87
N SER A 166 10.56 4.74 -20.54
CA SER A 166 10.74 5.36 -19.23
C SER A 166 10.31 4.41 -18.12
N VAL A 167 9.16 3.74 -18.29
CA VAL A 167 8.71 2.78 -17.28
C VAL A 167 9.63 1.58 -17.22
N THR A 168 10.12 1.13 -18.38
CA THR A 168 10.99 -0.04 -18.41
C THR A 168 12.33 0.25 -17.75
N ASN A 169 12.87 1.45 -17.95
CA ASN A 169 14.15 1.80 -17.33
C ASN A 169 14.05 1.75 -15.80
N VAL A 170 12.87 2.04 -15.23
CA VAL A 170 12.72 1.99 -13.78
C VAL A 170 12.82 0.55 -13.29
N ILE A 171 11.97 -0.34 -13.84
CA ILE A 171 12.01 -1.73 -13.41
C ILE A 171 13.31 -2.38 -13.84
N CYS A 172 13.91 -1.91 -14.93
CA CYS A 172 15.18 -2.46 -15.38
C CYS A 172 16.33 -2.08 -14.44
N ALA A 173 16.26 -0.89 -13.83
CA ALA A 173 17.26 -0.53 -12.83
C ALA A 173 17.08 -1.31 -11.53
N ILE A 174 15.84 -1.67 -11.19
CA ILE A 174 15.60 -2.44 -9.97
C ILE A 174 16.02 -3.89 -10.16
N CYS A 175 15.98 -4.39 -11.39
CA CYS A 175 16.26 -5.80 -11.66
C CYS A 175 17.68 -6.03 -12.17
N PHE A 176 18.20 -5.12 -13.01
CA PHE A 176 19.47 -5.34 -13.67
C PHE A 176 20.44 -4.16 -13.54
N GLY A 177 20.08 -3.12 -12.80
CA GLY A 177 21.01 -2.02 -12.63
C GLY A 177 21.40 -1.36 -13.93
N ARG A 178 20.44 -1.20 -14.85
CA ARG A 178 20.73 -0.62 -16.16
C ARG A 178 19.54 0.22 -16.62
N ARG A 179 19.84 1.25 -17.42
CA ARG A 179 18.81 2.01 -18.13
C ARG A 179 19.20 2.08 -19.60
N TYR A 180 18.24 2.44 -20.43
CA TYR A 180 18.44 2.43 -21.87
C TYR A 180 17.95 3.73 -22.49
N ASP A 181 18.51 4.03 -23.66
CA ASP A 181 18.13 5.21 -24.40
C ASP A 181 16.77 4.99 -25.06
N HIS A 182 16.04 6.09 -25.25
CA HIS A 182 14.71 6.01 -25.86
C HIS A 182 14.74 5.50 -27.28
N ASN A 183 15.91 5.38 -27.90
CA ASN A 183 16.04 4.85 -29.25
C ASN A 183 16.92 3.61 -29.29
N HIS A 184 17.24 3.04 -28.14
CA HIS A 184 18.05 1.82 -28.09
C HIS A 184 17.35 0.71 -28.89
N GLN A 185 18.08 0.12 -29.84
CA GLN A 185 17.46 -0.81 -30.76
C GLN A 185 17.15 -2.15 -30.11
N GLU A 186 17.99 -2.61 -29.18
CA GLU A 186 17.75 -3.86 -28.49
C GLU A 186 16.47 -3.79 -27.65
N LEU A 187 16.35 -2.72 -26.85
CA LEU A 187 15.20 -2.61 -25.94
C LEU A 187 13.90 -2.51 -26.72
N LEU A 188 13.81 -1.56 -27.65
CA LEU A 188 12.59 -1.40 -28.42
C LEU A 188 12.19 -2.70 -29.09
N SER A 189 13.17 -3.49 -29.54
CA SER A 189 12.88 -4.79 -30.12
C SER A 189 12.32 -5.77 -29.08
N LEU A 190 12.50 -5.49 -27.79
CA LEU A 190 12.06 -6.36 -26.71
C LEU A 190 10.74 -5.95 -26.10
N VAL A 191 10.52 -4.65 -25.88
CA VAL A 191 9.33 -4.17 -25.17
C VAL A 191 8.35 -3.43 -26.08
N ASN A 192 8.71 -3.18 -27.33
CA ASN A 192 7.86 -2.40 -28.23
C ASN A 192 7.94 -2.94 -29.65
N LEU A 193 8.02 -4.26 -29.80
CA LEU A 193 8.05 -4.89 -31.12
C LEU A 193 7.23 -6.19 -31.03
N ASN A 194 6.03 -6.17 -31.59
CA ASN A 194 5.17 -7.36 -31.64
C ASN A 194 5.02 -7.99 -30.25
N ASN A 195 4.45 -7.21 -29.34
CA ASN A 195 4.24 -7.64 -27.95
C ASN A 195 2.76 -7.98 -27.77
N ASN A 196 2.44 -9.24 -28.00
CA ASN A 196 1.09 -9.77 -27.81
C ASN A 196 0.98 -10.65 -26.57
N PHE A 197 1.86 -10.46 -25.58
CA PHE A 197 1.83 -11.31 -24.40
C PHE A 197 0.45 -11.30 -23.74
N GLY A 198 -0.11 -10.11 -23.53
CA GLY A 198 -1.40 -10.04 -22.87
C GLY A 198 -2.51 -10.66 -23.69
N GLU A 199 -2.43 -10.54 -25.02
CA GLU A 199 -3.52 -11.02 -25.86
C GLU A 199 -3.62 -12.53 -25.84
N VAL A 200 -2.48 -13.22 -25.72
CA VAL A 200 -2.47 -14.68 -25.72
C VAL A 200 -2.76 -15.23 -24.32
N VAL A 201 -2.29 -14.55 -23.28
CA VAL A 201 -2.47 -15.06 -21.92
C VAL A 201 -3.82 -14.67 -21.33
N GLY A 202 -4.52 -13.72 -21.93
CA GLY A 202 -5.83 -13.33 -21.43
C GLY A 202 -6.77 -14.51 -21.25
N SER A 203 -7.47 -14.55 -20.12
CA SER A 203 -8.40 -15.64 -19.83
C SER A 203 -9.33 -15.89 -21.00
N GLY A 204 -9.46 -17.15 -21.41
CA GLY A 204 -10.35 -17.51 -22.48
C GLY A 204 -9.70 -17.73 -23.82
N ASN A 205 -8.37 -17.76 -23.88
CA ASN A 205 -7.68 -18.02 -25.13
C ASN A 205 -8.10 -19.37 -25.70
N PRO A 206 -8.70 -19.41 -26.89
CA PRO A 206 -9.12 -20.72 -27.43
C PRO A 206 -7.99 -21.72 -27.58
N ALA A 207 -6.75 -21.26 -27.80
CA ALA A 207 -5.65 -22.20 -27.96
C ALA A 207 -5.46 -23.05 -26.70
N ASP A 208 -5.83 -22.52 -25.53
CA ASP A 208 -5.67 -23.26 -24.29
C ASP A 208 -6.74 -24.34 -24.12
N PHE A 209 -7.88 -24.23 -24.81
CA PHE A 209 -8.98 -25.16 -24.65
C PHE A 209 -9.39 -25.86 -25.94
N ILE A 210 -8.89 -25.42 -27.09
CA ILE A 210 -9.09 -26.13 -28.35
C ILE A 210 -7.71 -26.61 -28.79
N PRO A 211 -7.34 -27.87 -28.55
CA PRO A 211 -5.96 -28.29 -28.83
C PRO A 211 -5.51 -28.15 -30.28
N ILE A 212 -6.42 -28.25 -31.24
CA ILE A 212 -5.98 -28.24 -32.64
C ILE A 212 -5.47 -26.87 -33.05
N LEU A 213 -5.98 -25.80 -32.42
CA LEU A 213 -5.52 -24.47 -32.78
C LEU A 213 -4.04 -24.29 -32.49
N ARG A 214 -3.48 -25.11 -31.60
CA ARG A 214 -2.08 -24.98 -31.24
C ARG A 214 -1.16 -25.42 -32.38
N TYR A 215 -1.64 -26.30 -33.26
CA TYR A 215 -0.82 -26.86 -34.32
C TYR A 215 -1.15 -26.33 -35.70
N LEU A 216 -2.25 -25.61 -35.87
CA LEU A 216 -2.55 -25.00 -37.15
C LEU A 216 -1.74 -23.73 -37.32
N PRO A 217 -1.66 -23.21 -38.55
CA PRO A 217 -1.00 -21.91 -38.73
C PRO A 217 -1.60 -20.86 -37.81
N ASN A 218 -0.81 -20.41 -36.83
CA ASN A 218 -1.26 -19.47 -35.80
C ASN A 218 -0.19 -18.40 -35.67
N PRO A 219 -0.31 -17.28 -36.39
CA PRO A 219 0.69 -16.21 -36.24
C PRO A 219 0.75 -15.67 -34.82
N SER A 220 -0.40 -15.54 -34.16
CA SER A 220 -0.43 -15.05 -32.79
C SER A 220 0.39 -15.96 -31.88
N LEU A 221 0.25 -17.27 -32.02
CA LEU A 221 0.97 -18.19 -31.16
C LEU A 221 2.44 -18.25 -31.54
N ASN A 222 2.76 -18.07 -32.82
CA ASN A 222 4.17 -18.04 -33.22
C ASN A 222 4.86 -16.81 -32.65
N ALA A 223 4.20 -15.65 -32.71
CA ALA A 223 4.77 -14.45 -32.10
C ALA A 223 4.96 -14.63 -30.59
N PHE A 224 4.06 -15.38 -29.95
CA PHE A 224 4.18 -15.59 -28.51
C PHE A 224 5.35 -16.49 -28.17
N LYS A 225 5.59 -17.52 -28.98
CA LYS A 225 6.74 -18.39 -28.77
C LYS A 225 8.03 -17.59 -28.96
N ASP A 226 8.13 -16.81 -30.04
CA ASP A 226 9.35 -16.03 -30.27
C ASP A 226 9.52 -15.01 -29.15
N LEU A 227 8.40 -14.41 -28.70
CA LEU A 227 8.52 -13.36 -27.69
C LEU A 227 9.16 -13.90 -26.42
N ASN A 228 8.76 -15.09 -25.98
CA ASN A 228 9.31 -15.65 -24.75
C ASN A 228 10.73 -16.15 -24.93
N GLU A 229 11.05 -16.72 -26.10
CA GLU A 229 12.44 -17.09 -26.35
C GLU A 229 13.33 -15.85 -26.30
N LYS A 230 12.84 -14.73 -26.82
CA LYS A 230 13.61 -13.48 -26.79
C LYS A 230 13.79 -12.98 -25.35
N PHE A 231 12.73 -13.04 -24.55
CA PHE A 231 12.84 -12.58 -23.16
C PHE A 231 13.74 -13.49 -22.35
N TYR A 232 13.73 -14.79 -22.61
CA TYR A 232 14.57 -15.70 -21.84
C TYR A 232 16.03 -15.52 -22.21
N SER A 233 16.34 -15.22 -23.48
CA SER A 233 17.71 -14.92 -23.86
C SER A 233 18.20 -13.65 -23.18
N PHE A 234 17.35 -12.62 -23.12
CA PHE A 234 17.72 -11.39 -22.43
C PHE A 234 18.02 -11.66 -20.95
N MET A 235 17.21 -12.50 -20.30
CA MET A 235 17.50 -12.88 -18.92
C MET A 235 18.87 -13.53 -18.84
N GLN A 236 19.15 -14.48 -19.74
CA GLN A 236 20.43 -15.18 -19.73
C GLN A 236 21.58 -14.19 -19.85
N LYS A 237 21.52 -13.29 -20.83
CA LYS A 237 22.56 -12.28 -21.01
C LYS A 237 22.80 -11.49 -19.74
N MET A 238 21.72 -11.03 -19.09
CA MET A 238 21.87 -10.18 -17.92
C MET A 238 22.37 -10.95 -16.70
N VAL A 239 22.09 -12.24 -16.62
CA VAL A 239 22.54 -13.03 -15.48
C VAL A 239 24.02 -13.37 -15.62
N LYS A 240 24.46 -13.73 -16.83
CA LYS A 240 25.87 -13.99 -17.05
C LYS A 240 26.71 -12.74 -16.80
N GLU A 241 26.30 -11.61 -17.38
CA GLU A 241 27.03 -10.36 -17.14
C GLU A 241 27.11 -10.05 -15.65
N HIS A 242 26.09 -10.40 -14.88
CA HIS A 242 26.11 -10.15 -13.44
C HIS A 242 27.02 -11.14 -12.71
N TYR A 243 27.06 -12.40 -13.16
CA TYR A 243 27.95 -13.37 -12.52
C TYR A 243 29.41 -13.01 -12.74
N LYS A 244 29.74 -12.56 -13.96
CA LYS A 244 31.12 -12.20 -14.27
C LYS A 244 31.63 -11.11 -13.35
N THR A 245 30.75 -10.19 -12.92
CA THR A 245 31.13 -9.07 -12.09
C THR A 245 30.48 -9.14 -10.70
N PHE A 246 30.22 -10.34 -10.19
CA PHE A 246 29.49 -10.47 -8.94
C PHE A 246 30.44 -10.27 -7.75
N GLU A 247 30.03 -9.39 -6.83
CA GLU A 247 30.74 -9.15 -5.57
C GLU A 247 29.87 -9.60 -4.40
N LYS A 248 30.40 -10.55 -3.61
CA LYS A 248 29.55 -11.17 -2.59
C LYS A 248 29.02 -10.17 -1.60
N GLY A 249 29.80 -9.13 -1.31
CA GLY A 249 29.37 -8.17 -0.33
C GLY A 249 28.72 -6.91 -0.86
N HIS A 250 28.47 -6.81 -2.17
CA HIS A 250 27.88 -5.62 -2.77
C HIS A 250 26.76 -6.07 -3.71
N ILE A 251 25.55 -6.18 -3.16
CA ILE A 251 24.38 -6.59 -3.93
C ILE A 251 23.81 -5.36 -4.63
N ARG A 252 23.83 -5.37 -5.96
CA ARG A 252 23.48 -4.19 -6.74
C ARG A 252 22.01 -4.11 -7.12
N ASP A 253 21.35 -5.26 -7.31
CA ASP A 253 19.99 -5.28 -7.83
C ASP A 253 19.39 -6.65 -7.50
N ILE A 254 18.16 -6.87 -7.98
CA ILE A 254 17.47 -8.12 -7.67
C ILE A 254 18.20 -9.31 -8.28
N THR A 255 18.78 -9.14 -9.47
CA THR A 255 19.51 -10.24 -10.09
C THR A 255 20.65 -10.72 -9.20
N ASP A 256 21.35 -9.79 -8.53
CA ASP A 256 22.44 -10.20 -7.64
C ASP A 256 21.91 -10.95 -6.42
N SER A 257 20.86 -10.43 -5.78
CA SER A 257 20.30 -11.09 -4.61
C SER A 257 19.80 -12.50 -4.92
N LEU A 258 19.50 -12.78 -6.20
CA LEU A 258 19.13 -14.13 -6.59
C LEU A 258 20.37 -14.99 -6.88
N ILE A 259 21.38 -14.42 -7.53
CA ILE A 259 22.64 -15.11 -7.70
C ILE A 259 23.24 -15.45 -6.35
N GLU A 260 23.18 -14.50 -5.41
CA GLU A 260 23.66 -14.76 -4.07
C GLU A 260 22.93 -15.94 -3.44
N HIS A 261 21.63 -16.06 -3.73
CA HIS A 261 20.85 -17.14 -3.17
C HIS A 261 21.16 -18.48 -3.85
N CYS A 262 21.58 -18.45 -5.12
CA CYS A 262 21.98 -19.69 -5.79
C CYS A 262 23.27 -20.25 -5.20
N GLN A 263 24.13 -19.39 -4.65
CA GLN A 263 25.34 -19.86 -3.99
C GLN A 263 25.03 -20.43 -2.61
N GLU A 264 24.21 -19.73 -1.84
CA GLU A 264 23.76 -20.22 -0.53
C GLU A 264 22.87 -21.43 -0.73
N LYS A 265 23.38 -22.48 -1.37
CA LYS A 265 22.54 -23.56 -1.87
C LYS A 265 23.36 -24.83 -2.11
N GLN A 274 15.34 -28.85 -3.90
CA GLN A 274 14.18 -27.96 -3.86
C GLN A 274 14.13 -27.06 -5.09
N LEU A 275 14.80 -25.92 -4.99
CA LEU A 275 14.78 -24.90 -6.02
C LEU A 275 15.99 -25.09 -6.95
N SER A 276 15.74 -25.47 -8.19
CA SER A 276 16.82 -25.50 -9.16
C SER A 276 17.43 -24.10 -9.28
N ASP A 277 18.63 -24.05 -9.85
CA ASP A 277 19.23 -22.74 -10.13
C ASP A 277 18.32 -21.94 -11.05
N GLU A 278 17.68 -22.62 -12.00
CA GLU A 278 16.82 -21.94 -12.98
C GLU A 278 15.59 -21.33 -12.34
N LYS A 279 14.93 -22.05 -11.44
CA LYS A 279 13.70 -21.54 -10.82
C LYS A 279 13.94 -20.38 -9.87
N ILE A 280 15.17 -20.21 -9.38
CA ILE A 280 15.46 -19.05 -8.53
C ILE A 280 15.80 -17.85 -9.41
N ILE A 281 16.42 -18.08 -10.57
CA ILE A 281 16.89 -16.97 -11.38
C ILE A 281 15.73 -16.37 -12.19
N ASN A 282 14.92 -17.22 -12.82
CA ASN A 282 13.88 -16.71 -13.72
C ASN A 282 12.77 -15.94 -13.00
N ILE A 283 12.83 -15.85 -11.67
CA ILE A 283 11.87 -15.02 -10.94
C ILE A 283 11.99 -13.56 -11.39
N VAL A 284 13.22 -13.10 -11.63
CA VAL A 284 13.45 -11.73 -12.05
C VAL A 284 12.71 -11.42 -13.34
N LEU A 285 12.53 -12.44 -14.19
CA LEU A 285 11.84 -12.21 -15.45
C LEU A 285 10.36 -11.96 -15.22
N ASP A 286 9.74 -12.68 -14.29
CA ASP A 286 8.34 -12.42 -13.98
C ASP A 286 8.16 -11.00 -13.45
N LEU A 287 9.15 -10.49 -12.70
CA LEU A 287 9.07 -9.13 -12.19
C LEU A 287 9.33 -8.11 -13.29
N PHE A 288 10.31 -8.37 -14.15
CA PHE A 288 10.61 -7.43 -15.23
C PHE A 288 9.45 -7.35 -16.21
N GLY A 289 8.93 -8.50 -16.66
CA GLY A 289 7.83 -8.51 -17.60
C GLY A 289 6.58 -7.86 -17.04
N ALA A 290 6.23 -8.18 -15.80
CA ALA A 290 5.06 -7.57 -15.20
C ALA A 290 5.29 -6.10 -14.89
N GLY A 291 6.50 -5.74 -14.48
CA GLY A 291 6.73 -4.38 -14.05
C GLY A 291 6.59 -3.39 -15.19
N PHE A 292 7.10 -3.74 -16.37
CA PHE A 292 7.08 -2.80 -17.47
C PHE A 292 5.72 -2.79 -18.17
N ASP A 293 5.08 -3.95 -18.30
CA ASP A 293 3.89 -4.02 -19.14
C ASP A 293 2.68 -3.39 -18.46
N THR A 294 2.41 -3.77 -17.21
CA THR A 294 1.18 -3.30 -16.57
C THR A 294 1.26 -1.83 -16.17
N VAL A 295 2.41 -1.36 -15.69
CA VAL A 295 2.52 0.04 -15.31
C VAL A 295 2.50 0.93 -16.55
N THR A 296 3.13 0.48 -17.64
CA THR A 296 3.08 1.25 -18.88
C THR A 296 1.65 1.38 -19.39
N THR A 297 0.88 0.30 -19.33
CA THR A 297 -0.51 0.37 -19.75
C THR A 297 -1.32 1.29 -18.83
N ALA A 298 -1.02 1.27 -17.53
CA ALA A 298 -1.74 2.12 -16.60
C ALA A 298 -1.46 3.59 -16.88
N ILE A 299 -0.19 3.94 -17.08
CA ILE A 299 0.16 5.33 -17.36
C ILE A 299 -0.39 5.76 -18.71
N SER A 300 -0.36 4.85 -19.69
CA SER A 300 -0.92 5.14 -21.00
C SER A 300 -2.42 5.40 -20.91
N TRP A 301 -3.16 4.56 -20.18
CA TRP A 301 -4.58 4.83 -19.99
C TRP A 301 -4.81 6.16 -19.28
N SER A 302 -3.98 6.47 -18.28
CA SER A 302 -4.12 7.74 -17.58
C SER A 302 -3.99 8.92 -18.54
N LEU A 303 -3.03 8.86 -19.46
CA LEU A 303 -2.83 9.95 -20.42
C LEU A 303 -4.03 10.07 -21.35
N MET A 304 -4.63 8.95 -21.74
CA MET A 304 -5.81 9.00 -22.59
C MET A 304 -6.96 9.70 -21.89
N TYR A 305 -7.19 9.40 -20.60
CA TYR A 305 -8.27 10.05 -19.89
C TYR A 305 -8.00 11.54 -19.68
N LEU A 306 -6.75 11.90 -19.39
CA LEU A 306 -6.39 13.30 -19.17
C LEU A 306 -6.66 14.13 -20.42
N VAL A 307 -6.43 13.54 -21.59
CA VAL A 307 -6.61 14.26 -22.84
C VAL A 307 -8.09 14.33 -23.22
N MET A 308 -8.84 13.28 -22.91
CA MET A 308 -10.28 13.25 -23.20
C MET A 308 -11.11 13.95 -22.14
N ASN A 309 -10.52 14.34 -21.01
CA ASN A 309 -11.24 15.01 -19.93
C ASN A 309 -10.40 16.17 -19.44
N PRO A 310 -10.24 17.22 -20.25
CA PRO A 310 -9.41 18.36 -19.83
C PRO A 310 -9.87 18.98 -18.51
N ARG A 311 -11.17 18.91 -18.21
CA ARG A 311 -11.63 19.37 -16.90
C ARG A 311 -10.88 18.67 -15.79
N VAL A 312 -10.65 17.37 -15.94
CA VAL A 312 -9.98 16.59 -14.90
C VAL A 312 -8.49 16.91 -14.87
N GLN A 313 -7.92 17.30 -16.01
CA GLN A 313 -6.50 17.59 -16.03
C GLN A 313 -6.16 18.86 -15.28
N ARG A 314 -7.03 19.87 -15.40
CA ARG A 314 -6.73 21.13 -14.74
C ARG A 314 -6.97 21.03 -13.22
N LYS A 315 -7.99 20.30 -12.79
CA LYS A 315 -8.23 20.10 -11.37
C LYS A 315 -7.06 19.39 -10.68
N ILE A 316 -6.40 18.46 -11.38
CA ILE A 316 -5.20 17.84 -10.83
C ILE A 316 -4.08 18.87 -10.70
N GLN A 317 -3.89 19.69 -11.74
CA GLN A 317 -2.86 20.70 -11.70
C GLN A 317 -3.13 21.74 -10.62
N GLU A 318 -4.40 22.13 -10.45
CA GLU A 318 -4.73 23.10 -9.41
C GLU A 318 -4.35 22.56 -8.04
N GLU A 319 -4.60 21.27 -7.80
CA GLU A 319 -4.22 20.69 -6.51
C GLU A 319 -2.71 20.68 -6.34
N LEU A 320 -1.98 20.36 -7.43
CA LEU A 320 -0.52 20.38 -7.36
C LEU A 320 0.02 21.76 -7.02
N ASP A 321 -0.52 22.79 -7.66
CA ASP A 321 -0.07 24.16 -7.39
C ASP A 321 -0.38 24.55 -5.95
N THR A 322 -1.56 24.18 -5.46
CA THR A 322 -1.94 24.54 -4.10
C THR A 322 -1.11 23.79 -3.07
N VAL A 323 -0.86 22.50 -3.28
CA VAL A 323 -0.23 21.68 -2.24
C VAL A 323 1.28 21.64 -2.33
N ILE A 324 1.88 21.96 -3.48
CA ILE A 324 3.33 21.87 -3.64
C ILE A 324 3.86 23.13 -4.33
N GLY A 325 3.17 23.56 -5.38
CA GLY A 325 3.64 24.67 -6.19
C GLY A 325 4.71 24.22 -7.17
N ARG A 326 5.09 25.14 -8.04
CA ARG A 326 6.11 24.86 -9.04
C ARG A 326 7.52 25.25 -8.59
N SER A 327 7.74 25.33 -7.28
CA SER A 327 9.05 25.66 -6.73
C SER A 327 9.92 24.43 -6.50
N ARG A 328 9.32 23.25 -6.39
CA ARG A 328 10.08 22.02 -6.17
C ARG A 328 9.35 20.86 -6.85
N ARG A 329 10.10 19.79 -7.12
CA ARG A 329 9.49 18.60 -7.72
C ARG A 329 8.71 17.82 -6.67
N PRO A 330 7.61 17.18 -7.08
CA PRO A 330 6.85 16.34 -6.14
C PRO A 330 7.64 15.14 -5.64
N ARG A 331 7.21 14.62 -4.50
CA ARG A 331 7.85 13.49 -3.85
C ARG A 331 6.80 12.51 -3.35
N LEU A 332 7.25 11.30 -3.04
CA LEU A 332 6.33 10.28 -2.55
C LEU A 332 5.65 10.71 -1.26
N SER A 333 6.35 11.50 -0.42
CA SER A 333 5.75 11.97 0.82
C SER A 333 4.50 12.80 0.56
N ASP A 334 4.39 13.39 -0.64
CA ASP A 334 3.23 14.21 -0.97
C ASP A 334 2.04 13.40 -1.48
N ARG A 335 2.19 12.09 -1.67
CA ARG A 335 1.10 11.29 -2.21
C ARG A 335 -0.13 11.35 -1.29
N SER A 336 0.09 11.29 0.02
CA SER A 336 -1.00 11.24 0.98
C SER A 336 -1.79 12.55 1.02
N HIS A 337 -1.23 13.65 0.53
CA HIS A 337 -1.84 14.96 0.65
C HIS A 337 -2.40 15.46 -0.68
N LEU A 338 -2.54 14.57 -1.67
CA LEU A 338 -3.10 14.89 -2.98
C LEU A 338 -4.29 13.98 -3.26
N PRO A 339 -5.41 14.18 -2.57
CA PRO A 339 -6.53 13.23 -2.72
C PRO A 339 -7.15 13.21 -4.11
N TYR A 340 -7.12 14.32 -4.85
CA TYR A 340 -7.70 14.31 -6.18
C TYR A 340 -6.82 13.55 -7.17
N MET A 341 -5.50 13.58 -6.96
CA MET A 341 -4.61 12.72 -7.73
C MET A 341 -4.96 11.26 -7.48
N GLU A 342 -5.18 10.87 -6.23
CA GLU A 342 -5.54 9.50 -5.93
C GLU A 342 -6.90 9.15 -6.51
N ALA A 343 -7.83 10.11 -6.50
CA ALA A 343 -9.14 9.84 -7.07
C ALA A 343 -9.03 9.59 -8.57
N PHE A 344 -8.13 10.30 -9.25
CA PHE A 344 -7.96 10.09 -10.69
C PHE A 344 -7.34 8.74 -10.98
N ILE A 345 -6.31 8.35 -10.23
CA ILE A 345 -5.69 7.04 -10.43
C ILE A 345 -6.68 5.92 -10.14
N LEU A 346 -7.47 6.06 -9.06
CA LEU A 346 -8.45 5.03 -8.73
C LEU A 346 -9.50 4.90 -9.83
N GLU A 347 -9.95 6.02 -10.40
CA GLU A 347 -10.96 5.99 -11.44
C GLU A 347 -10.38 5.53 -12.77
N THR A 348 -9.07 5.73 -13.00
CA THR A 348 -8.46 5.13 -14.16
C THR A 348 -8.46 3.62 -14.04
N PHE A 349 -8.11 3.09 -12.87
CA PHE A 349 -8.16 1.66 -12.65
C PHE A 349 -9.58 1.14 -12.76
N ARG A 350 -10.55 1.88 -12.21
CA ARG A 350 -11.92 1.38 -12.17
C ARG A 350 -12.58 1.43 -13.54
N HIS A 351 -12.50 2.57 -14.23
CA HIS A 351 -13.21 2.74 -15.49
C HIS A 351 -12.62 1.85 -16.58
N SER A 352 -11.30 1.86 -16.72
CA SER A 352 -10.67 1.03 -17.74
C SER A 352 -10.69 -0.44 -17.33
N SER A 353 -10.46 -0.71 -16.05
CA SER A 353 -10.28 -2.06 -15.55
C SER A 353 -9.36 -2.84 -16.49
N PHE A 354 -8.26 -2.19 -16.87
CA PHE A 354 -7.40 -2.74 -17.90
C PHE A 354 -6.85 -4.11 -17.52
N VAL A 355 -7.08 -4.57 -16.30
CA VAL A 355 -6.86 -5.97 -15.93
C VAL A 355 -8.22 -6.58 -15.59
N PRO A 356 -9.01 -6.96 -16.60
CA PRO A 356 -10.40 -7.35 -16.31
C PRO A 356 -10.53 -8.66 -15.55
N PHE A 357 -9.67 -9.63 -15.82
CA PHE A 357 -9.62 -10.87 -15.06
C PHE A 357 -8.27 -11.00 -14.40
N THR A 358 -8.24 -11.62 -13.22
CA THR A 358 -6.97 -12.06 -12.69
C THR A 358 -6.41 -13.14 -13.61
N ILE A 359 -5.16 -13.53 -13.37
CA ILE A 359 -4.70 -14.76 -14.03
C ILE A 359 -5.63 -15.88 -13.63
N PRO A 360 -5.98 -16.81 -14.52
CA PRO A 360 -6.90 -17.88 -14.13
C PRO A 360 -6.40 -18.61 -12.88
N HIS A 361 -7.34 -18.96 -12.01
CA HIS A 361 -7.05 -19.74 -10.83
C HIS A 361 -7.50 -21.19 -11.02
N SER A 362 -7.21 -22.02 -10.03
CA SER A 362 -7.58 -23.42 -10.03
C SER A 362 -7.73 -23.88 -8.59
N THR A 363 -8.70 -24.74 -8.36
CA THR A 363 -8.94 -25.25 -7.01
C THR A 363 -7.92 -26.32 -6.67
N THR A 364 -7.40 -26.23 -5.44
CA THR A 364 -6.46 -27.23 -4.94
C THR A 364 -7.14 -28.42 -4.29
N ARG A 365 -8.46 -28.36 -4.08
CA ARG A 365 -9.17 -29.46 -3.46
C ARG A 365 -10.67 -29.21 -3.57
N ASP A 366 -11.44 -30.30 -3.47
CA ASP A 366 -12.89 -30.16 -3.44
C ASP A 366 -13.27 -29.09 -2.43
N THR A 367 -14.13 -28.16 -2.84
CA THR A 367 -14.53 -27.08 -1.96
C THR A 367 -15.94 -26.66 -2.34
N SER A 368 -16.48 -25.72 -1.56
CA SER A 368 -17.77 -25.11 -1.82
C SER A 368 -17.64 -23.60 -1.64
N LEU A 369 -18.52 -22.88 -2.32
CA LEU A 369 -18.49 -21.42 -2.31
C LEU A 369 -19.94 -20.97 -2.44
N LYS A 370 -20.43 -20.28 -1.42
CA LYS A 370 -21.81 -19.80 -1.37
C LYS A 370 -22.80 -20.96 -1.58
N GLY A 371 -22.41 -22.15 -1.18
CA GLY A 371 -23.27 -23.32 -1.25
C GLY A 371 -23.15 -24.13 -2.52
N PHE A 372 -22.18 -23.82 -3.38
CA PHE A 372 -22.01 -24.52 -4.64
C PHE A 372 -20.75 -25.37 -4.60
N TYR A 373 -20.84 -26.56 -5.16
CA TYR A 373 -19.73 -27.52 -5.13
C TYR A 373 -18.80 -27.26 -6.30
N ILE A 374 -17.50 -27.23 -6.01
CA ILE A 374 -16.48 -27.01 -7.03
C ILE A 374 -15.42 -28.09 -6.80
N PRO A 375 -15.28 -29.06 -7.68
CA PRO A 375 -14.33 -30.15 -7.43
C PRO A 375 -12.89 -29.68 -7.60
N LYS A 376 -11.96 -30.55 -7.20
CA LYS A 376 -10.54 -30.26 -7.31
C LYS A 376 -10.15 -30.17 -8.78
N GLY A 377 -9.24 -29.25 -9.08
CA GLY A 377 -8.72 -29.10 -10.42
C GLY A 377 -9.56 -28.27 -11.36
N ARG A 378 -10.63 -27.67 -10.85
CA ARG A 378 -11.53 -26.87 -11.67
C ARG A 378 -10.90 -25.52 -11.97
N CYS A 379 -10.87 -25.16 -13.24
CA CYS A 379 -10.36 -23.86 -13.68
C CYS A 379 -11.33 -22.76 -13.26
N VAL A 380 -10.77 -21.65 -12.78
CA VAL A 380 -11.59 -20.58 -12.21
C VAL A 380 -11.17 -19.22 -12.78
N PHE A 381 -12.15 -18.46 -13.27
CA PHE A 381 -11.94 -17.09 -13.71
C PHE A 381 -12.48 -16.12 -12.67
N VAL A 382 -11.74 -15.05 -12.40
CA VAL A 382 -12.13 -14.04 -11.42
C VAL A 382 -12.33 -12.73 -12.17
N ASN A 383 -13.57 -12.27 -12.20
CA ASN A 383 -13.97 -11.15 -13.07
C ASN A 383 -13.86 -9.86 -12.28
N GLN A 384 -12.71 -9.21 -12.37
CA GLN A 384 -12.54 -7.91 -11.73
C GLN A 384 -13.35 -6.83 -12.44
N TRP A 385 -13.50 -6.93 -13.77
CA TRP A 385 -14.28 -5.94 -14.49
C TRP A 385 -15.72 -5.89 -13.96
N GLN A 386 -16.28 -7.05 -13.60
CA GLN A 386 -17.64 -7.09 -13.10
C GLN A 386 -17.79 -6.29 -11.80
N ILE A 387 -16.78 -6.37 -10.92
CA ILE A 387 -16.83 -5.62 -9.67
C ILE A 387 -16.76 -4.13 -9.94
N ASN A 388 -15.77 -3.70 -10.73
CA ASN A 388 -15.54 -2.30 -10.96
C ASN A 388 -16.65 -1.63 -11.75
N HIS A 389 -17.58 -2.39 -12.31
CA HIS A 389 -18.69 -1.81 -13.06
C HIS A 389 -20.04 -2.27 -12.54
N ASP A 390 -20.10 -2.89 -11.37
CA ASP A 390 -21.36 -3.37 -10.84
C ASP A 390 -22.28 -2.19 -10.58
N GLN A 391 -23.50 -2.27 -11.12
CA GLN A 391 -24.49 -1.23 -10.88
C GLN A 391 -24.84 -1.10 -9.41
N LYS A 392 -24.68 -2.18 -8.64
CA LYS A 392 -24.99 -2.15 -7.22
C LYS A 392 -24.02 -1.27 -6.44
N LEU A 393 -22.76 -1.22 -6.87
CA LEU A 393 -21.72 -0.53 -6.10
C LEU A 393 -21.44 0.89 -6.57
N TRP A 394 -21.62 1.18 -7.85
CA TRP A 394 -21.30 2.49 -8.41
C TRP A 394 -22.54 3.09 -9.03
N VAL A 395 -22.62 4.42 -8.99
CA VAL A 395 -23.79 5.14 -9.45
C VAL A 395 -23.88 5.07 -10.98
N ASN A 396 -22.93 5.72 -11.66
CA ASN A 396 -22.86 5.75 -13.11
C ASN A 396 -21.56 5.07 -13.52
N PRO A 397 -21.55 3.73 -13.58
CA PRO A 397 -20.29 3.01 -13.79
C PRO A 397 -19.62 3.32 -15.13
N SER A 398 -20.39 3.70 -16.13
CA SER A 398 -19.84 3.92 -17.46
C SER A 398 -19.25 5.31 -17.64
N GLU A 399 -19.38 6.19 -16.66
CA GLU A 399 -18.86 7.56 -16.74
C GLU A 399 -17.55 7.64 -15.97
N PHE A 400 -16.64 8.48 -16.47
CA PHE A 400 -15.35 8.74 -15.82
C PHE A 400 -15.51 9.95 -14.91
N LEU A 401 -15.67 9.69 -13.60
CA LEU A 401 -15.93 10.74 -12.62
C LEU A 401 -15.08 10.48 -11.38
N PRO A 402 -13.86 11.01 -11.35
CA PRO A 402 -13.00 10.79 -10.17
C PRO A 402 -13.61 11.30 -8.89
N GLU A 403 -14.51 12.27 -8.96
CA GLU A 403 -15.11 12.86 -7.75
C GLU A 403 -15.91 11.84 -6.95
N ARG A 404 -16.22 10.67 -7.53
CA ARG A 404 -16.99 9.67 -6.82
C ARG A 404 -16.24 9.10 -5.63
N PHE A 405 -14.92 9.21 -5.61
CA PHE A 405 -14.12 8.73 -4.50
C PHE A 405 -13.82 9.81 -3.47
N LEU A 406 -14.41 11.00 -3.61
CA LEU A 406 -14.10 12.12 -2.74
C LEU A 406 -15.28 12.39 -1.81
N THR A 407 -14.97 12.59 -0.53
CA THR A 407 -15.95 12.93 0.48
C THR A 407 -16.37 14.40 0.34
N PRO A 408 -17.40 14.82 1.07
CA PRO A 408 -17.77 16.23 1.03
C PRO A 408 -16.64 17.17 1.44
N ASP A 409 -15.74 16.71 2.31
CA ASP A 409 -14.61 17.52 2.77
C ASP A 409 -13.37 17.36 1.89
N GLY A 410 -13.45 16.63 0.79
CA GLY A 410 -12.37 16.57 -0.18
C GLY A 410 -11.35 15.49 0.05
N ALA A 411 -11.64 14.53 0.92
CA ALA A 411 -10.74 13.43 1.24
C ALA A 411 -11.16 12.18 0.50
N ILE A 412 -10.26 11.20 0.47
CA ILE A 412 -10.54 9.92 -0.17
C ILE A 412 -11.45 9.12 0.75
N ASP A 413 -12.52 8.56 0.17
CA ASP A 413 -13.43 7.68 0.90
C ASP A 413 -12.79 6.31 0.98
N LYS A 414 -12.21 5.98 2.13
CA LYS A 414 -11.44 4.75 2.22
C LYS A 414 -12.29 3.51 1.99
N VAL A 415 -13.56 3.55 2.40
CA VAL A 415 -14.44 2.42 2.23
C VAL A 415 -14.72 2.16 0.76
N LEU A 416 -14.89 3.22 -0.02
CA LEU A 416 -15.23 3.09 -1.43
C LEU A 416 -14.01 2.84 -2.30
N SER A 417 -12.85 3.38 -1.93
CA SER A 417 -11.66 3.12 -2.73
C SER A 417 -11.26 1.66 -2.66
N GLU A 418 -11.52 0.99 -1.53
CA GLU A 418 -11.17 -0.41 -1.38
C GLU A 418 -12.09 -1.34 -2.16
N LYS A 419 -13.13 -0.81 -2.78
CA LYS A 419 -14.00 -1.61 -3.66
C LYS A 419 -13.52 -1.58 -5.11
N VAL A 420 -12.40 -0.93 -5.39
CA VAL A 420 -11.80 -0.95 -6.72
C VAL A 420 -10.82 -2.11 -6.74
N ILE A 421 -11.23 -3.20 -7.37
CA ILE A 421 -10.42 -4.42 -7.42
C ILE A 421 -9.70 -4.45 -8.76
N ILE A 422 -8.36 -4.43 -8.72
CA ILE A 422 -7.58 -4.59 -9.94
C ILE A 422 -6.27 -5.30 -9.65
N PHE A 423 -5.90 -5.43 -8.38
CA PHE A 423 -4.66 -6.10 -7.97
C PHE A 423 -4.90 -7.49 -7.39
N GLY A 424 -6.13 -7.98 -7.41
CA GLY A 424 -6.39 -9.31 -6.90
C GLY A 424 -6.61 -9.35 -5.41
N MET A 425 -6.67 -10.56 -4.88
CA MET A 425 -6.89 -10.78 -3.47
C MET A 425 -6.21 -12.08 -3.05
N GLY A 426 -5.90 -12.15 -1.76
CA GLY A 426 -5.54 -13.42 -1.16
C GLY A 426 -4.12 -13.86 -1.49
N LYS A 427 -3.96 -15.18 -1.58
CA LYS A 427 -2.62 -15.77 -1.70
C LYS A 427 -1.93 -15.42 -3.00
N ARG A 428 -2.66 -15.05 -4.04
CA ARG A 428 -2.07 -14.78 -5.35
C ARG A 428 -2.10 -13.31 -5.72
N LYS A 429 -2.39 -12.42 -4.78
CA LYS A 429 -2.48 -11.01 -5.12
C LYS A 429 -1.14 -10.47 -5.62
N CYS A 430 -1.23 -9.31 -6.29
CA CYS A 430 -0.06 -8.66 -6.83
C CYS A 430 0.96 -8.37 -5.74
N ILE A 431 2.23 -8.65 -6.04
CA ILE A 431 3.32 -8.34 -5.13
C ILE A 431 3.98 -7.02 -5.44
N GLY A 432 3.64 -6.39 -6.56
CA GLY A 432 4.17 -5.08 -6.88
C GLY A 432 3.11 -4.00 -6.80
N GLU A 433 2.08 -4.23 -5.99
CA GLU A 433 1.00 -3.26 -5.88
C GLU A 433 1.52 -1.91 -5.39
N THR A 434 2.24 -1.90 -4.26
CA THR A 434 2.73 -0.63 -3.74
C THR A 434 3.67 0.03 -4.73
N ILE A 435 4.54 -0.76 -5.36
CA ILE A 435 5.46 -0.22 -6.35
C ILE A 435 4.67 0.40 -7.51
N ALA A 436 3.65 -0.31 -7.98
CA ALA A 436 2.83 0.22 -9.06
C ALA A 436 2.13 1.51 -8.66
N ARG A 437 1.59 1.56 -7.43
CA ARG A 437 0.84 2.74 -7.01
C ARG A 437 1.76 3.94 -6.79
N TRP A 438 2.97 3.71 -6.29
CA TRP A 438 3.91 4.82 -6.12
C TRP A 438 4.49 5.24 -7.46
N GLU A 439 4.79 4.28 -8.33
CA GLU A 439 5.37 4.62 -9.62
C GLU A 439 4.39 5.38 -10.49
N VAL A 440 3.13 4.94 -10.51
CA VAL A 440 2.13 5.64 -11.31
C VAL A 440 1.90 7.05 -10.76
N PHE A 441 1.86 7.20 -9.44
CA PHE A 441 1.64 8.51 -8.85
C PHE A 441 2.76 9.48 -9.22
N LEU A 442 4.02 9.06 -9.03
CA LEU A 442 5.15 9.96 -9.24
C LEU A 442 5.23 10.42 -10.68
N PHE A 443 5.19 9.49 -11.64
CA PHE A 443 5.28 9.88 -13.04
C PHE A 443 4.27 10.96 -13.37
N LEU A 444 3.00 10.74 -13.01
CA LEU A 444 1.96 11.70 -13.31
C LEU A 444 2.18 13.01 -12.55
N ALA A 445 2.59 12.93 -11.28
CA ALA A 445 2.76 14.15 -10.50
C ALA A 445 3.87 15.03 -11.06
N ILE A 446 5.00 14.42 -11.44
CA ILE A 446 6.12 15.20 -11.98
C ILE A 446 5.76 15.80 -13.33
N LEU A 447 5.06 15.03 -14.17
CA LEU A 447 4.76 15.52 -15.52
C LEU A 447 3.71 16.63 -15.50
N LEU A 448 2.54 16.35 -14.92
CA LEU A 448 1.45 17.31 -14.98
C LEU A 448 1.80 18.62 -14.26
N GLN A 449 2.72 18.56 -13.30
CA GLN A 449 3.20 19.79 -12.67
C GLN A 449 3.86 20.71 -13.67
N ARG A 450 4.49 20.14 -14.69
CA ARG A 450 5.32 20.88 -15.63
C ARG A 450 4.73 21.02 -17.02
N VAL A 451 3.92 20.06 -17.47
CA VAL A 451 3.42 20.05 -18.82
C VAL A 451 1.91 19.84 -18.84
N GLU A 452 1.30 20.18 -19.99
CA GLU A 452 -0.11 19.96 -20.26
C GLU A 452 -0.22 19.07 -21.49
N PHE A 453 -0.93 17.96 -21.36
CA PHE A 453 -1.19 17.07 -22.48
C PHE A 453 -2.53 17.43 -23.10
N SER A 454 -2.64 17.22 -24.41
CA SER A 454 -3.85 17.60 -25.11
C SER A 454 -3.88 16.87 -26.45
N VAL A 455 -5.06 16.89 -27.06
CA VAL A 455 -5.22 16.38 -28.42
C VAL A 455 -6.13 17.36 -29.14
N PRO A 456 -5.82 17.75 -30.37
CA PRO A 456 -6.71 18.69 -31.07
C PRO A 456 -8.05 18.08 -31.39
N LEU A 457 -9.06 18.94 -31.48
CA LEU A 457 -10.37 18.51 -31.94
C LEU A 457 -10.28 17.98 -33.37
N GLY A 458 -11.17 17.05 -33.69
CA GLY A 458 -11.29 16.53 -35.03
C GLY A 458 -10.45 15.33 -35.34
N VAL A 459 -9.70 14.80 -34.38
CA VAL A 459 -8.88 13.61 -34.57
C VAL A 459 -9.51 12.45 -33.81
N LYS A 460 -9.44 11.27 -34.40
CA LYS A 460 -10.04 10.08 -33.78
C LYS A 460 -9.15 9.61 -32.64
N VAL A 461 -9.78 9.35 -31.49
CA VAL A 461 -9.11 8.80 -30.33
C VAL A 461 -10.01 7.64 -29.85
N ASP A 462 -9.68 6.43 -30.27
CA ASP A 462 -10.46 5.25 -29.92
C ASP A 462 -10.13 4.86 -28.47
N MET A 463 -11.08 5.08 -27.57
CA MET A 463 -10.93 4.73 -26.16
C MET A 463 -11.40 3.31 -25.85
N THR A 464 -11.79 2.54 -26.85
CA THR A 464 -12.28 1.19 -26.63
C THR A 464 -11.13 0.27 -26.23
N PRO A 465 -11.24 -0.45 -25.11
CA PRO A 465 -10.17 -1.37 -24.74
C PRO A 465 -10.10 -2.59 -25.65
N ILE A 466 -8.87 -3.05 -25.89
CA ILE A 466 -8.58 -4.25 -26.66
C ILE A 466 -8.27 -5.38 -25.68
N TYR A 467 -9.08 -6.43 -25.71
CA TYR A 467 -9.03 -7.45 -24.67
C TYR A 467 -7.66 -8.11 -24.57
N GLY A 468 -7.37 -8.62 -23.38
CA GLY A 468 -6.10 -9.25 -23.06
C GLY A 468 -5.93 -9.31 -21.56
N LEU A 469 -4.86 -9.99 -21.14
CA LEU A 469 -4.52 -10.00 -19.73
C LEU A 469 -4.39 -8.57 -19.20
N THR A 470 -3.68 -7.72 -19.95
CA THR A 470 -3.69 -6.28 -19.76
C THR A 470 -4.31 -5.69 -21.02
N MET A 471 -5.43 -4.97 -20.85
CA MET A 471 -6.13 -4.40 -21.99
C MET A 471 -5.43 -3.13 -22.45
N LYS A 472 -5.06 -3.09 -23.73
CA LYS A 472 -4.43 -1.95 -24.36
C LYS A 472 -5.50 -1.13 -25.10
N HIS A 473 -5.11 0.05 -25.56
CA HIS A 473 -5.97 0.86 -26.41
C HIS A 473 -5.33 0.97 -27.79
N ALA A 474 -6.13 1.40 -28.76
CA ALA A 474 -5.58 1.70 -30.07
C ALA A 474 -4.55 2.81 -29.93
N CYS A 475 -3.40 2.63 -30.59
CA CYS A 475 -2.34 3.64 -30.51
C CYS A 475 -2.84 4.96 -31.09
N CYS A 476 -2.34 6.05 -30.52
CA CYS A 476 -2.74 7.40 -30.91
C CYS A 476 -1.48 8.20 -31.19
N GLU A 477 -1.35 8.71 -32.41
CA GLU A 477 -0.17 9.49 -32.79
C GLU A 477 -0.40 10.99 -32.70
N HIS A 478 -1.51 11.43 -32.12
CA HIS A 478 -1.90 12.84 -32.19
C HIS A 478 -1.73 13.57 -30.85
N PHE A 479 -0.95 13.02 -29.94
CA PHE A 479 -0.77 13.66 -28.64
C PHE A 479 0.14 14.88 -28.77
N GLN A 480 -0.20 15.92 -28.01
CA GLN A 480 0.60 17.15 -27.97
C GLN A 480 0.85 17.52 -26.51
N MET A 481 2.01 18.12 -26.29
CA MET A 481 2.45 18.50 -24.95
C MET A 481 2.96 19.93 -24.99
N GLN A 482 2.57 20.71 -24.00
CA GLN A 482 2.97 22.11 -23.90
C GLN A 482 3.40 22.38 -22.46
N LEU A 483 4.44 23.20 -22.31
CA LEU A 483 4.85 23.65 -21.00
C LEU A 483 3.76 24.56 -20.41
N ARG A 484 3.77 24.67 -19.09
CA ARG A 484 2.77 25.47 -18.39
C ARG A 484 3.28 26.89 -18.16
N SER A 485 2.34 27.80 -17.88
CA SER A 485 2.66 29.21 -17.63
C SER A 485 3.72 29.35 -16.54
N LEU B 10 12.42 -26.96 9.57
CA LEU B 10 11.43 -27.85 10.19
C LEU B 10 11.99 -29.25 10.46
N LYS B 11 11.48 -29.87 11.52
CA LYS B 11 11.96 -31.16 11.98
C LYS B 11 10.83 -32.19 11.91
N ASN B 12 11.21 -33.47 11.98
CA ASN B 12 10.22 -34.52 12.17
C ASN B 12 9.89 -34.64 13.66
N PRO B 13 8.65 -34.98 14.00
CA PRO B 13 8.28 -35.10 15.42
C PRO B 13 9.09 -36.19 16.09
N PRO B 14 9.52 -35.97 17.34
CA PRO B 14 10.30 -36.99 18.04
C PRO B 14 9.43 -38.15 18.50
N GLY B 15 10.10 -39.23 18.90
CA GLY B 15 9.42 -40.41 19.39
C GLY B 15 10.40 -41.54 19.67
N PRO B 16 9.98 -42.50 20.47
CA PRO B 16 10.88 -43.60 20.84
C PRO B 16 11.07 -44.61 19.71
N TRP B 17 12.12 -45.41 19.86
CA TRP B 17 12.37 -46.49 18.91
C TRP B 17 11.24 -47.49 18.98
N GLY B 18 10.85 -48.02 17.81
CA GLY B 18 9.78 -48.98 17.74
C GLY B 18 10.18 -50.18 16.89
N TRP B 19 9.43 -51.26 17.07
CA TRP B 19 9.69 -52.47 16.30
C TRP B 19 9.40 -52.23 14.82
N PRO B 20 10.20 -52.82 13.92
CA PRO B 20 10.02 -52.51 12.49
C PRO B 20 8.71 -53.01 11.90
N LEU B 21 8.12 -54.09 12.43
CA LEU B 21 6.89 -54.63 11.87
C LEU B 21 5.63 -54.15 12.60
N ILE B 22 5.62 -54.20 13.94
CA ILE B 22 4.44 -53.82 14.71
C ILE B 22 4.53 -52.44 15.32
N GLY B 23 5.70 -51.81 15.30
CA GLY B 23 5.80 -50.47 15.84
C GLY B 23 5.67 -50.48 17.35
N HIS B 24 4.80 -49.61 17.87
CA HIS B 24 4.61 -49.46 19.31
C HIS B 24 3.32 -50.10 19.81
N MET B 25 2.79 -51.08 19.07
CA MET B 25 1.49 -51.65 19.41
C MET B 25 1.49 -52.22 20.82
N LEU B 26 2.60 -52.82 21.25
CA LEU B 26 2.66 -53.41 22.58
C LEU B 26 2.86 -52.37 23.66
N THR B 27 3.54 -51.27 23.34
CA THR B 27 3.71 -50.21 24.33
C THR B 27 2.38 -49.58 24.70
N LEU B 28 1.49 -49.39 23.72
CA LEU B 28 0.17 -48.85 24.01
C LEU B 28 -0.60 -49.80 24.90
N GLY B 29 -0.61 -51.08 24.56
CA GLY B 29 -1.25 -52.08 25.40
C GLY B 29 -2.74 -51.88 25.46
N LYS B 30 -3.29 -52.14 26.65
CA LYS B 30 -4.73 -52.06 26.87
C LYS B 30 -5.21 -50.67 27.23
N ASN B 31 -4.31 -49.76 27.62
CA ASN B 31 -4.68 -48.40 28.03
C ASN B 31 -3.81 -47.38 27.30
N PRO B 32 -4.08 -47.17 26.01
CA PRO B 32 -3.24 -46.25 25.22
C PRO B 32 -3.13 -44.85 25.79
N HIS B 33 -4.21 -44.35 26.39
CA HIS B 33 -4.21 -43.00 26.93
C HIS B 33 -3.17 -42.85 28.04
N LEU B 34 -2.97 -43.92 28.83
CA LEU B 34 -1.97 -43.86 29.90
C LEU B 34 -0.56 -43.97 29.32
N ALA B 35 -0.35 -44.91 28.39
CA ALA B 35 0.97 -45.08 27.80
C ALA B 35 1.42 -43.83 27.08
N LEU B 36 0.54 -43.23 26.29
CA LEU B 36 0.90 -42.03 25.54
C LEU B 36 0.99 -40.81 26.44
N SER B 37 0.36 -40.82 27.62
CA SER B 37 0.55 -39.73 28.56
C SER B 37 1.96 -39.74 29.12
N ARG B 38 2.40 -40.91 29.62
CA ARG B 38 3.78 -41.04 30.06
C ARG B 38 4.73 -40.70 28.93
N MET B 39 4.40 -41.13 27.71
CA MET B 39 5.28 -40.90 26.59
C MET B 39 5.42 -39.40 26.29
N SER B 40 4.33 -38.63 26.46
CA SER B 40 4.41 -37.20 26.23
C SER B 40 5.26 -36.49 27.27
N GLN B 41 5.40 -37.06 28.47
CA GLN B 41 6.28 -36.46 29.47
C GLN B 41 7.72 -36.42 29.00
N GLN B 42 8.11 -37.35 28.13
CA GLN B 42 9.48 -37.39 27.66
C GLN B 42 9.70 -36.68 26.33
N TYR B 43 8.73 -36.75 25.41
CA TYR B 43 8.95 -36.25 24.06
C TYR B 43 8.15 -35.00 23.73
N GLY B 44 7.16 -34.64 24.52
CA GLY B 44 6.48 -33.36 24.36
C GLY B 44 5.09 -33.50 23.76
N ASP B 45 4.54 -32.34 23.40
CA ASP B 45 3.16 -32.23 22.94
C ASP B 45 2.95 -32.77 21.54
N VAL B 46 4.01 -32.86 20.73
CA VAL B 46 3.93 -33.40 19.38
C VAL B 46 4.93 -34.53 19.29
N LEU B 47 4.44 -35.77 19.19
CA LEU B 47 5.31 -36.94 19.12
C LEU B 47 4.77 -37.91 18.09
N GLN B 48 5.59 -38.89 17.74
CA GLN B 48 5.30 -39.79 16.63
C GLN B 48 5.50 -41.22 17.08
N ILE B 49 4.60 -42.09 16.64
CA ILE B 49 4.69 -43.52 16.91
C ILE B 49 4.33 -44.27 15.65
N ARG B 50 4.26 -45.60 15.75
CA ARG B 50 3.80 -46.42 14.65
C ARG B 50 2.92 -47.50 15.25
N ILE B 51 1.80 -47.77 14.60
CA ILE B 51 0.99 -48.94 14.88
C ILE B 51 1.05 -49.78 13.62
N GLY B 52 1.72 -50.92 13.69
CA GLY B 52 2.07 -51.68 12.51
C GLY B 52 3.11 -50.92 11.71
N SER B 53 2.80 -50.59 10.47
CA SER B 53 3.68 -49.79 9.65
C SER B 53 3.14 -48.38 9.45
N THR B 54 2.08 -48.03 10.15
CA THR B 54 1.41 -46.77 9.95
C THR B 54 1.91 -45.76 10.97
N PRO B 55 2.49 -44.64 10.52
CA PRO B 55 2.87 -43.61 11.49
C PRO B 55 1.65 -42.89 12.02
N VAL B 56 1.76 -42.45 13.25
CA VAL B 56 0.69 -41.75 13.91
C VAL B 56 1.33 -40.67 14.76
N VAL B 57 0.80 -39.46 14.67
CA VAL B 57 1.22 -38.34 15.49
C VAL B 57 0.22 -38.19 16.62
N VAL B 58 0.71 -38.08 17.84
CA VAL B 58 -0.12 -37.96 19.03
C VAL B 58 0.07 -36.56 19.60
N LEU B 59 -1.04 -35.84 19.78
CA LEU B 59 -1.03 -34.47 20.24
C LEU B 59 -1.45 -34.39 21.70
N SER B 60 -0.69 -33.63 22.48
CA SER B 60 -0.96 -33.41 23.90
C SER B 60 -0.90 -31.93 24.19
N GLY B 61 -1.11 -31.57 25.45
CA GLY B 61 -1.00 -30.19 25.86
C GLY B 61 -2.17 -29.33 25.42
N LEU B 62 -2.58 -28.42 26.31
CA LEU B 62 -3.79 -27.62 26.08
C LEU B 62 -3.58 -26.58 24.99
N ASP B 63 -2.43 -25.92 24.96
CA ASP B 63 -2.22 -24.92 23.91
C ASP B 63 -1.89 -25.57 22.58
N THR B 64 -1.05 -26.61 22.58
CA THR B 64 -0.66 -27.23 21.34
C THR B 64 -1.86 -27.81 20.60
N ILE B 65 -2.82 -28.35 21.34
CA ILE B 65 -3.99 -28.93 20.69
C ILE B 65 -4.88 -27.82 20.14
N ARG B 66 -5.06 -26.73 20.90
CA ARG B 66 -5.80 -25.59 20.36
C ARG B 66 -5.11 -25.01 19.13
N GLN B 67 -3.77 -25.04 19.11
CA GLN B 67 -3.04 -24.56 17.94
C GLN B 67 -3.39 -25.36 16.69
N ALA B 68 -3.58 -26.66 16.84
CA ALA B 68 -3.79 -27.54 15.70
C ALA B 68 -5.27 -27.63 15.30
N LEU B 69 -6.14 -27.87 16.27
CA LEU B 69 -7.53 -28.10 15.93
C LEU B 69 -8.28 -26.81 15.66
N VAL B 70 -7.86 -25.70 16.28
CA VAL B 70 -8.55 -24.43 16.15
C VAL B 70 -7.78 -23.51 15.21
N ARG B 71 -6.60 -23.06 15.64
CA ARG B 71 -5.86 -22.06 14.88
C ARG B 71 -5.44 -22.58 13.50
N GLN B 72 -5.21 -23.88 13.37
CA GLN B 72 -4.94 -24.54 12.09
C GLN B 72 -6.00 -25.59 11.76
N GLY B 73 -7.25 -25.29 12.13
CA GLY B 73 -8.28 -26.32 12.10
C GLY B 73 -8.45 -27.00 10.76
N ASP B 74 -8.42 -26.23 9.68
CA ASP B 74 -8.63 -26.82 8.37
C ASP B 74 -7.53 -27.81 8.01
N ASP B 75 -6.37 -27.72 8.68
CA ASP B 75 -5.28 -28.65 8.43
C ASP B 75 -5.49 -30.00 9.12
N PHE B 76 -6.27 -30.04 10.20
CA PHE B 76 -6.42 -31.22 11.03
C PHE B 76 -7.86 -31.70 11.13
N LYS B 77 -8.67 -31.45 10.11
CA LYS B 77 -10.10 -31.75 10.18
C LYS B 77 -10.46 -33.09 9.56
N GLY B 78 -9.49 -33.86 9.11
CA GLY B 78 -9.80 -35.07 8.37
C GLY B 78 -9.91 -36.30 9.26
N ARG B 79 -10.44 -37.37 8.65
CA ARG B 79 -10.49 -38.66 9.28
C ARG B 79 -9.64 -39.66 8.51
N PRO B 80 -8.83 -40.47 9.18
CA PRO B 80 -8.10 -41.51 8.46
C PRO B 80 -9.06 -42.56 7.92
N ASP B 81 -8.66 -43.17 6.80
CA ASP B 81 -9.49 -44.19 6.15
C ASP B 81 -9.18 -45.55 6.79
N LEU B 82 -9.68 -45.71 8.01
CA LEU B 82 -9.50 -46.94 8.76
C LEU B 82 -10.59 -47.94 8.41
N TYR B 83 -10.25 -49.22 8.56
CA TYR B 83 -11.19 -50.28 8.18
C TYR B 83 -12.43 -50.27 9.06
N THR B 84 -12.26 -50.18 10.38
CA THR B 84 -13.43 -50.23 11.25
C THR B 84 -14.42 -49.13 10.91
N PHE B 85 -13.95 -47.98 10.40
CA PHE B 85 -14.86 -46.89 10.07
C PHE B 85 -15.70 -47.20 8.84
N THR B 86 -15.20 -48.05 7.92
CA THR B 86 -15.99 -48.42 6.75
C THR B 86 -17.18 -49.29 7.10
N LEU B 87 -17.23 -49.82 8.33
CA LEU B 87 -18.34 -50.65 8.77
C LEU B 87 -19.46 -49.86 9.44
N ILE B 88 -19.27 -48.56 9.64
CA ILE B 88 -20.24 -47.72 10.34
C ILE B 88 -21.09 -46.98 9.31
N SER B 89 -22.41 -47.05 9.48
CA SER B 89 -23.37 -46.35 8.62
C SER B 89 -23.11 -46.67 7.14
N ASN B 90 -22.90 -47.96 6.86
CA ASN B 90 -22.74 -48.43 5.49
C ASN B 90 -21.58 -47.70 4.81
N GLY B 91 -20.54 -47.40 5.57
CA GLY B 91 -19.38 -46.72 5.04
C GLY B 91 -19.62 -45.29 4.62
N GLN B 92 -20.75 -44.71 4.99
CA GLN B 92 -21.10 -43.35 4.60
C GLN B 92 -21.43 -42.52 5.83
N SER B 93 -20.68 -42.72 6.90
CA SER B 93 -20.93 -41.99 8.13
C SER B 93 -20.42 -40.56 8.01
N MET B 94 -21.26 -39.61 8.43
CA MET B 94 -20.83 -38.22 8.46
C MET B 94 -19.59 -38.05 9.32
N SER B 95 -19.56 -38.70 10.48
CA SER B 95 -18.51 -38.46 11.46
C SER B 95 -17.27 -39.32 11.26
N PHE B 96 -17.40 -40.48 10.61
CA PHE B 96 -16.29 -41.42 10.52
C PHE B 96 -15.73 -41.64 9.11
N SER B 97 -16.46 -41.29 8.05
CA SER B 97 -15.92 -41.50 6.70
C SER B 97 -14.72 -40.59 6.47
N PRO B 98 -13.90 -40.87 5.47
CA PRO B 98 -12.74 -40.01 5.18
C PRO B 98 -13.12 -38.67 4.57
N ASP B 99 -14.40 -38.46 4.27
CA ASP B 99 -14.85 -37.21 3.68
C ASP B 99 -14.81 -36.08 4.71
N SER B 100 -13.99 -35.07 4.45
CA SER B 100 -13.96 -33.86 5.27
C SER B 100 -14.10 -32.62 4.39
N GLY B 101 -14.57 -32.79 3.15
CA GLY B 101 -14.72 -31.72 2.20
C GLY B 101 -16.05 -31.00 2.29
N PRO B 102 -16.52 -30.46 1.16
CA PRO B 102 -17.77 -29.68 1.22
C PRO B 102 -19.00 -30.54 1.52
N VAL B 103 -19.02 -31.80 1.11
CA VAL B 103 -20.17 -32.65 1.43
C VAL B 103 -20.29 -32.81 2.94
N TRP B 104 -19.17 -33.08 3.61
CA TRP B 104 -19.19 -33.23 5.06
C TRP B 104 -19.66 -31.94 5.74
N ALA B 105 -19.11 -30.80 5.32
CA ALA B 105 -19.49 -29.55 5.95
C ALA B 105 -20.98 -29.28 5.78
N ALA B 106 -21.55 -29.64 4.64
CA ALA B 106 -22.99 -29.47 4.44
C ALA B 106 -23.79 -30.38 5.37
N ARG B 107 -23.35 -31.64 5.52
CA ARG B 107 -24.05 -32.57 6.40
C ARG B 107 -23.96 -32.11 7.84
N ARG B 108 -22.79 -31.62 8.26
CA ARG B 108 -22.64 -31.16 9.63
C ARG B 108 -23.58 -29.99 9.91
N ARG B 109 -23.79 -29.12 8.91
CA ARG B 109 -24.69 -27.98 9.12
C ARG B 109 -26.14 -28.45 9.25
N LEU B 110 -26.52 -29.46 8.47
CA LEU B 110 -27.86 -30.04 8.59
C LEU B 110 -28.06 -30.66 9.97
N ALA B 111 -27.03 -31.29 10.52
CA ALA B 111 -27.13 -31.90 11.84
C ALA B 111 -27.24 -30.83 12.91
N GLN B 112 -26.43 -29.78 12.83
CA GLN B 112 -26.49 -28.71 13.81
C GLN B 112 -27.87 -28.07 13.85
N ASN B 113 -28.43 -27.76 12.69
CA ASN B 113 -29.73 -27.10 12.65
C ASN B 113 -30.84 -28.05 13.09
N GLY B 114 -30.75 -29.33 12.72
CA GLY B 114 -31.72 -30.29 13.19
C GLY B 114 -31.72 -30.42 14.71
N LEU B 115 -30.53 -30.48 15.31
CA LEU B 115 -30.45 -30.54 16.76
C LEU B 115 -31.01 -29.28 17.38
N LYS B 116 -30.56 -28.11 16.90
CA LYS B 116 -31.02 -26.86 17.47
C LYS B 116 -32.53 -26.76 17.40
N SER B 117 -33.10 -27.16 16.25
CA SER B 117 -34.54 -26.97 16.04
C SER B 117 -35.37 -27.78 17.01
N PHE B 118 -34.90 -28.96 17.41
CA PHE B 118 -35.71 -29.88 18.21
C PHE B 118 -35.11 -30.17 19.58
N SER B 119 -34.21 -29.32 20.06
CA SER B 119 -33.69 -29.46 21.41
C SER B 119 -33.78 -28.13 22.16
N ILE B 120 -33.20 -27.07 21.57
CA ILE B 120 -33.15 -25.77 22.22
C ILE B 120 -34.34 -24.89 21.90
N ALA B 121 -35.00 -25.10 20.76
CA ALA B 121 -36.15 -24.28 20.40
C ALA B 121 -37.29 -24.54 21.39
N SER B 122 -38.17 -23.54 21.51
CA SER B 122 -39.28 -23.66 22.45
C SER B 122 -40.33 -24.62 21.91
N ASP B 123 -40.76 -25.54 22.76
CA ASP B 123 -41.81 -26.48 22.40
C ASP B 123 -43.14 -25.75 22.36
N PRO B 124 -43.94 -25.91 21.31
CA PRO B 124 -45.26 -25.27 21.31
C PRO B 124 -46.14 -25.75 22.46
N ALA B 125 -45.90 -26.94 23.00
CA ALA B 125 -46.67 -27.50 24.09
C ALA B 125 -46.28 -26.94 25.46
N SER B 126 -45.51 -25.85 25.50
CA SER B 126 -45.12 -25.22 26.75
C SER B 126 -44.43 -23.90 26.43
N SER B 127 -44.65 -22.91 27.27
CA SER B 127 -43.98 -21.62 27.12
C SER B 127 -42.74 -21.48 28.00
N THR B 128 -42.73 -22.13 29.15
CA THR B 128 -41.63 -21.98 30.10
C THR B 128 -40.37 -22.72 29.66
N SER B 129 -40.53 -23.87 29.00
CA SER B 129 -39.43 -24.77 28.74
C SER B 129 -39.26 -25.04 27.25
N CYS B 130 -38.13 -25.66 26.92
CA CYS B 130 -37.80 -26.04 25.56
C CYS B 130 -38.06 -27.53 25.35
N TYR B 131 -37.77 -28.00 24.13
CA TYR B 131 -37.99 -29.41 23.82
C TYR B 131 -37.20 -30.30 24.77
N LEU B 132 -35.90 -30.04 24.93
CA LEU B 132 -35.04 -30.91 25.73
C LEU B 132 -35.50 -30.97 27.18
N GLU B 133 -35.75 -29.82 27.79
CA GLU B 133 -36.20 -29.81 29.19
C GLU B 133 -37.52 -30.57 29.32
N GLU B 134 -38.39 -30.51 28.31
CA GLU B 134 -39.64 -31.23 28.38
C GLU B 134 -39.39 -32.74 28.39
N HIS B 135 -38.49 -33.21 27.53
CA HIS B 135 -38.21 -34.64 27.42
C HIS B 135 -37.46 -35.17 28.64
N VAL B 136 -36.46 -34.43 29.11
CA VAL B 136 -35.67 -34.90 30.24
C VAL B 136 -36.53 -34.97 31.50
N SER B 137 -37.44 -34.01 31.67
CA SER B 137 -38.30 -34.02 32.85
C SER B 137 -39.21 -35.24 32.84
N LYS B 138 -39.82 -35.55 31.69
CA LYS B 138 -40.70 -36.70 31.62
C LYS B 138 -39.95 -38.00 31.90
N GLU B 139 -38.76 -38.16 31.29
CA GLU B 139 -38.02 -39.40 31.46
C GLU B 139 -37.40 -39.51 32.84
N ALA B 140 -37.04 -38.38 33.46
CA ALA B 140 -36.55 -38.41 34.83
C ALA B 140 -37.62 -38.93 35.79
N GLU B 141 -38.89 -38.59 35.54
CA GLU B 141 -39.97 -39.08 36.39
C GLU B 141 -40.14 -40.59 36.22
N VAL B 142 -40.23 -41.05 34.97
CA VAL B 142 -40.37 -42.48 34.71
C VAL B 142 -39.20 -43.23 35.33
N LEU B 143 -38.00 -42.64 35.29
CA LEU B 143 -36.84 -43.30 35.85
C LEU B 143 -36.97 -43.45 37.36
N ILE B 144 -37.46 -42.41 38.05
CA ILE B 144 -37.66 -42.51 39.48
C ILE B 144 -38.69 -43.59 39.80
N SER B 145 -39.82 -43.57 39.09
CA SER B 145 -40.86 -44.57 39.31
C SER B 145 -40.32 -45.97 39.05
N THR B 146 -39.54 -46.14 37.98
CA THR B 146 -39.01 -47.46 37.64
C THR B 146 -38.07 -47.96 38.74
N LEU B 147 -37.31 -47.05 39.36
CA LEU B 147 -36.38 -47.47 40.41
C LEU B 147 -37.11 -47.76 41.72
N GLN B 148 -38.22 -47.07 41.99
CA GLN B 148 -39.03 -47.41 43.14
C GLN B 148 -39.58 -48.83 43.02
N GLU B 149 -39.98 -49.23 41.80
CA GLU B 149 -40.45 -50.58 41.60
C GLU B 149 -39.37 -51.60 41.92
N LEU B 150 -38.13 -51.33 41.52
CA LEU B 150 -37.05 -52.27 41.75
C LEU B 150 -36.64 -52.34 43.21
N MET B 151 -36.73 -51.23 43.94
CA MET B 151 -36.38 -51.28 45.35
C MET B 151 -37.40 -52.07 46.16
N ALA B 152 -38.64 -52.14 45.66
CA ALA B 152 -39.66 -52.94 46.32
C ALA B 152 -39.49 -54.42 46.03
N GLY B 153 -38.97 -54.77 44.87
CA GLY B 153 -38.77 -56.14 44.50
C GLY B 153 -37.42 -56.66 44.95
N PRO B 154 -36.45 -56.72 44.01
CA PRO B 154 -35.11 -57.23 44.38
C PRO B 154 -34.42 -56.44 45.47
N GLY B 155 -34.68 -55.15 45.61
CA GLY B 155 -33.99 -54.32 46.57
C GLY B 155 -32.67 -53.75 46.10
N HIS B 156 -32.18 -54.16 44.92
CA HIS B 156 -30.96 -53.61 44.34
C HIS B 156 -31.12 -53.69 42.83
N PHE B 157 -30.28 -52.94 42.11
CA PHE B 157 -30.44 -52.86 40.67
C PHE B 157 -29.14 -52.44 40.01
N ASN B 158 -29.09 -52.65 38.69
CA ASN B 158 -28.00 -52.18 37.85
C ASN B 158 -28.44 -50.86 37.23
N PRO B 159 -27.83 -49.73 37.56
CA PRO B 159 -28.36 -48.45 37.06
C PRO B 159 -28.28 -48.32 35.55
N TYR B 160 -27.21 -48.82 34.93
CA TYR B 160 -27.06 -48.66 33.48
C TYR B 160 -28.24 -49.27 32.74
N ARG B 161 -28.73 -50.42 33.22
CA ARG B 161 -29.85 -51.09 32.57
C ARG B 161 -31.05 -50.17 32.38
N TYR B 162 -31.28 -49.25 33.33
CA TYR B 162 -32.44 -48.37 33.30
C TYR B 162 -32.11 -46.94 32.95
N VAL B 163 -30.88 -46.50 33.19
CA VAL B 163 -30.47 -45.17 32.75
C VAL B 163 -30.36 -45.11 31.24
N VAL B 164 -29.91 -46.21 30.61
CA VAL B 164 -29.71 -46.22 29.17
C VAL B 164 -31.04 -46.05 28.44
N VAL B 165 -32.14 -46.50 29.04
CA VAL B 165 -33.45 -46.36 28.42
C VAL B 165 -33.96 -44.92 28.54
N SER B 166 -33.84 -44.33 29.73
CA SER B 166 -34.27 -42.95 29.91
C SER B 166 -33.51 -42.00 29.00
N VAL B 167 -32.18 -42.17 28.92
CA VAL B 167 -31.38 -41.28 28.08
C VAL B 167 -31.67 -41.52 26.61
N THR B 168 -31.91 -42.77 26.21
CA THR B 168 -32.20 -43.05 24.81
C THR B 168 -33.54 -42.45 24.40
N ASN B 169 -34.55 -42.49 25.28
CA ASN B 169 -35.86 -41.92 24.97
C ASN B 169 -35.78 -40.42 24.70
N VAL B 170 -34.83 -39.73 25.32
CA VAL B 170 -34.67 -38.30 25.08
C VAL B 170 -34.16 -38.06 23.66
N ILE B 171 -33.02 -38.67 23.32
CA ILE B 171 -32.47 -38.49 21.98
C ILE B 171 -33.37 -39.17 20.95
N CYS B 172 -34.11 -40.21 21.36
CA CYS B 172 -35.02 -40.85 20.44
C CYS B 172 -36.23 -39.97 20.14
N ALA B 173 -36.64 -39.13 21.11
CA ALA B 173 -37.72 -38.18 20.83
C ALA B 173 -37.25 -37.06 19.91
N ILE B 174 -35.98 -36.67 20.03
CA ILE B 174 -35.44 -35.60 19.19
C ILE B 174 -35.23 -36.06 17.77
N CYS B 175 -34.95 -37.35 17.56
CA CYS B 175 -34.63 -37.88 16.25
C CYS B 175 -35.82 -38.56 15.57
N PHE B 176 -36.68 -39.22 16.34
CA PHE B 176 -37.74 -40.01 15.76
C PHE B 176 -39.12 -39.75 16.35
N GLY B 177 -39.25 -38.81 17.29
CA GLY B 177 -40.54 -38.48 17.89
C GLY B 177 -41.20 -39.65 18.57
N ARG B 178 -40.42 -40.50 19.21
CA ARG B 178 -40.92 -41.73 19.82
C ARG B 178 -40.16 -41.99 21.10
N ARG B 179 -40.84 -42.65 22.04
CA ARG B 179 -40.21 -43.15 23.26
C ARG B 179 -40.60 -44.61 23.43
N TYR B 180 -39.88 -45.30 24.32
CA TYR B 180 -40.07 -46.72 24.52
C TYR B 180 -40.23 -47.04 26.01
N ASP B 181 -40.86 -48.17 26.29
CA ASP B 181 -41.00 -48.66 27.65
C ASP B 181 -39.69 -49.27 28.12
N HIS B 182 -39.47 -49.23 29.43
CA HIS B 182 -38.24 -49.76 29.99
C HIS B 182 -38.06 -51.26 29.78
N ASN B 183 -39.08 -51.95 29.26
CA ASN B 183 -38.98 -53.37 28.97
C ASN B 183 -39.20 -53.69 27.49
N HIS B 184 -39.24 -52.68 26.63
CA HIS B 184 -39.37 -52.91 25.20
C HIS B 184 -38.16 -53.72 24.70
N GLN B 185 -38.44 -54.86 24.06
CA GLN B 185 -37.36 -55.75 23.67
C GLN B 185 -36.58 -55.25 22.46
N GLU B 186 -37.23 -54.56 21.53
CA GLU B 186 -36.51 -54.05 20.36
C GLU B 186 -35.46 -53.04 20.79
N LEU B 187 -35.85 -52.08 21.64
CA LEU B 187 -34.91 -51.05 22.07
C LEU B 187 -33.77 -51.65 22.89
N LEU B 188 -34.11 -52.39 23.94
CA LEU B 188 -33.06 -53.02 24.75
C LEU B 188 -32.15 -53.90 23.91
N SER B 189 -32.71 -54.57 22.90
CA SER B 189 -31.88 -55.35 21.99
C SER B 189 -30.95 -54.48 21.15
N LEU B 190 -31.21 -53.17 21.09
CA LEU B 190 -30.44 -52.23 20.29
C LEU B 190 -29.39 -51.49 21.09
N VAL B 191 -29.74 -51.04 22.30
CA VAL B 191 -28.86 -50.19 23.10
C VAL B 191 -28.26 -50.88 24.31
N ASN B 192 -28.68 -52.11 24.63
CA ASN B 192 -28.21 -52.80 25.82
C ASN B 192 -28.00 -54.28 25.56
N LEU B 193 -27.53 -54.63 24.37
CA LEU B 193 -27.23 -56.02 24.02
C LEU B 193 -25.98 -56.05 23.18
N ASN B 194 -24.86 -56.47 23.77
CA ASN B 194 -23.60 -56.62 23.06
C ASN B 194 -23.22 -55.34 22.32
N ASN B 195 -23.02 -54.28 23.11
CA ASN B 195 -22.66 -52.97 22.57
C ASN B 195 -21.18 -52.74 22.83
N ASN B 196 -20.35 -53.20 21.89
CA ASN B 196 -18.91 -52.99 21.92
C ASN B 196 -18.47 -51.92 20.93
N PHE B 197 -19.38 -51.01 20.58
CA PHE B 197 -19.03 -49.97 19.61
C PHE B 197 -17.81 -49.19 20.05
N GLY B 198 -17.79 -48.74 21.31
CA GLY B 198 -16.67 -47.96 21.79
C GLY B 198 -15.39 -48.77 21.86
N GLU B 199 -15.49 -50.05 22.21
CA GLU B 199 -14.29 -50.85 22.37
C GLU B 199 -13.58 -51.05 21.04
N VAL B 200 -14.33 -51.14 19.94
CA VAL B 200 -13.73 -51.38 18.64
C VAL B 200 -13.25 -50.08 17.99
N VAL B 201 -13.96 -48.98 18.21
CA VAL B 201 -13.63 -47.70 17.58
C VAL B 201 -12.57 -46.90 18.32
N GLY B 202 -12.25 -47.27 19.56
CA GLY B 202 -11.20 -46.61 20.30
C GLY B 202 -9.86 -46.53 19.60
N SER B 203 -9.22 -45.35 19.63
CA SER B 203 -7.97 -45.13 18.94
C SER B 203 -6.94 -46.20 19.28
N GLY B 204 -6.35 -46.77 18.24
CA GLY B 204 -5.33 -47.79 18.39
C GLY B 204 -5.77 -49.21 18.19
N ASN B 205 -6.99 -49.43 17.70
CA ASN B 205 -7.47 -50.78 17.48
C ASN B 205 -6.49 -51.49 16.54
N PRO B 206 -5.83 -52.56 16.97
CA PRO B 206 -4.86 -53.20 16.08
C PRO B 206 -5.46 -53.63 14.76
N ALA B 207 -6.74 -53.96 14.73
CA ALA B 207 -7.36 -54.45 13.49
C ALA B 207 -7.29 -53.40 12.39
N ASP B 208 -7.22 -52.12 12.74
CA ASP B 208 -7.14 -51.06 11.75
C ASP B 208 -5.75 -50.94 11.15
N PHE B 209 -4.72 -51.47 11.81
CA PHE B 209 -3.34 -51.32 11.35
C PHE B 209 -2.62 -52.63 11.11
N ILE B 210 -3.16 -53.77 11.57
CA ILE B 210 -2.60 -55.08 11.28
C ILE B 210 -3.58 -55.79 10.37
N PRO B 211 -3.37 -55.80 9.05
CA PRO B 211 -4.42 -56.28 8.14
C PRO B 211 -4.85 -57.71 8.37
N ILE B 212 -3.99 -58.58 8.88
CA ILE B 212 -4.37 -59.99 9.00
C ILE B 212 -5.40 -60.19 10.09
N LEU B 213 -5.41 -59.31 11.11
CA LEU B 213 -6.40 -59.45 12.17
C LEU B 213 -7.82 -59.24 11.67
N ARG B 214 -7.99 -58.56 10.53
CA ARG B 214 -9.33 -58.33 10.01
C ARG B 214 -9.95 -59.60 9.46
N TYR B 215 -9.12 -60.57 9.02
CA TYR B 215 -9.60 -61.77 8.36
C TYR B 215 -9.52 -63.03 9.22
N LEU B 216 -8.86 -62.98 10.36
CA LEU B 216 -8.83 -64.13 11.27
C LEU B 216 -10.08 -64.15 12.13
N PRO B 217 -10.35 -65.28 12.79
CA PRO B 217 -11.49 -65.34 13.72
C PRO B 217 -11.46 -64.23 14.75
N ASN B 218 -12.42 -63.31 14.67
CA ASN B 218 -12.45 -62.12 15.51
C ASN B 218 -13.85 -61.96 16.09
N PRO B 219 -14.09 -62.46 17.31
CA PRO B 219 -15.43 -62.27 17.90
C PRO B 219 -15.80 -60.82 18.10
N SER B 220 -14.85 -59.99 18.53
CA SER B 220 -15.14 -58.57 18.73
C SER B 220 -15.58 -57.89 17.44
N LEU B 221 -14.89 -58.19 16.34
CA LEU B 221 -15.18 -57.51 15.08
C LEU B 221 -16.47 -58.02 14.44
N ASN B 222 -16.82 -59.30 14.63
CA ASN B 222 -18.10 -59.78 14.12
C ASN B 222 -19.26 -59.15 14.86
N ALA B 223 -19.17 -59.06 16.19
CA ALA B 223 -20.20 -58.36 16.94
C ALA B 223 -20.33 -56.91 16.49
N PHE B 224 -19.23 -56.31 16.05
CA PHE B 224 -19.26 -54.93 15.59
C PHE B 224 -19.97 -54.82 14.24
N LYS B 225 -19.75 -55.79 13.35
CA LYS B 225 -20.46 -55.82 12.08
C LYS B 225 -21.96 -56.00 12.29
N ASP B 226 -22.33 -56.95 13.15
CA ASP B 226 -23.75 -57.18 13.41
C ASP B 226 -24.39 -55.98 14.09
N LEU B 227 -23.64 -55.29 14.96
CA LEU B 227 -24.21 -54.14 15.68
C LEU B 227 -24.58 -53.03 14.72
N ASN B 228 -23.72 -52.74 13.74
CA ASN B 228 -24.00 -51.65 12.81
C ASN B 228 -25.12 -52.00 11.85
N GLU B 229 -25.21 -53.26 11.43
CA GLU B 229 -26.36 -53.68 10.63
C GLU B 229 -27.66 -53.53 11.42
N LYS B 230 -27.63 -53.81 12.73
CA LYS B 230 -28.83 -53.59 13.54
C LYS B 230 -29.22 -52.12 13.56
N PHE B 231 -28.25 -51.24 13.78
CA PHE B 231 -28.57 -49.81 13.86
C PHE B 231 -29.01 -49.28 12.51
N TYR B 232 -28.40 -49.74 11.43
CA TYR B 232 -28.79 -49.22 10.11
C TYR B 232 -30.18 -49.72 9.73
N SER B 233 -30.51 -50.97 10.07
CA SER B 233 -31.85 -51.48 9.81
C SER B 233 -32.88 -50.72 10.63
N PHE B 234 -32.56 -50.45 11.90
CA PHE B 234 -33.48 -49.67 12.73
C PHE B 234 -33.72 -48.28 12.13
N MET B 235 -32.65 -47.64 11.63
CA MET B 235 -32.81 -46.36 10.96
C MET B 235 -33.76 -46.47 9.77
N GLN B 236 -33.56 -47.47 8.91
CA GLN B 236 -34.42 -47.64 7.75
C GLN B 236 -35.87 -47.78 8.18
N LYS B 237 -36.14 -48.65 9.16
CA LYS B 237 -37.50 -48.81 9.66
C LYS B 237 -38.10 -47.48 10.06
N MET B 238 -37.33 -46.65 10.78
CA MET B 238 -37.88 -45.39 11.28
C MET B 238 -38.03 -44.34 10.19
N VAL B 239 -37.21 -44.42 9.13
CA VAL B 239 -37.29 -43.46 8.05
C VAL B 239 -38.46 -43.78 7.12
N LYS B 240 -38.70 -45.07 6.87
CA LYS B 240 -39.88 -45.47 6.10
C LYS B 240 -41.15 -45.05 6.85
N GLU B 241 -41.22 -45.33 8.15
CA GLU B 241 -42.40 -44.95 8.93
C GLU B 241 -42.64 -43.44 8.86
N HIS B 242 -41.56 -42.65 8.81
CA HIS B 242 -41.75 -41.20 8.77
C HIS B 242 -42.24 -40.74 7.40
N TYR B 243 -41.77 -41.40 6.33
CA TYR B 243 -42.24 -41.03 4.99
C TYR B 243 -43.72 -41.32 4.82
N LYS B 244 -44.18 -42.48 5.31
CA LYS B 244 -45.59 -42.84 5.17
C LYS B 244 -46.50 -41.85 5.87
N THR B 245 -46.05 -41.27 6.98
CA THR B 245 -46.87 -40.38 7.80
C THR B 245 -46.37 -38.94 7.78
N PHE B 246 -45.70 -38.55 6.70
CA PHE B 246 -45.08 -37.23 6.61
C PHE B 246 -46.17 -36.21 6.32
N GLU B 247 -46.19 -35.14 7.11
CA GLU B 247 -47.11 -34.02 6.89
C GLU B 247 -46.28 -32.81 6.48
N LYS B 248 -46.58 -32.27 5.29
CA LYS B 248 -45.70 -31.32 4.62
C LYS B 248 -45.44 -30.08 5.47
N GLY B 249 -46.44 -29.61 6.21
CA GLY B 249 -46.30 -28.43 7.01
C GLY B 249 -46.01 -28.65 8.47
N HIS B 250 -45.78 -29.90 8.90
CA HIS B 250 -45.60 -30.24 10.32
C HIS B 250 -44.36 -31.11 10.49
N ILE B 251 -43.22 -30.47 10.70
CA ILE B 251 -41.95 -31.17 10.92
C ILE B 251 -41.85 -31.56 12.39
N ARG B 252 -41.84 -32.87 12.65
CA ARG B 252 -41.95 -33.39 14.01
C ARG B 252 -40.62 -33.63 14.70
N ASP B 253 -39.57 -33.92 13.94
CA ASP B 253 -38.29 -34.33 14.51
C ASP B 253 -37.21 -34.16 13.45
N ILE B 254 -35.99 -34.54 13.79
CA ILE B 254 -34.86 -34.35 12.89
C ILE B 254 -35.04 -35.18 11.63
N THR B 255 -35.64 -36.37 11.75
CA THR B 255 -35.88 -37.21 10.58
C THR B 255 -36.76 -36.48 9.56
N ASP B 256 -37.77 -35.74 10.04
CA ASP B 256 -38.64 -35.00 9.13
C ASP B 256 -37.88 -33.88 8.44
N SER B 257 -37.08 -33.11 9.19
CA SER B 257 -36.34 -32.01 8.58
C SER B 257 -35.33 -32.52 7.55
N LEU B 258 -34.87 -33.76 7.69
CA LEU B 258 -33.96 -34.34 6.70
C LEU B 258 -34.72 -34.91 5.51
N ILE B 259 -35.87 -35.52 5.76
CA ILE B 259 -36.76 -35.89 4.66
C ILE B 259 -37.19 -34.64 3.90
N GLU B 260 -37.51 -33.56 4.63
CA GLU B 260 -37.89 -32.31 3.99
C GLU B 260 -36.77 -31.80 3.07
N HIS B 261 -35.51 -31.97 3.48
CA HIS B 261 -34.40 -31.47 2.67
C HIS B 261 -34.15 -32.33 1.43
N CYS B 262 -34.45 -33.63 1.50
CA CYS B 262 -34.31 -34.47 0.32
C CYS B 262 -35.33 -34.14 -0.76
N GLN B 263 -36.50 -33.64 -0.36
CA GLN B 263 -37.53 -33.25 -1.31
C GLN B 263 -37.20 -31.92 -1.98
N GLU B 264 -36.75 -30.93 -1.22
CA GLU B 264 -36.43 -29.64 -1.81
C GLU B 264 -35.27 -29.72 -2.78
N LYS B 265 -34.48 -30.79 -2.75
CA LYS B 265 -33.39 -30.94 -3.72
C LYS B 265 -33.82 -31.69 -4.97
N GLN B 266 -35.03 -32.26 -5.00
CA GLN B 266 -35.60 -32.78 -6.23
C GLN B 266 -36.01 -31.67 -7.19
N LEU B 267 -36.15 -30.44 -6.69
CA LEU B 267 -36.56 -29.30 -7.50
C LEU B 267 -35.38 -28.56 -8.13
N ASP B 268 -34.25 -29.23 -8.30
CA ASP B 268 -33.08 -28.66 -8.97
C ASP B 268 -32.54 -29.69 -9.93
N GLU B 269 -32.37 -29.30 -11.20
CA GLU B 269 -31.64 -30.15 -12.13
C GLU B 269 -30.14 -30.07 -11.88
N ASN B 270 -29.66 -28.90 -11.44
CA ASN B 270 -28.28 -28.74 -10.98
C ASN B 270 -28.15 -29.18 -9.53
N ALA B 271 -28.61 -30.38 -9.24
CA ALA B 271 -28.56 -30.93 -7.89
C ALA B 271 -27.28 -31.74 -7.74
N ASN B 272 -26.51 -31.42 -6.72
CA ASN B 272 -25.25 -32.12 -6.51
C ASN B 272 -25.53 -33.58 -6.14
N VAL B 273 -24.90 -34.50 -6.86
CA VAL B 273 -25.13 -35.92 -6.60
C VAL B 273 -24.27 -36.45 -5.47
N GLN B 274 -23.15 -35.79 -5.15
CA GLN B 274 -22.25 -36.27 -4.10
C GLN B 274 -22.95 -36.32 -2.75
N LEU B 275 -23.83 -35.35 -2.48
CA LEU B 275 -24.62 -35.33 -1.24
C LEU B 275 -25.94 -36.04 -1.49
N SER B 276 -25.88 -37.37 -1.42
CA SER B 276 -26.99 -38.24 -1.77
C SER B 276 -28.07 -38.23 -0.69
N ASP B 277 -29.25 -38.77 -1.06
CA ASP B 277 -30.32 -38.92 -0.07
C ASP B 277 -29.85 -39.77 1.11
N GLU B 278 -29.03 -40.79 0.85
CA GLU B 278 -28.56 -41.65 1.95
C GLU B 278 -27.67 -40.87 2.90
N LYS B 279 -26.74 -40.08 2.37
CA LYS B 279 -25.84 -39.31 3.22
C LYS B 279 -26.57 -38.18 3.93
N ILE B 280 -27.75 -37.78 3.45
CA ILE B 280 -28.52 -36.77 4.16
C ILE B 280 -29.37 -37.40 5.26
N ILE B 281 -29.87 -38.62 5.02
CA ILE B 281 -30.76 -39.26 5.97
C ILE B 281 -29.98 -39.91 7.11
N ASN B 282 -28.90 -40.63 6.79
CA ASN B 282 -28.21 -41.38 7.83
C ASN B 282 -27.51 -40.47 8.84
N ILE B 283 -27.59 -39.14 8.66
CA ILE B 283 -27.07 -38.23 9.68
C ILE B 283 -27.77 -38.47 11.01
N VAL B 284 -29.07 -38.76 10.97
CA VAL B 284 -29.83 -38.98 12.20
C VAL B 284 -29.26 -40.14 12.99
N LEU B 285 -28.65 -41.12 12.31
CA LEU B 285 -28.10 -42.27 13.01
C LEU B 285 -26.85 -41.89 13.80
N ASP B 286 -25.99 -41.03 13.25
CA ASP B 286 -24.84 -40.56 14.01
C ASP B 286 -25.29 -39.78 15.24
N LEU B 287 -26.41 -39.05 15.14
CA LEU B 287 -26.91 -38.29 16.29
C LEU B 287 -27.53 -39.22 17.32
N PHE B 288 -28.31 -40.20 16.88
CA PHE B 288 -28.93 -41.13 17.81
C PHE B 288 -27.88 -41.97 18.52
N GLY B 289 -26.95 -42.56 17.77
CA GLY B 289 -25.93 -43.39 18.37
C GLY B 289 -25.03 -42.62 19.32
N ALA B 290 -24.61 -41.43 18.93
CA ALA B 290 -23.78 -40.63 19.82
C ALA B 290 -24.59 -40.14 21.02
N GLY B 291 -25.87 -39.83 20.81
CA GLY B 291 -26.68 -39.24 21.85
C GLY B 291 -26.98 -40.20 23.00
N PHE B 292 -27.25 -41.46 22.69
CA PHE B 292 -27.64 -42.38 23.74
C PHE B 292 -26.41 -42.94 24.47
N ASP B 293 -25.34 -43.25 23.74
CA ASP B 293 -24.23 -43.98 24.35
C ASP B 293 -23.39 -43.07 25.23
N THR B 294 -23.01 -41.91 24.70
CA THR B 294 -22.05 -41.06 25.40
C THR B 294 -22.69 -40.39 26.62
N VAL B 295 -23.96 -39.99 26.51
CA VAL B 295 -24.63 -39.36 27.66
C VAL B 295 -24.95 -40.40 28.74
N THR B 296 -25.32 -41.62 28.33
CA THR B 296 -25.56 -42.67 29.31
C THR B 296 -24.30 -43.00 30.10
N THR B 297 -23.16 -43.09 29.42
CA THR B 297 -21.91 -43.36 30.14
C THR B 297 -21.55 -42.23 31.09
N ALA B 298 -21.84 -40.99 30.71
CA ALA B 298 -21.53 -39.86 31.60
C ALA B 298 -22.38 -39.90 32.86
N ILE B 299 -23.68 -40.18 32.72
CA ILE B 299 -24.54 -40.25 33.90
C ILE B 299 -24.20 -41.49 34.74
N SER B 300 -23.82 -42.59 34.09
CA SER B 300 -23.38 -43.77 34.82
C SER B 300 -22.15 -43.48 35.66
N TRP B 301 -21.14 -42.83 35.06
CA TRP B 301 -19.94 -42.48 35.83
C TRP B 301 -20.30 -41.55 36.99
N SER B 302 -21.22 -40.60 36.75
CA SER B 302 -21.65 -39.70 37.81
C SER B 302 -22.25 -40.47 38.99
N LEU B 303 -23.11 -41.46 38.69
CA LEU B 303 -23.72 -42.24 39.76
C LEU B 303 -22.68 -43.06 40.51
N MET B 304 -21.66 -43.58 39.81
CA MET B 304 -20.60 -44.31 40.50
C MET B 304 -19.86 -43.39 41.46
N TYR B 305 -19.55 -42.16 41.03
CA TYR B 305 -18.84 -41.24 41.90
C TYR B 305 -19.71 -40.79 43.07
N LEU B 306 -21.00 -40.59 42.83
CA LEU B 306 -21.90 -40.20 43.92
C LEU B 306 -21.96 -41.28 44.99
N VAL B 307 -21.89 -42.55 44.59
CA VAL B 307 -21.99 -43.65 45.52
C VAL B 307 -20.69 -43.86 46.27
N MET B 308 -19.55 -43.65 45.60
CA MET B 308 -18.24 -43.78 46.22
C MET B 308 -17.82 -42.55 47.01
N ASN B 309 -18.57 -41.45 46.90
CA ASN B 309 -18.24 -40.21 47.62
C ASN B 309 -19.52 -39.61 48.19
N PRO B 310 -20.11 -40.27 49.19
CA PRO B 310 -21.34 -39.73 49.80
C PRO B 310 -21.17 -38.32 50.33
N ARG B 311 -19.94 -37.92 50.69
CA ARG B 311 -19.71 -36.52 51.07
C ARG B 311 -20.15 -35.58 49.97
N VAL B 312 -19.82 -35.90 48.71
CA VAL B 312 -20.16 -35.02 47.60
C VAL B 312 -21.64 -35.07 47.30
N GLN B 313 -22.30 -36.19 47.60
CA GLN B 313 -23.71 -36.30 47.27
C GLN B 313 -24.55 -35.42 48.18
N ARG B 314 -24.17 -35.26 49.46
CA ARG B 314 -24.97 -34.40 50.33
C ARG B 314 -24.77 -32.93 49.98
N LYS B 315 -23.53 -32.53 49.69
CA LYS B 315 -23.28 -31.15 49.31
C LYS B 315 -24.09 -30.75 48.09
N ILE B 316 -24.29 -31.69 47.15
CA ILE B 316 -25.18 -31.42 46.03
C ILE B 316 -26.61 -31.25 46.53
N GLN B 317 -27.06 -32.15 47.39
CA GLN B 317 -28.40 -32.08 47.94
C GLN B 317 -28.58 -30.86 48.83
N GLU B 318 -27.55 -30.51 49.61
CA GLU B 318 -27.63 -29.32 50.44
C GLU B 318 -27.76 -28.07 49.58
N GLU B 319 -27.04 -28.00 48.46
CA GLU B 319 -27.14 -26.86 47.57
C GLU B 319 -28.50 -26.80 46.89
N LEU B 320 -29.05 -27.96 46.51
CA LEU B 320 -30.37 -27.98 45.91
C LEU B 320 -31.43 -27.43 46.85
N ASP B 321 -31.37 -27.83 48.13
CA ASP B 321 -32.35 -27.37 49.11
C ASP B 321 -32.23 -25.87 49.37
N THR B 322 -31.00 -25.35 49.43
CA THR B 322 -30.80 -23.93 49.70
C THR B 322 -31.27 -23.06 48.55
N VAL B 323 -30.96 -23.45 47.31
CA VAL B 323 -31.20 -22.59 46.16
C VAL B 323 -32.58 -22.79 45.52
N ILE B 324 -33.25 -23.91 45.80
CA ILE B 324 -34.51 -24.23 45.14
C ILE B 324 -35.57 -24.64 46.16
N GLY B 325 -35.18 -25.47 47.13
CA GLY B 325 -36.14 -26.01 48.07
C GLY B 325 -36.87 -27.21 47.49
N ARG B 326 -37.70 -27.81 48.34
CA ARG B 326 -38.44 -29.02 47.99
C ARG B 326 -39.82 -28.73 47.43
N SER B 327 -40.05 -27.50 46.95
CA SER B 327 -41.36 -27.11 46.45
C SER B 327 -41.56 -27.34 44.96
N ARG B 328 -40.49 -27.41 44.17
CA ARG B 328 -40.63 -27.57 42.73
C ARG B 328 -39.43 -28.34 42.17
N ARG B 329 -39.63 -28.88 40.97
CA ARG B 329 -38.56 -29.58 40.28
C ARG B 329 -37.53 -28.56 39.77
N PRO B 330 -36.25 -28.94 39.73
CA PRO B 330 -35.23 -28.05 39.15
C PRO B 330 -35.47 -27.83 37.67
N ARG B 331 -34.92 -26.73 37.15
CA ARG B 331 -35.08 -26.33 35.76
C ARG B 331 -33.75 -25.84 35.22
N LEU B 332 -33.67 -25.72 33.88
CA LEU B 332 -32.44 -25.28 33.24
C LEU B 332 -32.02 -23.88 33.68
N SER B 333 -32.97 -23.00 33.98
CA SER B 333 -32.63 -21.65 34.44
C SER B 333 -31.84 -21.67 35.74
N ASP B 334 -31.95 -22.74 36.54
CA ASP B 334 -31.23 -22.86 37.81
C ASP B 334 -29.81 -23.37 37.64
N ARG B 335 -29.41 -23.78 36.44
CA ARG B 335 -28.06 -24.31 36.23
C ARG B 335 -27.01 -23.27 36.62
N SER B 336 -27.28 -21.99 36.32
CA SER B 336 -26.32 -20.93 36.63
C SER B 336 -26.17 -20.69 38.12
N HIS B 337 -27.14 -21.09 38.94
CA HIS B 337 -27.14 -20.80 40.37
C HIS B 337 -26.83 -22.03 41.22
N LEU B 338 -26.31 -23.11 40.62
CA LEU B 338 -25.92 -24.31 41.35
C LEU B 338 -24.45 -24.61 41.05
N PRO B 339 -23.54 -23.79 41.57
CA PRO B 339 -22.12 -23.95 41.21
C PRO B 339 -21.51 -25.27 41.65
N TYR B 340 -21.98 -25.87 42.74
CA TYR B 340 -21.43 -27.14 43.17
C TYR B 340 -21.91 -28.28 42.28
N MET B 341 -23.14 -28.19 41.76
CA MET B 341 -23.58 -29.16 40.75
C MET B 341 -22.69 -29.12 39.53
N GLU B 342 -22.38 -27.91 39.04
CA GLU B 342 -21.51 -27.82 37.87
C GLU B 342 -20.10 -28.28 38.19
N ALA B 343 -19.60 -27.97 39.40
CA ALA B 343 -18.26 -28.41 39.78
C ALA B 343 -18.18 -29.92 39.84
N PHE B 344 -19.27 -30.58 40.26
CA PHE B 344 -19.28 -32.04 40.28
C PHE B 344 -19.27 -32.60 38.86
N ILE B 345 -20.10 -32.05 37.98
CA ILE B 345 -20.12 -32.53 36.59
C ILE B 345 -18.77 -32.29 35.93
N LEU B 346 -18.16 -31.13 36.20
CA LEU B 346 -16.84 -30.86 35.64
C LEU B 346 -15.82 -31.88 36.12
N GLU B 347 -15.86 -32.22 37.42
CA GLU B 347 -14.88 -33.15 37.95
C GLU B 347 -15.16 -34.59 37.52
N THR B 348 -16.41 -34.91 37.19
CA THR B 348 -16.69 -36.22 36.59
C THR B 348 -16.08 -36.32 35.19
N PHE B 349 -16.21 -35.26 34.39
CA PHE B 349 -15.58 -35.28 33.07
C PHE B 349 -14.06 -35.34 33.19
N ARG B 350 -13.50 -34.58 34.13
CA ARG B 350 -12.04 -34.49 34.22
C ARG B 350 -11.44 -35.77 34.76
N HIS B 351 -11.95 -36.26 35.88
CA HIS B 351 -11.32 -37.40 36.55
C HIS B 351 -11.46 -38.67 35.71
N SER B 352 -12.67 -38.96 35.23
CA SER B 352 -12.89 -40.17 34.44
C SER B 352 -12.30 -40.04 33.05
N SER B 353 -12.42 -38.85 32.44
CA SER B 353 -12.02 -38.62 31.05
C SER B 353 -12.49 -39.77 30.17
N PHE B 354 -13.76 -40.16 30.35
CA PHE B 354 -14.27 -41.34 29.67
C PHE B 354 -14.25 -41.22 28.15
N VAL B 355 -13.89 -40.06 27.61
CA VAL B 355 -13.53 -39.93 26.19
C VAL B 355 -12.06 -39.54 26.18
N PRO B 356 -11.13 -40.50 26.37
CA PRO B 356 -9.72 -40.11 26.53
C PRO B 356 -9.09 -39.53 25.27
N PHE B 357 -9.47 -40.05 24.11
CA PHE B 357 -9.04 -39.52 22.83
C PHE B 357 -10.25 -39.02 22.06
N THR B 358 -10.05 -37.99 21.24
CA THR B 358 -11.08 -37.70 20.25
C THR B 358 -11.15 -38.86 19.25
N ILE B 359 -12.15 -38.82 18.38
CA ILE B 359 -12.07 -39.72 17.22
C ILE B 359 -10.78 -39.39 16.49
N PRO B 360 -10.05 -40.37 15.95
CA PRO B 360 -8.79 -40.05 15.28
C PRO B 360 -8.98 -38.98 14.20
N HIS B 361 -7.99 -38.10 14.10
CA HIS B 361 -7.93 -37.08 13.06
C HIS B 361 -6.91 -37.47 12.00
N SER B 362 -6.85 -36.66 10.94
CA SER B 362 -5.92 -36.86 9.84
C SER B 362 -5.66 -35.51 9.20
N THR B 363 -4.43 -35.30 8.74
CA THR B 363 -4.08 -34.03 8.13
C THR B 363 -4.57 -34.00 6.68
N THR B 364 -5.20 -32.90 6.31
CA THR B 364 -5.72 -32.70 4.97
C THR B 364 -4.69 -32.12 4.01
N ARG B 365 -3.51 -31.78 4.50
CA ARG B 365 -2.51 -31.12 3.65
C ARG B 365 -1.21 -31.08 4.42
N ASP B 366 -0.10 -30.98 3.68
CA ASP B 366 1.19 -30.77 4.31
C ASP B 366 1.09 -29.56 5.24
N THR B 367 1.60 -29.71 6.47
CA THR B 367 1.52 -28.62 7.44
C THR B 367 2.69 -28.71 8.40
N SER B 368 2.77 -27.74 9.29
CA SER B 368 3.77 -27.72 10.35
C SER B 368 3.06 -27.32 11.64
N LEU B 369 3.63 -27.75 12.77
CA LEU B 369 3.01 -27.53 14.06
C LEU B 369 4.12 -27.48 15.10
N LYS B 370 4.28 -26.32 15.76
CA LYS B 370 5.31 -26.12 16.76
C LYS B 370 6.70 -26.45 16.21
N GLY B 371 6.89 -26.25 14.91
CA GLY B 371 8.17 -26.46 14.30
C GLY B 371 8.40 -27.84 13.74
N PHE B 372 7.38 -28.68 13.70
CA PHE B 372 7.50 -30.05 13.22
C PHE B 372 6.73 -30.23 11.93
N TYR B 373 7.31 -30.98 11.00
CA TYR B 373 6.69 -31.19 9.70
C TYR B 373 5.75 -32.39 9.75
N ILE B 374 4.54 -32.21 9.22
CA ILE B 374 3.54 -33.27 9.19
C ILE B 374 2.95 -33.35 7.79
N PRO B 375 3.20 -34.43 7.05
CA PRO B 375 2.72 -34.51 5.68
C PRO B 375 1.22 -34.79 5.60
N LYS B 376 0.69 -34.64 4.39
CA LYS B 376 -0.72 -34.88 4.14
C LYS B 376 -1.03 -36.35 4.39
N GLY B 377 -2.21 -36.60 4.98
CA GLY B 377 -2.69 -37.95 5.21
C GLY B 377 -2.19 -38.62 6.46
N ARG B 378 -1.46 -37.91 7.31
CA ARG B 378 -0.91 -38.49 8.53
C ARG B 378 -1.99 -38.66 9.59
N CYS B 379 -2.10 -39.86 10.13
CA CYS B 379 -3.07 -40.15 11.18
C CYS B 379 -2.67 -39.44 12.48
N VAL B 380 -3.67 -38.85 13.15
CA VAL B 380 -3.42 -38.00 14.31
C VAL B 380 -4.33 -38.43 15.46
N PHE B 381 -3.73 -38.67 16.63
CA PHE B 381 -4.46 -38.92 17.86
C PHE B 381 -4.40 -37.66 18.73
N VAL B 382 -5.51 -37.33 19.38
CA VAL B 382 -5.61 -36.17 20.27
C VAL B 382 -5.93 -36.69 21.66
N ASN B 383 -5.00 -36.50 22.60
CA ASN B 383 -5.08 -37.11 23.92
C ASN B 383 -5.68 -36.13 24.92
N GLN B 384 -7.00 -36.20 25.08
CA GLN B 384 -7.67 -35.37 26.08
C GLN B 384 -7.35 -35.82 27.49
N TRP B 385 -7.19 -37.13 27.70
CA TRP B 385 -6.86 -37.64 29.03
C TRP B 385 -5.59 -36.98 29.54
N GLN B 386 -4.62 -36.73 28.65
CA GLN B 386 -3.37 -36.12 29.07
C GLN B 386 -3.60 -34.71 29.63
N ILE B 387 -4.51 -33.96 29.01
CA ILE B 387 -4.80 -32.61 29.50
C ILE B 387 -5.49 -32.69 30.86
N ASN B 388 -6.55 -33.49 30.96
CA ASN B 388 -7.35 -33.55 32.17
C ASN B 388 -6.60 -34.13 33.36
N HIS B 389 -5.41 -34.70 33.16
CA HIS B 389 -4.62 -35.24 34.27
C HIS B 389 -3.22 -34.65 34.30
N ASP B 390 -2.96 -33.58 33.57
CA ASP B 390 -1.63 -32.98 33.56
C ASP B 390 -1.29 -32.51 34.96
N GLN B 391 -0.12 -32.93 35.47
CA GLN B 391 0.31 -32.49 36.79
C GLN B 391 0.57 -30.99 36.83
N LYS B 392 0.89 -30.36 35.69
CA LYS B 392 1.15 -28.93 35.67
C LYS B 392 -0.13 -28.13 35.92
N LEU B 393 -1.28 -28.61 35.47
CA LEU B 393 -2.52 -27.86 35.51
C LEU B 393 -3.38 -28.17 36.72
N TRP B 394 -3.27 -29.37 37.29
CA TRP B 394 -4.09 -29.78 38.42
C TRP B 394 -3.19 -30.18 39.58
N VAL B 395 -3.70 -29.99 40.80
CA VAL B 395 -2.92 -30.28 42.01
C VAL B 395 -2.80 -31.79 42.18
N ASN B 396 -3.92 -32.46 42.47
CA ASN B 396 -3.97 -33.91 42.65
C ASN B 396 -4.83 -34.52 41.57
N PRO B 397 -4.27 -34.74 40.38
CA PRO B 397 -5.10 -35.19 39.26
C PRO B 397 -5.80 -36.51 39.51
N SER B 398 -5.22 -37.37 40.34
CA SER B 398 -5.81 -38.70 40.55
C SER B 398 -6.91 -38.69 41.60
N GLU B 399 -7.18 -37.56 42.25
CA GLU B 399 -8.21 -37.49 43.26
C GLU B 399 -9.48 -36.84 42.69
N PHE B 400 -10.63 -37.34 43.16
CA PHE B 400 -11.93 -36.80 42.77
C PHE B 400 -12.27 -35.70 43.78
N LEU B 401 -12.07 -34.44 43.37
CA LEU B 401 -12.25 -33.27 44.24
C LEU B 401 -13.02 -32.19 43.49
N PRO B 402 -14.36 -32.24 43.53
CA PRO B 402 -15.13 -31.21 42.83
C PRO B 402 -14.82 -29.81 43.31
N GLU B 403 -14.37 -29.66 44.55
CA GLU B 403 -14.08 -28.35 45.10
C GLU B 403 -12.96 -27.64 44.37
N ARG B 404 -12.19 -28.35 43.54
CA ARG B 404 -11.07 -27.73 42.85
C ARG B 404 -11.51 -26.68 41.84
N PHE B 405 -12.75 -26.74 41.38
CA PHE B 405 -13.27 -25.74 40.45
C PHE B 405 -13.96 -24.58 41.14
N LEU B 406 -13.87 -24.51 42.47
CA LEU B 406 -14.58 -23.50 43.26
C LEU B 406 -13.61 -22.49 43.83
N THR B 407 -14.00 -21.22 43.74
CA THR B 407 -13.28 -20.13 44.37
C THR B 407 -13.56 -20.12 45.87
N PRO B 408 -12.84 -19.28 46.63
CA PRO B 408 -13.14 -19.19 48.07
C PRO B 408 -14.58 -18.79 48.38
N ASP B 409 -15.23 -18.04 47.49
CA ASP B 409 -16.58 -17.56 47.73
C ASP B 409 -17.65 -18.55 47.28
N GLY B 410 -17.26 -19.69 46.73
CA GLY B 410 -18.21 -20.71 46.35
C GLY B 410 -18.71 -20.64 44.91
N ALA B 411 -18.05 -19.87 44.05
CA ALA B 411 -18.42 -19.75 42.65
C ALA B 411 -17.48 -20.59 41.79
N ILE B 412 -17.90 -20.84 40.55
CA ILE B 412 -17.09 -21.64 39.62
C ILE B 412 -15.95 -20.79 39.10
N ASP B 413 -14.75 -21.34 39.14
CA ASP B 413 -13.57 -20.68 38.58
C ASP B 413 -13.59 -20.93 37.07
N LYS B 414 -13.99 -19.90 36.30
CA LYS B 414 -14.20 -20.11 34.86
C LYS B 414 -12.88 -20.37 34.13
N VAL B 415 -11.76 -19.86 34.62
CA VAL B 415 -10.46 -20.10 33.99
C VAL B 415 -10.06 -21.56 34.14
N LEU B 416 -10.35 -22.16 35.30
CA LEU B 416 -9.97 -23.54 35.56
C LEU B 416 -10.96 -24.52 34.96
N SER B 417 -12.24 -24.16 34.92
CA SER B 417 -13.23 -25.05 34.32
C SER B 417 -13.04 -25.18 32.81
N GLU B 418 -12.57 -24.13 32.15
CA GLU B 418 -12.38 -24.16 30.70
C GLU B 418 -11.15 -24.97 30.30
N LYS B 419 -10.38 -25.47 31.25
CA LYS B 419 -9.26 -26.36 30.97
C LYS B 419 -9.66 -27.84 31.00
N VAL B 420 -10.94 -28.14 31.20
CA VAL B 420 -11.42 -29.52 31.15
C VAL B 420 -11.82 -29.78 29.69
N ILE B 421 -10.98 -30.50 28.98
CA ILE B 421 -11.19 -30.79 27.56
C ILE B 421 -11.80 -32.17 27.47
N ILE B 422 -13.03 -32.26 26.96
CA ILE B 422 -13.58 -33.59 26.76
C ILE B 422 -14.53 -33.62 25.55
N PHE B 423 -14.86 -32.45 25.00
CA PHE B 423 -15.74 -32.34 23.84
C PHE B 423 -14.99 -32.03 22.54
N GLY B 424 -13.67 -31.98 22.58
CA GLY B 424 -12.91 -31.67 21.39
C GLY B 424 -12.74 -30.18 21.18
N MET B 425 -12.20 -29.85 20.01
CA MET B 425 -11.98 -28.46 19.64
C MET B 425 -12.06 -28.32 18.13
N GLY B 426 -12.39 -27.11 17.69
CA GLY B 426 -12.23 -26.77 16.28
C GLY B 426 -13.32 -27.36 15.41
N LYS B 427 -12.94 -27.65 14.16
CA LYS B 427 -13.94 -28.00 13.15
C LYS B 427 -14.65 -29.31 13.44
N ARG B 428 -14.07 -30.20 14.25
CA ARG B 428 -14.69 -31.48 14.51
C ARG B 428 -15.24 -31.58 15.92
N LYS B 429 -15.34 -30.46 16.64
CA LYS B 429 -15.80 -30.55 18.02
C LYS B 429 -17.21 -31.10 18.09
N CYS B 430 -17.56 -31.60 19.27
CA CYS B 430 -18.87 -32.18 19.47
C CYS B 430 -19.94 -31.16 19.11
N ILE B 431 -20.94 -31.60 18.36
CA ILE B 431 -22.04 -30.73 17.99
C ILE B 431 -23.21 -30.86 18.96
N GLY B 432 -23.13 -31.80 19.91
CA GLY B 432 -24.15 -31.93 20.93
C GLY B 432 -23.65 -31.54 22.31
N GLU B 433 -22.63 -30.67 22.36
CA GLU B 433 -22.05 -30.28 23.63
C GLU B 433 -23.11 -29.66 24.55
N THR B 434 -23.84 -28.66 24.07
CA THR B 434 -24.84 -28.02 24.92
C THR B 434 -25.91 -29.02 25.36
N ILE B 435 -26.39 -29.86 24.43
CA ILE B 435 -27.40 -30.85 24.80
C ILE B 435 -26.87 -31.79 25.88
N ALA B 436 -25.63 -32.26 25.72
CA ALA B 436 -25.06 -33.16 26.71
C ALA B 436 -24.96 -32.48 28.07
N ARG B 437 -24.52 -31.23 28.11
CA ARG B 437 -24.31 -30.55 29.39
C ARG B 437 -25.62 -30.25 30.10
N TRP B 438 -26.67 -29.91 29.34
CA TRP B 438 -27.98 -29.66 29.94
C TRP B 438 -28.67 -30.96 30.32
N GLU B 439 -28.54 -31.99 29.49
CA GLU B 439 -29.19 -33.26 29.78
C GLU B 439 -28.61 -33.91 31.03
N VAL B 440 -27.29 -33.88 31.18
CA VAL B 440 -26.66 -34.44 32.37
C VAL B 440 -27.06 -33.66 33.61
N PHE B 441 -27.03 -32.32 33.52
CA PHE B 441 -27.39 -31.51 34.67
C PHE B 441 -28.82 -31.81 35.13
N LEU B 442 -29.77 -31.76 34.19
CA LEU B 442 -31.17 -31.91 34.57
C LEU B 442 -31.44 -33.27 35.21
N PHE B 443 -30.99 -34.35 34.56
CA PHE B 443 -31.21 -35.69 35.12
C PHE B 443 -30.72 -35.78 36.56
N LEU B 444 -29.48 -35.32 36.81
CA LEU B 444 -28.94 -35.41 38.17
C LEU B 444 -29.70 -34.48 39.12
N ALA B 445 -30.01 -33.27 38.68
CA ALA B 445 -30.68 -32.32 39.58
C ALA B 445 -32.06 -32.83 39.97
N ILE B 446 -32.83 -33.35 39.00
CA ILE B 446 -34.16 -33.85 39.31
C ILE B 446 -34.08 -35.09 40.20
N LEU B 447 -33.11 -35.95 39.95
CA LEU B 447 -32.99 -37.19 40.72
C LEU B 447 -32.48 -36.93 42.13
N LEU B 448 -31.32 -36.27 42.25
CA LEU B 448 -30.72 -36.08 43.56
C LEU B 448 -31.59 -35.24 44.48
N GLN B 449 -32.44 -34.37 43.90
CA GLN B 449 -33.34 -33.59 44.73
C GLN B 449 -34.28 -34.47 45.53
N ARG B 450 -34.64 -35.64 44.99
CA ARG B 450 -35.65 -36.49 45.60
C ARG B 450 -35.12 -37.79 46.17
N VAL B 451 -34.04 -38.34 45.62
CA VAL B 451 -33.60 -39.68 46.02
C VAL B 451 -32.13 -39.64 46.41
N GLU B 452 -31.74 -40.67 47.16
CA GLU B 452 -30.37 -40.88 47.62
C GLU B 452 -29.87 -42.21 47.08
N PHE B 453 -28.74 -42.18 46.39
CA PHE B 453 -28.10 -43.40 45.91
C PHE B 453 -27.01 -43.83 46.88
N SER B 454 -26.79 -45.14 46.96
CA SER B 454 -25.82 -45.68 47.90
C SER B 454 -25.47 -47.09 47.49
N VAL B 455 -24.40 -47.61 48.08
CA VAL B 455 -24.00 -49.00 47.91
C VAL B 455 -23.52 -49.52 49.27
N PRO B 456 -23.88 -50.74 49.66
CA PRO B 456 -23.42 -51.25 50.96
C PRO B 456 -21.92 -51.49 50.99
N LEU B 457 -21.34 -51.38 52.19
CA LEU B 457 -19.96 -51.78 52.40
C LEU B 457 -19.78 -53.26 52.11
N GLY B 458 -18.57 -53.62 51.68
CA GLY B 458 -18.21 -55.01 51.53
C GLY B 458 -18.50 -55.62 50.17
N VAL B 459 -18.99 -54.83 49.22
CA VAL B 459 -19.24 -55.30 47.86
C VAL B 459 -18.22 -54.65 46.94
N LYS B 460 -17.82 -55.38 45.91
CA LYS B 460 -16.84 -54.88 44.95
C LYS B 460 -17.49 -53.89 44.01
N VAL B 461 -16.84 -52.74 43.84
CA VAL B 461 -17.27 -51.71 42.88
C VAL B 461 -16.01 -51.30 42.12
N ASP B 462 -15.78 -51.94 40.98
CA ASP B 462 -14.60 -51.66 40.17
C ASP B 462 -14.79 -50.32 39.47
N MET B 463 -14.03 -49.32 39.91
CA MET B 463 -14.02 -48.00 39.31
C MET B 463 -12.98 -47.87 38.20
N THR B 464 -12.31 -48.95 37.85
CA THR B 464 -11.26 -48.88 36.82
C THR B 464 -11.93 -48.69 35.46
N PRO B 465 -11.54 -47.67 34.70
CA PRO B 465 -12.14 -47.51 33.36
C PRO B 465 -11.69 -48.60 32.41
N ILE B 466 -12.62 -49.02 31.55
CA ILE B 466 -12.36 -50.00 30.51
C ILE B 466 -12.17 -49.25 29.21
N TYR B 467 -11.00 -49.39 28.60
CA TYR B 467 -10.65 -48.52 27.48
C TYR B 467 -11.64 -48.66 26.32
N GLY B 468 -11.75 -47.59 25.55
CA GLY B 468 -12.65 -47.51 24.42
C GLY B 468 -12.84 -46.06 24.03
N LEU B 469 -13.51 -45.88 22.88
CA LEU B 469 -13.85 -44.52 22.45
C LEU B 469 -14.56 -43.78 23.57
N THR B 470 -15.55 -44.44 24.17
CA THR B 470 -16.14 -44.03 25.44
C THR B 470 -15.78 -45.12 26.44
N MET B 471 -15.06 -44.75 27.50
CA MET B 471 -14.64 -45.72 28.50
C MET B 471 -15.79 -45.97 29.47
N LYS B 472 -16.21 -47.24 29.56
CA LYS B 472 -17.24 -47.66 30.50
C LYS B 472 -16.58 -48.29 31.73
N HIS B 473 -17.41 -48.56 32.74
CA HIS B 473 -16.97 -49.24 33.95
C HIS B 473 -17.60 -50.63 34.02
N ALA B 474 -17.05 -51.45 34.90
CA ALA B 474 -17.64 -52.76 35.17
C ALA B 474 -19.05 -52.60 35.71
N CYS B 475 -19.97 -53.43 35.20
CA CYS B 475 -21.36 -53.34 35.64
C CYS B 475 -21.46 -53.60 37.14
N CYS B 476 -22.41 -52.91 37.78
CA CYS B 476 -22.60 -52.99 39.22
C CYS B 476 -24.07 -53.24 39.51
N GLU B 477 -24.38 -54.39 40.12
CA GLU B 477 -25.76 -54.76 40.41
C GLU B 477 -26.17 -54.44 41.85
N HIS B 478 -25.35 -53.69 42.59
CA HIS B 478 -25.55 -53.48 44.01
C HIS B 478 -26.02 -52.06 44.35
N PHE B 479 -26.58 -51.34 43.38
CA PHE B 479 -27.06 -49.99 43.64
C PHE B 479 -28.36 -50.03 44.43
N GLN B 480 -28.51 -49.09 45.36
CA GLN B 480 -29.71 -48.94 46.15
C GLN B 480 -30.16 -47.48 46.15
N MET B 481 -31.47 -47.29 46.20
CA MET B 481 -32.08 -45.96 46.15
C MET B 481 -33.15 -45.84 47.22
N GLN B 482 -33.15 -44.70 47.93
CA GLN B 482 -34.13 -44.39 48.95
C GLN B 482 -34.60 -42.96 48.76
N LEU B 483 -35.89 -42.73 48.98
CA LEU B 483 -36.44 -41.39 48.96
C LEU B 483 -35.86 -40.58 50.12
N ARG B 484 -35.91 -39.26 49.98
CA ARG B 484 -35.36 -38.38 51.00
C ARG B 484 -36.41 -37.95 52.01
N SER B 485 -35.93 -37.46 53.16
CA SER B 485 -36.80 -37.01 54.25
C SER B 485 -37.83 -35.99 53.76
N LYS C 11 63.21 36.17 -57.42
CA LYS C 11 63.75 35.32 -56.36
C LYS C 11 62.80 34.17 -56.02
N ASN C 12 63.29 32.92 -56.08
CA ASN C 12 62.50 31.78 -55.62
C ASN C 12 62.63 31.64 -54.11
N PRO C 13 61.56 31.24 -53.42
CA PRO C 13 61.63 31.10 -51.96
C PRO C 13 62.61 30.01 -51.58
N PRO C 14 63.44 30.22 -50.56
CA PRO C 14 64.43 29.20 -50.19
C PRO C 14 63.77 28.02 -49.48
N GLY C 15 64.55 26.95 -49.34
CA GLY C 15 64.09 25.75 -48.69
C GLY C 15 65.10 24.63 -48.74
N PRO C 16 64.95 23.66 -47.84
CA PRO C 16 65.90 22.55 -47.78
C PRO C 16 65.70 21.55 -48.91
N TRP C 17 66.73 20.74 -49.11
CA TRP C 17 66.67 19.67 -50.09
C TRP C 17 65.63 18.64 -49.70
N GLY C 18 64.90 18.12 -50.70
CA GLY C 18 63.88 17.13 -50.47
C GLY C 18 64.02 15.96 -51.43
N TRP C 19 63.41 14.84 -51.04
CA TRP C 19 63.42 13.65 -51.88
C TRP C 19 62.62 13.91 -53.15
N PRO C 20 63.03 13.32 -54.28
CA PRO C 20 62.36 13.64 -55.55
C PRO C 20 60.92 13.17 -55.61
N LEU C 21 60.56 12.10 -54.90
CA LEU C 21 59.21 11.58 -55.01
C LEU C 21 58.28 12.12 -53.92
N ILE C 22 58.72 12.09 -52.66
CA ILE C 22 57.87 12.51 -51.55
C ILE C 22 58.21 13.89 -51.01
N GLY C 23 59.34 14.47 -51.39
CA GLY C 23 59.69 15.79 -50.89
C GLY C 23 60.07 15.74 -49.42
N HIS C 24 59.48 16.62 -48.62
CA HIS C 24 59.79 16.74 -47.20
C HIS C 24 58.70 16.10 -46.33
N MET C 25 57.96 15.15 -46.87
CA MET C 25 56.85 14.55 -46.14
C MET C 25 57.31 13.94 -44.83
N LEU C 26 58.51 13.37 -44.80
CA LEU C 26 58.99 12.74 -43.58
C LEU C 26 59.55 13.76 -42.58
N THR C 27 60.11 14.86 -43.09
CA THR C 27 60.63 15.89 -42.19
C THR C 27 59.53 16.49 -41.33
N LEU C 28 58.33 16.67 -41.89
CA LEU C 28 57.20 17.17 -41.11
C LEU C 28 56.81 16.17 -40.02
N GLY C 29 56.67 14.91 -40.40
CA GLY C 29 56.36 13.88 -39.42
C GLY C 29 54.97 14.06 -38.83
N LYS C 30 54.85 13.73 -37.55
CA LYS C 30 53.57 13.79 -36.85
C LYS C 30 53.27 15.17 -36.28
N ASN C 31 54.26 16.05 -36.20
CA ASN C 31 54.09 17.40 -35.66
C ASN C 31 54.65 18.40 -36.64
N PRO C 32 53.93 18.67 -37.73
CA PRO C 32 54.48 19.60 -38.74
C PRO C 32 54.79 20.98 -38.18
N HIS C 33 53.96 21.48 -37.27
CA HIS C 33 54.17 22.84 -36.75
C HIS C 33 55.52 22.97 -36.06
N LEU C 34 55.99 21.91 -35.41
CA LEU C 34 57.30 21.98 -34.74
C LEU C 34 58.42 21.94 -35.77
N ALA C 35 58.32 21.06 -36.78
CA ALA C 35 59.35 20.96 -37.79
C ALA C 35 59.53 22.26 -38.55
N LEU C 36 58.41 22.88 -38.95
CA LEU C 36 58.46 24.12 -39.71
C LEU C 36 58.90 25.30 -38.86
N SER C 37 58.81 25.22 -37.53
CA SER C 37 59.35 26.28 -36.69
C SER C 37 60.87 26.24 -36.67
N ARG C 38 61.45 25.07 -36.43
CA ARG C 38 62.90 24.90 -36.54
C ARG C 38 63.37 25.20 -37.96
N MET C 39 62.58 24.81 -38.96
CA MET C 39 62.97 25.02 -40.34
C MET C 39 63.02 26.50 -40.69
N SER C 40 62.10 27.30 -40.13
CA SER C 40 62.08 28.73 -40.42
C SER C 40 63.26 29.47 -39.78
N GLN C 41 63.85 28.92 -38.72
CA GLN C 41 65.01 29.55 -38.10
C GLN C 41 66.19 29.63 -39.06
N GLN C 42 66.26 28.71 -40.03
CA GLN C 42 67.36 28.64 -40.99
C GLN C 42 67.05 29.33 -42.32
N TYR C 43 65.80 29.27 -42.78
CA TYR C 43 65.44 29.77 -44.10
C TYR C 43 64.59 31.03 -44.07
N GLY C 44 64.02 31.39 -42.94
CA GLY C 44 63.34 32.67 -42.81
C GLY C 44 61.84 32.56 -42.83
N ASP C 45 61.20 33.74 -42.93
CA ASP C 45 59.75 33.83 -42.82
C ASP C 45 59.04 33.30 -44.05
N VAL C 46 59.71 33.25 -45.20
CA VAL C 46 59.13 32.73 -46.43
C VAL C 46 60.04 31.62 -46.92
N LEU C 47 59.54 30.38 -46.88
CA LEU C 47 60.30 29.22 -47.31
C LEU C 47 59.39 28.30 -48.11
N GLN C 48 60.01 27.33 -48.78
CA GLN C 48 59.33 26.46 -49.72
C GLN C 48 59.70 25.01 -49.43
N ILE C 49 58.70 24.14 -49.51
CA ILE C 49 58.87 22.72 -49.32
C ILE C 49 58.04 22.00 -50.38
N ARG C 50 58.06 20.67 -50.33
CA ARG C 50 57.29 19.84 -51.23
C ARG C 50 56.67 18.70 -50.46
N ILE C 51 55.40 18.44 -50.72
CA ILE C 51 54.71 17.27 -50.20
C ILE C 51 54.32 16.44 -51.43
N GLY C 52 55.01 15.32 -51.64
CA GLY C 52 54.87 14.59 -52.88
C GLY C 52 55.48 15.38 -54.03
N SER C 53 54.68 15.74 -55.02
CA SER C 53 55.12 16.58 -56.12
C SER C 53 54.51 17.99 -56.06
N THR C 54 53.79 18.31 -54.99
CA THR C 54 53.08 19.58 -54.89
C THR C 54 53.91 20.56 -54.08
N PRO C 55 54.26 21.73 -54.61
CA PRO C 55 54.96 22.73 -53.79
C PRO C 55 54.03 23.38 -52.77
N VAL C 56 54.61 23.78 -51.65
CA VAL C 56 53.87 24.45 -50.58
C VAL C 56 54.77 25.53 -49.98
N VAL C 57 54.21 26.73 -49.80
CA VAL C 57 54.90 27.85 -49.18
C VAL C 57 54.44 27.99 -47.74
N VAL C 58 55.38 28.12 -46.81
CA VAL C 58 55.11 28.22 -45.39
C VAL C 58 55.49 29.63 -44.91
N LEU C 59 54.54 30.33 -44.31
CA LEU C 59 54.75 31.70 -43.85
C LEU C 59 54.93 31.70 -42.33
N SER C 60 55.96 32.41 -41.87
CA SER C 60 56.29 32.52 -40.45
C SER C 60 56.46 34.00 -40.11
N GLY C 61 56.86 34.27 -38.87
CA GLY C 61 57.14 35.64 -38.49
C GLY C 61 55.88 36.47 -38.34
N LEU C 62 55.87 37.36 -37.35
CA LEU C 62 54.68 38.14 -37.06
C LEU C 62 54.42 39.20 -38.12
N ASP C 63 55.47 39.90 -38.55
CA ASP C 63 55.29 40.98 -39.53
C ASP C 63 55.04 40.44 -40.92
N THR C 64 55.74 39.36 -41.29
CA THR C 64 55.63 38.81 -42.64
C THR C 64 54.20 38.34 -42.94
N ILE C 65 53.53 37.77 -41.94
CA ILE C 65 52.20 37.22 -42.17
C ILE C 65 51.17 38.34 -42.32
N ARG C 66 51.28 39.40 -41.51
CA ARG C 66 50.39 40.54 -41.68
C ARG C 66 50.54 41.16 -43.06
N GLN C 67 51.75 41.15 -43.61
CA GLN C 67 51.97 41.67 -44.95
C GLN C 67 51.17 40.88 -45.98
N ALA C 68 51.07 39.57 -45.79
CA ALA C 68 50.43 38.70 -46.79
C ALA C 68 48.92 38.62 -46.61
N LEU C 69 48.44 38.41 -45.38
CA LEU C 69 47.02 38.18 -45.17
C LEU C 69 46.21 39.47 -45.11
N VAL C 70 46.82 40.57 -44.67
CA VAL C 70 46.10 41.83 -44.47
C VAL C 70 46.40 42.77 -45.62
N ARG C 71 47.65 43.26 -45.68
CA ARG C 71 48.00 44.28 -46.66
C ARG C 71 47.88 43.74 -48.09
N GLN C 72 48.09 42.44 -48.28
CA GLN C 72 47.89 41.81 -49.58
C GLN C 72 46.78 40.77 -49.48
N GLY C 73 45.75 41.06 -48.68
CA GLY C 73 44.74 40.06 -48.38
C GLY C 73 44.11 39.45 -49.61
N ASP C 74 43.79 40.27 -50.61
CA ASP C 74 43.15 39.78 -51.81
C ASP C 74 44.06 38.83 -52.59
N ASP C 75 45.37 38.88 -52.35
CA ASP C 75 46.29 37.97 -53.03
C ASP C 75 46.36 36.60 -52.38
N PHE C 76 46.03 36.49 -51.09
CA PHE C 76 46.19 35.25 -50.33
C PHE C 76 44.88 34.79 -49.71
N LYS C 77 43.74 35.12 -50.32
CA LYS C 77 42.45 34.83 -49.73
C LYS C 77 41.85 33.52 -50.26
N GLY C 78 42.59 32.76 -51.05
CA GLY C 78 42.05 31.57 -51.66
C GLY C 78 42.27 30.33 -50.82
N ARG C 79 41.55 29.27 -51.20
CA ARG C 79 41.71 27.95 -50.60
C ARG C 79 42.20 26.96 -51.65
N PRO C 80 43.19 26.13 -51.32
CA PRO C 80 43.62 25.11 -52.28
C PRO C 80 42.54 24.04 -52.50
N ASP C 81 42.54 23.48 -53.72
CA ASP C 81 41.56 22.47 -54.09
C ASP C 81 42.07 21.09 -53.63
N LEU C 82 42.04 20.90 -52.32
CA LEU C 82 42.47 19.66 -51.70
C LEU C 82 41.32 18.65 -51.70
N TYR C 83 41.68 17.36 -51.68
CA TYR C 83 40.67 16.31 -51.73
C TYR C 83 39.82 16.31 -50.46
N THR C 84 40.47 16.39 -49.29
CA THR C 84 39.73 16.33 -48.04
C THR C 84 38.65 17.40 -47.98
N PHE C 85 38.87 18.55 -48.62
CA PHE C 85 37.89 19.64 -48.57
C PHE C 85 36.65 19.31 -49.40
N THR C 86 36.79 18.48 -50.43
CA THR C 86 35.65 18.11 -51.25
C THR C 86 34.66 17.20 -50.52
N LEU C 87 35.04 16.64 -49.38
CA LEU C 87 34.16 15.78 -48.60
C LEU C 87 33.37 16.55 -47.54
N ILE C 88 33.64 17.84 -47.39
CA ILE C 88 32.99 18.66 -46.37
C ILE C 88 31.79 19.37 -46.97
N SER C 89 30.63 19.24 -46.32
CA SER C 89 29.40 19.89 -46.76
C SER C 89 29.11 19.58 -48.24
N ASN C 90 29.31 18.33 -48.63
CA ASN C 90 29.04 17.88 -50.00
C ASN C 90 29.88 18.66 -51.02
N GLY C 91 31.11 18.99 -50.65
CA GLY C 91 32.02 19.72 -51.51
C GLY C 91 31.66 21.16 -51.75
N GLN C 92 30.73 21.72 -50.98
CA GLN C 92 30.26 23.09 -51.16
C GLN C 92 30.40 23.87 -49.86
N SER C 93 31.51 23.68 -49.15
CA SER C 93 31.73 24.38 -47.90
C SER C 93 32.14 25.82 -48.17
N MET C 94 31.53 26.75 -47.46
CA MET C 94 31.93 28.16 -47.56
C MET C 94 33.40 28.32 -47.22
N SER C 95 33.86 27.67 -46.15
CA SER C 95 35.19 27.89 -45.61
C SER C 95 36.27 27.04 -46.25
N PHE C 96 35.90 25.92 -46.87
CA PHE C 96 36.88 25.00 -47.41
C PHE C 96 36.85 24.87 -48.93
N SER C 97 35.78 25.29 -49.59
CA SER C 97 35.74 25.23 -51.04
C SER C 97 36.77 26.19 -51.64
N PRO C 98 37.15 25.96 -52.90
CA PRO C 98 38.13 26.86 -53.54
C PRO C 98 37.56 28.22 -53.94
N ASP C 99 36.25 28.43 -53.80
CA ASP C 99 35.64 29.69 -54.18
C ASP C 99 36.04 30.78 -53.18
N SER C 100 36.76 31.80 -53.68
CA SER C 100 37.12 32.96 -52.89
C SER C 100 36.74 34.27 -53.59
N GLY C 101 35.88 34.19 -54.60
CA GLY C 101 35.48 35.36 -55.36
C GLY C 101 34.33 36.10 -54.72
N PRO C 102 33.50 36.76 -55.54
CA PRO C 102 32.37 37.52 -54.96
C PRO C 102 31.29 36.62 -54.37
N VAL C 103 31.13 35.40 -54.87
CA VAL C 103 30.13 34.48 -54.31
C VAL C 103 30.46 34.13 -52.87
N TRP C 104 31.74 33.85 -52.59
CA TRP C 104 32.15 33.53 -51.22
C TRP C 104 31.92 34.72 -50.29
N ALA C 105 32.34 35.91 -50.71
CA ALA C 105 32.28 37.08 -49.84
C ALA C 105 30.85 37.34 -49.37
N ALA C 106 29.87 37.10 -50.24
CA ALA C 106 28.47 37.30 -49.85
C ALA C 106 28.07 36.34 -48.74
N ARG C 107 28.47 35.08 -48.86
CA ARG C 107 28.13 34.09 -47.83
C ARG C 107 28.78 34.46 -46.51
N ARG C 108 30.02 34.92 -46.53
CA ARG C 108 30.70 35.29 -45.29
C ARG C 108 29.94 36.41 -44.58
N ARG C 109 29.37 37.35 -45.33
CA ARG C 109 28.59 38.42 -44.71
C ARG C 109 27.29 37.89 -44.11
N LEU C 110 26.68 36.87 -44.73
CA LEU C 110 25.50 36.25 -44.14
C LEU C 110 25.84 35.61 -42.79
N ALA C 111 27.02 35.01 -42.69
CA ALA C 111 27.42 34.41 -41.42
C ALA C 111 27.68 35.48 -40.37
N GLN C 112 28.41 36.53 -40.74
CA GLN C 112 28.68 37.61 -39.79
C GLN C 112 27.38 38.22 -39.28
N ASN C 113 26.44 38.49 -40.18
CA ASN C 113 25.17 39.08 -39.77
C ASN C 113 24.33 38.09 -38.98
N GLY C 114 24.32 36.81 -39.40
CA GLY C 114 23.62 35.81 -38.62
C GLY C 114 24.16 35.68 -37.22
N LEU C 115 25.49 35.64 -37.10
CA LEU C 115 26.10 35.56 -35.77
C LEU C 115 25.81 36.81 -34.96
N LYS C 116 26.11 37.99 -35.52
CA LYS C 116 25.90 39.24 -34.80
C LYS C 116 24.45 39.40 -34.37
N SER C 117 23.52 39.00 -35.23
CA SER C 117 22.10 39.18 -34.94
C SER C 117 21.66 38.37 -33.73
N PHE C 118 22.23 37.19 -33.54
CA PHE C 118 21.80 36.26 -32.51
C PHE C 118 22.89 35.93 -31.51
N SER C 119 23.90 36.79 -31.38
CA SER C 119 24.93 36.61 -30.36
C SER C 119 25.11 37.88 -29.54
N ILE C 120 25.38 39.00 -30.20
CA ILE C 120 25.64 40.25 -29.49
C ILE C 120 24.36 41.07 -29.28
N ALA C 121 23.36 40.90 -30.13
CA ALA C 121 22.12 41.66 -30.01
C ALA C 121 21.40 41.34 -28.71
N SER C 122 20.58 42.29 -28.28
CA SER C 122 19.82 42.12 -27.04
C SER C 122 18.65 41.19 -27.26
N ASP C 123 18.47 40.24 -26.36
CA ASP C 123 17.34 39.33 -26.39
C ASP C 123 16.09 40.08 -25.92
N PRO C 124 14.96 39.96 -26.62
CA PRO C 124 13.74 40.60 -26.11
C PRO C 124 13.34 40.13 -24.72
N ALA C 125 13.80 38.94 -24.29
CA ALA C 125 13.43 38.42 -22.98
C ALA C 125 14.20 39.09 -21.84
N SER C 126 15.44 39.53 -22.09
CA SER C 126 16.22 40.22 -21.07
C SER C 126 16.77 41.52 -21.65
N SER C 127 16.80 42.56 -20.81
CA SER C 127 17.35 43.86 -21.19
C SER C 127 18.77 44.06 -20.69
N THR C 128 19.16 43.39 -19.59
CA THR C 128 20.47 43.61 -19.00
C THR C 128 21.59 42.98 -19.83
N SER C 129 21.32 41.84 -20.46
CA SER C 129 22.33 41.05 -21.14
C SER C 129 21.91 40.81 -22.58
N CYS C 130 22.85 40.27 -23.35
CA CYS C 130 22.63 39.92 -24.75
C CYS C 130 22.34 38.43 -24.87
N TYR C 131 22.18 37.96 -26.11
CA TYR C 131 21.90 36.55 -26.34
C TYR C 131 22.99 35.66 -25.77
N LEU C 132 24.25 35.94 -26.12
CA LEU C 132 25.35 35.06 -25.72
C LEU C 132 25.44 34.94 -24.20
N GLU C 133 25.40 36.06 -23.49
CA GLU C 133 25.51 36.00 -22.03
C GLU C 133 24.37 35.19 -21.43
N GLU C 134 23.18 35.26 -22.01
CA GLU C 134 22.06 34.48 -21.50
C GLU C 134 22.30 32.99 -21.68
N HIS C 135 22.80 32.58 -22.85
CA HIS C 135 23.00 31.16 -23.12
C HIS C 135 24.14 30.58 -22.30
N VAL C 136 25.28 31.29 -22.24
CA VAL C 136 26.42 30.78 -21.48
C VAL C 136 26.10 30.72 -20.00
N SER C 137 25.33 31.68 -19.49
CA SER C 137 24.95 31.66 -18.09
C SER C 137 24.07 30.45 -17.76
N LYS C 138 23.09 30.17 -18.62
CA LYS C 138 22.22 29.02 -18.40
C LYS C 138 23.02 27.72 -18.41
N GLU C 139 23.92 27.56 -19.39
CA GLU C 139 24.65 26.30 -19.52
C GLU C 139 25.70 26.15 -18.42
N ALA C 140 26.25 27.26 -17.91
CA ALA C 140 27.18 27.19 -16.80
C ALA C 140 26.52 26.63 -15.55
N GLU C 141 25.25 26.95 -15.33
CA GLU C 141 24.53 26.40 -14.17
C GLU C 141 24.32 24.89 -14.32
N VAL C 142 23.81 24.45 -15.47
CA VAL C 142 23.62 23.02 -15.69
C VAL C 142 24.95 22.28 -15.56
N LEU C 143 26.03 22.90 -16.04
CA LEU C 143 27.35 22.26 -15.98
C LEU C 143 27.81 22.08 -14.54
N ILE C 144 27.57 23.06 -13.68
CA ILE C 144 27.97 22.92 -12.28
C ILE C 144 27.17 21.81 -11.61
N SER C 145 25.84 21.80 -11.80
CA SER C 145 25.02 20.76 -11.21
C SER C 145 25.41 19.38 -11.74
N THR C 146 25.68 19.27 -13.05
CA THR C 146 26.06 17.98 -13.60
C THR C 146 27.35 17.45 -13.00
N LEU C 147 28.29 18.36 -12.68
CA LEU C 147 29.55 17.92 -12.11
C LEU C 147 29.42 17.58 -10.62
N GLN C 148 28.51 18.24 -9.90
CA GLN C 148 28.27 17.88 -8.51
C GLN C 148 27.72 16.46 -8.41
N GLU C 149 26.90 16.05 -9.39
CA GLU C 149 26.40 14.68 -9.40
C GLU C 149 27.54 13.67 -9.54
N LEU C 150 28.52 13.97 -10.40
CA LEU C 150 29.62 13.05 -10.62
C LEU C 150 30.54 12.99 -9.40
N MET C 151 30.67 14.10 -8.66
CA MET C 151 31.49 14.07 -7.46
C MET C 151 30.82 13.28 -6.35
N ALA C 152 29.50 13.17 -6.37
CA ALA C 152 28.79 12.33 -5.40
C ALA C 152 28.88 10.85 -5.76
N GLY C 153 28.91 10.53 -7.05
CA GLY C 153 28.98 9.16 -7.50
C GLY C 153 30.41 8.69 -7.64
N PRO C 154 30.92 8.64 -8.88
CA PRO C 154 32.28 8.14 -9.07
C PRO C 154 33.35 8.92 -8.31
N GLY C 155 33.10 10.20 -8.05
CA GLY C 155 34.10 11.06 -7.45
C GLY C 155 35.07 11.67 -8.42
N HIS C 156 35.01 11.29 -9.70
CA HIS C 156 35.87 11.84 -10.74
C HIS C 156 35.12 11.79 -12.06
N PHE C 157 35.64 12.55 -13.04
CA PHE C 157 34.95 12.68 -14.32
C PHE C 157 35.93 13.10 -15.39
N ASN C 158 35.48 12.95 -16.65
CA ASN C 158 36.20 13.45 -17.81
C ASN C 158 35.60 14.80 -18.20
N PRO C 159 36.33 15.91 -18.09
CA PRO C 159 35.68 17.21 -18.35
C PRO C 159 35.23 17.38 -19.79
N TYR C 160 35.98 16.91 -20.78
CA TYR C 160 35.58 17.06 -22.17
C TYR C 160 34.22 16.40 -22.43
N ARG C 161 33.96 15.25 -21.78
CA ARG C 161 32.70 14.55 -21.99
C ARG C 161 31.50 15.45 -21.73
N TYR C 162 31.60 16.35 -20.75
CA TYR C 162 30.49 17.19 -20.35
C TYR C 162 30.65 18.65 -20.76
N VAL C 163 31.87 19.12 -20.98
CA VAL C 163 32.06 20.48 -21.48
C VAL C 163 31.61 20.57 -22.93
N VAL C 164 31.84 19.51 -23.72
CA VAL C 164 31.47 19.56 -25.12
C VAL C 164 29.98 19.75 -25.29
N VAL C 165 29.18 19.27 -24.34
CA VAL C 165 27.73 19.43 -24.43
C VAL C 165 27.32 20.84 -24.04
N SER C 166 27.88 21.36 -22.94
CA SER C 166 27.55 22.73 -22.53
C SER C 166 27.94 23.72 -23.61
N VAL C 167 29.12 23.57 -24.19
CA VAL C 167 29.57 24.49 -25.24
C VAL C 167 28.71 24.32 -26.48
N THR C 168 28.31 23.09 -26.81
CA THR C 168 27.49 22.87 -27.99
C THR C 168 26.11 23.49 -27.80
N ASN C 169 25.55 23.41 -26.58
CA ASN C 169 24.23 23.99 -26.34
C ASN C 169 24.23 25.49 -26.59
N VAL C 170 25.36 26.16 -26.35
CA VAL C 170 25.43 27.60 -26.59
C VAL C 170 25.35 27.89 -28.09
N ILE C 171 26.23 27.27 -28.87
CA ILE C 171 26.22 27.48 -30.32
C ILE C 171 25.00 26.81 -30.95
N CYS C 172 24.46 25.76 -30.33
CA CYS C 172 23.28 25.12 -30.88
C CYS C 172 22.02 25.96 -30.66
N ALA C 173 21.99 26.74 -29.57
CA ALA C 173 20.88 27.68 -29.36
C ALA C 173 20.97 28.85 -30.33
N ILE C 174 22.19 29.26 -30.69
CA ILE C 174 22.37 30.36 -31.62
C ILE C 174 22.01 29.93 -33.04
N CYS C 175 22.17 28.64 -33.34
CA CYS C 175 21.97 28.15 -34.70
C CYS C 175 20.60 27.49 -34.90
N PHE C 176 20.07 26.81 -33.89
CA PHE C 176 18.83 26.06 -34.05
C PHE C 176 17.81 26.28 -32.94
N GLY C 177 18.08 27.15 -31.97
CA GLY C 177 17.13 27.42 -30.91
C GLY C 177 16.74 26.22 -30.09
N ARG C 178 17.69 25.34 -29.83
CA ARG C 178 17.46 24.09 -29.11
C ARG C 178 18.62 23.83 -28.18
N ARG C 179 18.36 23.13 -27.08
CA ARG C 179 19.40 22.62 -26.21
C ARG C 179 19.14 21.14 -25.97
N TYR C 180 20.17 20.46 -25.47
CA TYR C 180 20.14 19.01 -25.28
C TYR C 180 20.62 18.66 -23.88
N ASP C 181 20.22 17.47 -23.41
CA ASP C 181 20.66 16.97 -22.11
C ASP C 181 22.07 16.41 -22.21
N HIS C 182 22.78 16.44 -21.08
CA HIS C 182 24.16 15.98 -21.02
C HIS C 182 24.34 14.50 -21.35
N ASN C 183 23.25 13.74 -21.47
CA ASN C 183 23.34 12.34 -21.86
C ASN C 183 22.57 12.06 -23.15
N HIS C 184 22.19 13.09 -23.89
CA HIS C 184 21.48 12.90 -25.15
C HIS C 184 22.35 12.05 -26.07
N GLN C 185 21.79 10.92 -26.52
CA GLN C 185 22.61 9.97 -27.26
C GLN C 185 22.89 10.43 -28.68
N GLU C 186 21.96 11.16 -29.32
CA GLU C 186 22.19 11.66 -30.67
C GLU C 186 23.35 12.64 -30.70
N LEU C 187 23.34 13.63 -29.80
CA LEU C 187 24.37 14.66 -29.79
C LEU C 187 25.74 14.05 -29.51
N LEU C 188 25.86 13.31 -28.42
CA LEU C 188 27.15 12.69 -28.08
C LEU C 188 27.67 11.85 -29.24
N SER C 189 26.78 11.21 -29.99
CA SER C 189 27.20 10.48 -31.18
C SER C 189 27.71 11.41 -32.27
N LEU C 190 27.43 12.71 -32.16
CA LEU C 190 27.82 13.68 -33.17
C LEU C 190 29.09 14.45 -32.81
N VAL C 191 29.23 14.87 -31.56
CA VAL C 191 30.32 15.75 -31.16
C VAL C 191 31.37 15.08 -30.29
N ASN C 192 31.13 13.84 -29.84
CA ASN C 192 32.05 13.15 -28.94
C ASN C 192 32.10 11.66 -29.27
N LEU C 193 32.09 11.31 -30.54
CA LEU C 193 32.18 9.91 -30.96
C LEU C 193 33.04 9.84 -32.22
N ASN C 194 34.30 9.41 -32.06
CA ASN C 194 35.20 9.19 -33.18
C ASN C 194 35.25 10.43 -34.07
N ASN C 195 35.69 11.54 -33.47
CA ASN C 195 35.77 12.82 -34.16
C ASN C 195 37.24 13.08 -34.51
N ASN C 196 37.62 12.65 -35.70
CA ASN C 196 38.96 12.88 -36.22
C ASN C 196 38.98 14.00 -37.26
N PHE C 197 37.98 14.88 -37.22
CA PHE C 197 37.91 15.96 -38.19
C PHE C 197 39.20 16.77 -38.18
N GLY C 198 39.63 17.19 -36.99
CA GLY C 198 40.84 18.00 -36.90
C GLY C 198 42.07 17.24 -37.38
N GLU C 199 42.12 15.93 -37.15
CA GLU C 199 43.29 15.15 -37.53
C GLU C 199 43.41 15.01 -39.04
N VAL C 200 42.27 14.95 -39.75
CA VAL C 200 42.31 14.76 -41.20
C VAL C 200 42.49 16.09 -41.92
N VAL C 201 41.88 17.16 -41.43
CA VAL C 201 41.94 18.45 -42.10
C VAL C 201 43.18 19.25 -41.74
N GLY C 202 43.90 18.85 -40.70
CA GLY C 202 45.13 19.53 -40.33
C GLY C 202 46.08 19.69 -41.49
N SER C 203 46.65 20.89 -41.63
CA SER C 203 47.53 21.19 -42.75
C SER C 203 48.62 20.14 -42.88
N GLY C 204 48.80 19.63 -44.09
CA GLY C 204 49.83 18.66 -44.35
C GLY C 204 49.36 17.22 -44.43
N ASN C 205 48.06 16.99 -44.47
CA ASN C 205 47.56 15.62 -44.57
C ASN C 205 48.12 14.97 -45.82
N PRO C 206 48.92 13.89 -45.69
CA PRO C 206 49.51 13.29 -46.90
C PRO C 206 48.49 12.86 -47.94
N ALA C 207 47.26 12.51 -47.52
CA ALA C 207 46.26 12.06 -48.48
C ALA C 207 45.98 13.11 -49.54
N ASP C 208 46.17 14.39 -49.20
CA ASP C 208 45.90 15.49 -50.11
C ASP C 208 46.95 15.66 -51.19
N PHE C 209 48.14 15.11 -50.99
CA PHE C 209 49.26 15.32 -51.90
C PHE C 209 49.84 14.03 -52.48
N ILE C 210 49.45 12.87 -51.97
CA ILE C 210 49.86 11.58 -52.52
C ILE C 210 48.62 10.93 -53.13
N PRO C 211 48.44 11.01 -54.45
CA PRO C 211 47.15 10.61 -55.02
C PRO C 211 46.74 9.18 -54.74
N ILE C 212 47.70 8.27 -54.56
CA ILE C 212 47.34 6.86 -54.43
C ILE C 212 46.71 6.57 -53.07
N LEU C 213 47.05 7.36 -52.04
CA LEU C 213 46.50 7.11 -50.70
C LEU C 213 44.98 7.27 -50.64
N ARG C 214 44.39 7.99 -51.60
CA ARG C 214 42.94 8.18 -51.60
C ARG C 214 42.16 6.92 -51.91
N TYR C 215 42.77 5.96 -52.62
CA TYR C 215 42.06 4.76 -53.07
C TYR C 215 42.42 3.51 -52.28
N LEU C 216 43.45 3.55 -51.44
CA LEU C 216 43.81 2.40 -50.63
C LEU C 216 42.95 2.33 -49.37
N PRO C 217 42.92 1.17 -48.71
CA PRO C 217 42.21 1.07 -47.43
C PRO C 217 42.65 2.13 -46.43
N ASN C 218 41.75 3.06 -46.10
CA ASN C 218 42.08 4.19 -45.24
C ASN C 218 41.01 4.32 -44.16
N PRO C 219 41.24 3.74 -42.97
CA PRO C 219 40.21 3.86 -41.92
C PRO C 219 39.99 5.30 -41.44
N SER C 220 41.04 6.11 -41.31
CA SER C 220 40.89 7.49 -40.89
C SER C 220 40.03 8.27 -41.88
N LEU C 221 40.27 8.04 -43.18
CA LEU C 221 39.52 8.81 -44.18
C LEU C 221 38.09 8.33 -44.30
N ASN C 222 37.81 7.06 -44.00
CA ASN C 222 36.43 6.59 -44.03
C ASN C 222 35.62 7.21 -42.91
N ALA C 223 36.16 7.22 -41.68
CA ALA C 223 35.47 7.86 -40.57
C ALA C 223 35.20 9.33 -40.87
N PHE C 224 36.05 9.95 -41.68
CA PHE C 224 35.87 11.35 -42.05
C PHE C 224 34.70 11.51 -43.01
N LYS C 225 34.56 10.58 -43.97
CA LYS C 225 33.43 10.62 -44.89
C LYS C 225 32.11 10.40 -44.15
N ASP C 226 32.06 9.38 -43.28
CA ASP C 226 30.85 9.12 -42.51
C ASP C 226 30.56 10.26 -41.53
N LEU C 227 31.60 10.89 -40.99
CA LEU C 227 31.41 11.99 -40.06
C LEU C 227 30.71 13.16 -40.74
N ASN C 228 31.07 13.44 -42.00
CA ASN C 228 30.46 14.54 -42.71
C ASN C 228 29.03 14.20 -43.14
N GLU C 229 28.81 12.97 -43.60
CA GLU C 229 27.44 12.55 -43.90
C GLU C 229 26.56 12.60 -42.67
N LYS C 230 27.11 12.30 -41.50
CA LYS C 230 26.34 12.40 -40.26
C LYS C 230 25.96 13.85 -39.99
N PHE C 231 26.92 14.77 -40.13
CA PHE C 231 26.66 16.19 -39.88
C PHE C 231 25.73 16.77 -40.94
N TYR C 232 25.84 16.31 -42.18
CA TYR C 232 24.97 16.83 -43.23
C TYR C 232 23.54 16.34 -43.04
N SER C 233 23.37 15.10 -42.57
CA SER C 233 22.03 14.60 -42.27
C SER C 233 21.41 15.37 -41.10
N PHE C 234 22.21 15.66 -40.07
CA PHE C 234 21.71 16.45 -38.95
C PHE C 234 21.31 17.84 -39.42
N MET C 235 22.10 18.47 -40.28
CA MET C 235 21.73 19.77 -40.83
C MET C 235 20.39 19.71 -41.56
N GLN C 236 20.21 18.72 -42.44
CA GLN C 236 18.96 18.60 -43.17
C GLN C 236 17.78 18.44 -42.23
N LYS C 237 17.90 17.52 -41.26
CA LYS C 237 16.84 17.32 -40.28
C LYS C 237 16.41 18.63 -39.63
N MET C 238 17.38 19.46 -39.25
CA MET C 238 17.07 20.68 -38.50
C MET C 238 16.44 21.75 -39.37
N VAL C 239 16.73 21.75 -40.67
CA VAL C 239 16.18 22.76 -41.56
C VAL C 239 14.72 22.45 -41.88
N LYS C 240 14.41 21.18 -42.13
CA LYS C 240 13.02 20.80 -42.39
C LYS C 240 12.15 21.12 -41.17
N GLU C 241 12.60 20.72 -39.98
CA GLU C 241 11.84 21.00 -38.76
C GLU C 241 11.63 22.49 -38.57
N HIS C 242 12.58 23.33 -38.98
CA HIS C 242 12.43 24.77 -38.84
C HIS C 242 11.47 25.35 -39.88
N TYR C 243 11.47 24.80 -41.10
CA TYR C 243 10.57 25.30 -42.14
C TYR C 243 9.12 25.07 -41.76
N LYS C 244 8.80 23.90 -41.18
CA LYS C 244 7.43 23.59 -40.82
C LYS C 244 6.87 24.62 -39.83
N THR C 245 7.72 25.17 -38.97
CA THR C 245 7.30 26.12 -37.95
C THR C 245 7.84 27.52 -38.21
N PHE C 246 8.07 27.87 -39.48
CA PHE C 246 8.66 29.15 -39.83
C PHE C 246 7.62 30.26 -39.87
N GLU C 247 7.86 31.33 -39.13
CA GLU C 247 7.02 32.53 -39.17
C GLU C 247 7.86 33.68 -39.72
N LYS C 248 7.37 34.30 -40.80
CA LYS C 248 8.19 35.25 -41.54
C LYS C 248 8.66 36.41 -40.67
N GLY C 249 7.83 36.83 -39.71
CA GLY C 249 8.12 37.95 -38.84
C GLY C 249 8.70 37.63 -37.48
N HIS C 250 9.01 36.37 -37.20
CA HIS C 250 9.56 35.93 -35.91
C HIS C 250 10.75 35.04 -36.25
N ILE C 251 11.92 35.66 -36.44
CA ILE C 251 13.15 34.96 -36.73
C ILE C 251 13.79 34.53 -35.41
N ARG C 252 13.92 33.22 -35.21
CA ARG C 252 14.34 32.68 -33.92
C ARG C 252 15.84 32.46 -33.82
N ASP C 253 16.52 32.19 -34.94
CA ASP C 253 17.92 31.80 -34.88
C ASP C 253 18.55 32.00 -36.25
N ILE C 254 19.81 31.58 -36.39
CA ILE C 254 20.54 31.74 -37.66
C ILE C 254 19.90 30.89 -38.75
N THR C 255 19.39 29.71 -38.41
CA THR C 255 18.75 28.87 -39.41
C THR C 255 17.57 29.61 -40.05
N ASP C 256 16.79 30.35 -39.25
CA ASP C 256 15.66 31.10 -39.79
C ASP C 256 16.12 32.26 -40.66
N SER C 257 17.10 33.05 -40.18
CA SER C 257 17.57 34.20 -40.94
C SER C 257 18.16 33.79 -42.29
N LEU C 258 18.62 32.53 -42.41
CA LEU C 258 19.08 32.02 -43.70
C LEU C 258 17.91 31.51 -44.54
N ILE C 259 16.92 30.90 -43.90
CA ILE C 259 15.69 30.53 -44.60
C ILE C 259 15.01 31.77 -45.16
N GLU C 260 14.99 32.86 -44.39
CA GLU C 260 14.43 34.12 -44.88
C GLU C 260 15.17 34.61 -46.11
N HIS C 261 16.50 34.43 -46.15
CA HIS C 261 17.28 34.93 -47.28
C HIS C 261 17.06 34.09 -48.52
N CYS C 262 16.70 32.81 -48.35
CA CYS C 262 16.36 31.97 -49.50
C CYS C 262 15.10 32.47 -50.19
N GLN C 263 14.23 33.16 -49.47
CA GLN C 263 13.04 33.74 -50.09
C GLN C 263 13.43 34.96 -50.93
N GLU C 264 14.27 35.83 -50.37
CA GLU C 264 14.75 37.01 -51.07
C GLU C 264 15.65 36.58 -52.23
N SER C 276 23.02 29.79 -54.28
CA SER C 276 22.05 28.70 -54.31
C SER C 276 21.48 28.46 -52.91
N ASP C 277 20.35 27.76 -52.84
CA ASP C 277 19.77 27.43 -51.54
C ASP C 277 20.71 26.60 -50.68
N GLU C 278 21.44 25.66 -51.30
CA GLU C 278 22.33 24.79 -50.54
C GLU C 278 23.50 25.58 -49.96
N LYS C 279 24.11 26.45 -50.77
CA LYS C 279 25.25 27.22 -50.31
C LYS C 279 24.86 28.30 -49.30
N ILE C 280 23.59 28.66 -49.23
CA ILE C 280 23.12 29.59 -48.22
C ILE C 280 22.77 28.89 -46.90
N ILE C 281 22.28 27.66 -46.97
CA ILE C 281 21.82 26.96 -45.77
C ILE C 281 22.99 26.32 -45.02
N ASN C 282 23.91 25.67 -45.73
CA ASN C 282 25.00 24.95 -45.06
C ASN C 282 25.98 25.89 -44.37
N ILE C 283 25.78 27.20 -44.43
CA ILE C 283 26.61 28.12 -43.66
C ILE C 283 26.49 27.83 -42.17
N VAL C 284 25.26 27.52 -41.71
CA VAL C 284 25.05 27.23 -40.31
C VAL C 284 25.89 26.03 -39.89
N LEU C 285 26.14 25.10 -40.81
CA LEU C 285 26.94 23.92 -40.51
C LEU C 285 28.40 24.30 -40.31
N ASP C 286 28.93 25.21 -41.13
CA ASP C 286 30.27 25.71 -40.92
C ASP C 286 30.39 26.43 -39.58
N LEU C 287 29.31 27.11 -39.16
CA LEU C 287 29.30 27.80 -37.88
C LEU C 287 29.15 26.83 -36.73
N PHE C 288 28.27 25.83 -36.87
CA PHE C 288 28.04 24.87 -35.80
C PHE C 288 29.30 24.05 -35.53
N GLY C 289 29.91 23.50 -36.58
CA GLY C 289 31.09 22.70 -36.37
C GLY C 289 32.22 23.48 -35.74
N ALA C 290 32.46 24.69 -36.23
CA ALA C 290 33.52 25.51 -35.65
C ALA C 290 33.18 25.96 -34.24
N GLY C 291 31.90 26.23 -33.97
CA GLY C 291 31.53 26.75 -32.67
C GLY C 291 31.72 25.75 -31.55
N PHE C 292 31.34 24.49 -31.78
CA PHE C 292 31.42 23.50 -30.71
C PHE C 292 32.84 22.96 -30.56
N ASP C 293 33.55 22.76 -31.67
CA ASP C 293 34.83 22.05 -31.63
C ASP C 293 35.93 22.96 -31.09
N THR C 294 36.05 24.18 -31.61
CA THR C 294 37.16 25.04 -31.24
C THR C 294 37.00 25.60 -29.83
N VAL C 295 35.78 25.96 -29.45
CA VAL C 295 35.58 26.50 -28.11
C VAL C 295 35.70 25.39 -27.06
N THR C 296 35.20 24.20 -27.38
CA THR C 296 35.33 23.08 -26.45
C THR C 296 36.79 22.74 -26.20
N THR C 297 37.62 22.77 -27.24
CA THR C 297 39.03 22.51 -27.06
C THR C 297 39.69 23.59 -26.21
N ALA C 298 39.28 24.84 -26.40
CA ALA C 298 39.88 25.95 -25.67
C ALA C 298 39.57 25.86 -24.19
N ILE C 299 38.31 25.61 -23.84
CA ILE C 299 37.93 25.48 -22.44
C ILE C 299 38.57 24.23 -21.85
N SER C 300 38.67 23.15 -22.64
CA SER C 300 39.32 21.94 -22.17
C SER C 300 40.78 22.21 -21.84
N TRP C 301 41.51 22.86 -22.75
CA TRP C 301 42.89 23.20 -22.47
C TRP C 301 43.00 24.10 -21.24
N SER C 302 42.07 25.03 -21.08
CA SER C 302 42.09 25.91 -19.91
C SER C 302 42.01 25.09 -18.63
N LEU C 303 41.10 24.12 -18.58
CA LEU C 303 40.94 23.32 -17.37
C LEU C 303 42.20 22.51 -17.09
N MET C 304 42.85 22.01 -18.14
CA MET C 304 44.09 21.27 -17.94
C MET C 304 45.15 22.18 -17.32
N TYR C 305 45.29 23.41 -17.81
CA TYR C 305 46.28 24.32 -17.25
C TYR C 305 45.92 24.75 -15.83
N LEU C 306 44.62 24.98 -15.57
CA LEU C 306 44.20 25.35 -14.23
C LEU C 306 44.53 24.24 -13.23
N VAL C 307 44.43 22.99 -13.66
CA VAL C 307 44.68 21.86 -12.78
C VAL C 307 46.18 21.61 -12.61
N MET C 308 46.96 21.82 -13.66
CA MET C 308 48.41 21.64 -13.57
C MET C 308 49.12 22.85 -12.97
N ASN C 309 48.43 23.97 -12.81
CA ASN C 309 49.01 25.18 -12.23
C ASN C 309 48.02 25.76 -11.23
N PRO C 310 47.83 25.09 -10.09
CA PRO C 310 46.89 25.62 -9.10
C PRO C 310 47.21 27.03 -8.67
N ARG C 311 48.49 27.44 -8.75
CA ARG C 311 48.87 28.81 -8.42
C ARG C 311 48.06 29.82 -9.21
N VAL C 312 47.88 29.58 -10.51
CA VAL C 312 47.15 30.55 -11.33
C VAL C 312 45.66 30.48 -11.05
N GLN C 313 45.16 29.33 -10.59
CA GLN C 313 43.73 29.18 -10.40
C GLN C 313 43.25 30.01 -9.20
N ARG C 314 44.05 30.09 -8.13
CA ARG C 314 43.64 30.90 -6.99
C ARG C 314 43.76 32.39 -7.30
N LYS C 315 44.79 32.79 -8.06
CA LYS C 315 44.91 34.19 -8.45
C LYS C 315 43.70 34.63 -9.25
N ILE C 316 43.15 33.73 -10.08
CA ILE C 316 41.91 34.03 -10.79
C ILE C 316 40.75 34.13 -9.82
N GLN C 317 40.67 33.19 -8.86
CA GLN C 317 39.61 33.23 -7.89
C GLN C 317 39.74 34.43 -6.97
N GLU C 318 40.97 34.76 -6.56
CA GLU C 318 41.20 35.93 -5.72
C GLU C 318 40.82 37.21 -6.45
N GLU C 319 41.11 37.28 -7.75
CA GLU C 319 40.70 38.47 -8.50
C GLU C 319 39.19 38.54 -8.62
N LEU C 320 38.53 37.40 -8.85
CA LEU C 320 37.07 37.40 -8.93
C LEU C 320 36.46 37.86 -7.61
N ASP C 321 36.99 37.38 -6.49
CA ASP C 321 36.47 37.77 -5.18
C ASP C 321 36.76 39.24 -4.90
N THR C 322 37.97 39.71 -5.24
CA THR C 322 38.34 41.09 -4.96
C THR C 322 37.55 42.07 -5.81
N VAL C 323 37.36 41.75 -7.09
CA VAL C 323 36.74 42.68 -8.02
C VAL C 323 35.22 42.54 -8.11
N ILE C 324 34.66 41.41 -7.67
CA ILE C 324 33.22 41.19 -7.81
C ILE C 324 32.63 40.69 -6.50
N GLY C 325 33.32 39.76 -5.85
CA GLY C 325 32.77 39.15 -4.66
C GLY C 325 31.75 38.12 -5.04
N ARG C 326 31.27 37.38 -4.04
CA ARG C 326 30.33 36.30 -4.25
C ARG C 326 28.87 36.75 -4.12
N SER C 327 28.62 38.05 -4.29
CA SER C 327 27.27 38.57 -4.16
C SER C 327 26.44 38.39 -5.42
N ARG C 328 27.10 38.26 -6.56
CA ARG C 328 26.41 38.10 -7.84
C ARG C 328 27.30 37.33 -8.81
N ARG C 329 26.67 36.77 -9.84
CA ARG C 329 27.41 36.08 -10.88
C ARG C 329 28.15 37.08 -11.75
N PRO C 330 29.33 36.72 -12.27
CA PRO C 330 30.03 37.62 -13.19
C PRO C 330 29.23 37.85 -14.47
N ARG C 331 29.53 38.98 -15.11
CA ARG C 331 28.84 39.41 -16.31
C ARG C 331 29.88 39.91 -17.31
N LEU C 332 29.45 40.01 -18.58
CA LEU C 332 30.35 40.44 -19.63
C LEU C 332 30.93 41.82 -19.34
N SER C 333 30.15 42.69 -18.69
CA SER C 333 30.64 44.02 -18.35
C SER C 333 31.86 43.96 -17.44
N ASP C 334 32.05 42.86 -16.72
CA ASP C 334 33.19 42.75 -15.82
C ASP C 334 34.46 42.29 -16.52
N ARG C 335 34.38 41.91 -17.80
CA ARG C 335 35.55 41.41 -18.49
C ARG C 335 36.68 42.45 -18.48
N SER C 336 36.31 43.72 -18.66
CA SER C 336 37.32 44.77 -18.73
C SER C 336 38.05 44.97 -17.40
N HIS C 337 37.46 44.52 -16.30
CA HIS C 337 38.01 44.75 -14.97
C HIS C 337 38.64 43.49 -14.37
N LEU C 338 38.88 42.47 -15.18
CA LEU C 338 39.52 41.23 -14.76
C LEU C 338 40.78 41.02 -15.59
N PRO C 339 41.82 41.81 -15.33
CA PRO C 339 43.03 41.68 -16.15
C PRO C 339 43.74 40.35 -16.00
N TYR C 340 43.68 39.70 -14.83
CA TYR C 340 44.37 38.43 -14.68
C TYR C 340 43.62 37.29 -15.36
N MET C 341 42.29 37.35 -15.39
CA MET C 341 41.52 36.41 -16.19
C MET C 341 41.94 36.50 -17.65
N GLU C 342 42.08 37.74 -18.17
CA GLU C 342 42.49 37.92 -19.55
C GLU C 342 43.92 37.45 -19.77
N ALA C 343 44.81 37.69 -18.81
CA ALA C 343 46.19 37.23 -18.93
C ALA C 343 46.25 35.71 -18.98
N PHE C 344 45.38 35.04 -18.23
CA PHE C 344 45.34 33.58 -18.24
C PHE C 344 44.83 33.05 -19.57
N ILE C 345 43.74 33.62 -20.08
CA ILE C 345 43.18 33.16 -21.35
C ILE C 345 44.16 33.41 -22.49
N LEU C 346 44.85 34.54 -22.46
CA LEU C 346 45.85 34.82 -23.49
C LEU C 346 46.96 33.79 -23.47
N GLU C 347 47.44 33.44 -22.27
CA GLU C 347 48.53 32.47 -22.17
C GLU C 347 48.07 31.07 -22.51
N THR C 348 46.78 30.79 -22.36
CA THR C 348 46.24 29.52 -22.84
C THR C 348 46.28 29.45 -24.36
N PHE C 349 45.87 30.53 -25.03
CA PHE C 349 45.97 30.60 -26.48
C PHE C 349 47.42 30.53 -26.94
N ARG C 350 48.31 31.22 -26.23
CA ARG C 350 49.70 31.31 -26.69
C ARG C 350 50.44 29.99 -26.49
N HIS C 351 50.42 29.47 -25.26
CA HIS C 351 51.21 28.29 -24.95
C HIS C 351 50.69 27.06 -25.68
N SER C 352 49.36 26.87 -25.68
CA SER C 352 48.80 25.70 -26.36
C SER C 352 48.86 25.86 -27.87
N SER C 353 48.56 27.06 -28.36
CA SER C 353 48.44 27.29 -29.80
C SER C 353 47.65 26.17 -30.47
N PHE C 354 46.55 25.77 -29.81
CA PHE C 354 45.83 24.57 -30.25
C PHE C 354 45.29 24.71 -31.67
N VAL C 355 45.45 25.87 -32.29
CA VAL C 355 45.27 26.01 -33.73
C VAL C 355 46.62 26.40 -34.32
N PRO C 356 47.52 25.43 -34.57
CA PRO C 356 48.89 25.80 -34.98
C PRO C 356 48.97 26.39 -36.37
N PHE C 357 48.17 25.90 -37.31
CA PHE C 357 48.10 26.46 -38.65
C PHE C 357 46.69 26.99 -38.89
N THR C 358 46.60 28.05 -39.69
CA THR C 358 45.32 28.40 -40.24
C THR C 358 44.90 27.31 -41.22
N ILE C 359 43.65 27.38 -41.67
CA ILE C 359 43.29 26.55 -42.82
C ILE C 359 44.23 26.91 -43.96
N PRO C 360 44.70 25.94 -44.76
CA PRO C 360 45.62 26.29 -45.85
C PRO C 360 45.05 27.38 -46.73
N HIS C 361 45.93 28.29 -47.16
CA HIS C 361 45.57 29.36 -48.06
C HIS C 361 46.04 29.05 -49.48
N SER C 362 45.65 29.92 -50.42
CA SER C 362 46.05 29.78 -51.80
C SER C 362 46.03 31.16 -52.45
N THR C 363 47.02 31.41 -53.30
CA THR C 363 47.14 32.69 -53.99
C THR C 363 46.18 32.76 -55.16
N THR C 364 45.51 33.91 -55.29
CA THR C 364 44.56 34.13 -56.37
C THR C 364 45.19 34.63 -57.67
N ARG C 365 46.47 34.97 -57.65
CA ARG C 365 47.18 35.48 -58.83
C ARG C 365 48.65 35.58 -58.51
N ASP C 366 49.47 35.63 -59.56
CA ASP C 366 50.90 35.86 -59.39
C ASP C 366 51.11 37.09 -58.51
N THR C 367 51.96 36.94 -57.49
CA THR C 367 52.24 38.02 -56.56
C THR C 367 53.64 37.83 -56.00
N SER C 368 54.07 38.79 -55.18
CA SER C 368 55.37 38.73 -54.52
C SER C 368 55.24 39.10 -53.05
N LEU C 369 56.16 38.61 -52.25
CA LEU C 369 56.14 38.80 -50.80
C LEU C 369 57.57 38.80 -50.30
N LYS C 370 58.00 39.92 -49.72
CA LYS C 370 59.35 40.06 -49.19
C LYS C 370 60.42 39.74 -50.23
N GLY C 371 60.10 39.98 -51.50
CA GLY C 371 61.05 39.78 -52.57
C GLY C 371 61.04 38.41 -53.22
N PHE C 372 60.02 37.59 -52.95
CA PHE C 372 59.93 36.25 -53.49
C PHE C 372 58.72 36.14 -54.42
N TYR C 373 58.88 35.39 -55.51
CA TYR C 373 57.82 35.19 -56.48
C TYR C 373 56.96 33.99 -56.10
N ILE C 374 55.65 34.18 -56.16
CA ILE C 374 54.68 33.12 -55.83
C ILE C 374 53.62 33.07 -56.92
N PRO C 375 53.57 32.02 -57.74
CA PRO C 375 52.62 31.98 -58.84
C PRO C 375 51.18 31.76 -58.35
N LYS C 376 50.25 31.90 -59.30
CA LYS C 376 48.84 31.66 -59.02
C LYS C 376 48.61 30.20 -58.71
N GLY C 377 47.73 29.93 -57.74
CA GLY C 377 47.40 28.57 -57.39
C GLY C 377 48.32 27.89 -56.41
N ARG C 378 49.28 28.61 -55.84
CA ARG C 378 50.22 28.03 -54.89
C ARG C 378 49.56 27.82 -53.53
N CYS C 379 49.65 26.60 -53.01
CA CYS C 379 49.15 26.30 -51.68
C CYS C 379 50.03 26.94 -50.62
N VAL C 380 49.39 27.53 -49.60
CA VAL C 380 50.10 28.32 -48.60
C VAL C 380 49.68 27.86 -47.20
N PHE C 381 50.68 27.57 -46.36
CA PHE C 381 50.46 27.28 -44.95
C PHE C 381 50.88 28.48 -44.12
N VAL C 382 50.08 28.80 -43.10
CA VAL C 382 50.36 29.93 -42.21
C VAL C 382 50.59 29.37 -40.82
N ASN C 383 51.81 29.51 -40.30
CA ASN C 383 52.22 28.87 -39.05
C ASN C 383 52.05 29.82 -37.88
N GLN C 384 50.85 29.78 -37.26
CA GLN C 384 50.60 30.57 -36.07
C GLN C 384 51.40 30.06 -34.88
N TRP C 385 51.65 28.75 -34.81
CA TRP C 385 52.42 28.20 -33.70
C TRP C 385 53.79 28.85 -33.62
N GLN C 386 54.41 29.14 -34.78
CA GLN C 386 55.74 29.73 -34.77
C GLN C 386 55.74 31.10 -34.09
N ILE C 387 54.70 31.89 -34.34
CA ILE C 387 54.62 33.22 -33.73
C ILE C 387 54.52 33.11 -32.22
N ASN C 388 53.56 32.31 -31.75
CA ASN C 388 53.26 32.22 -30.33
C ASN C 388 54.40 31.61 -29.53
N HIS C 389 55.40 31.02 -30.19
CA HIS C 389 56.54 30.43 -29.49
C HIS C 389 57.87 31.01 -29.94
N ASP C 390 57.86 32.11 -30.69
CA ASP C 390 59.09 32.73 -31.17
C ASP C 390 59.93 33.23 -30.00
N GLN C 391 61.19 32.80 -29.97
CA GLN C 391 62.10 33.25 -28.92
C GLN C 391 62.31 34.76 -28.96
N LYS C 392 62.12 35.38 -30.12
CA LYS C 392 62.35 36.80 -30.27
C LYS C 392 61.34 37.63 -29.48
N LEU C 393 60.09 37.16 -29.41
CA LEU C 393 59.00 37.95 -28.85
C LEU C 393 58.70 37.61 -27.39
N TRP C 394 58.97 36.39 -26.96
CA TRP C 394 58.62 35.95 -25.61
C TRP C 394 59.87 35.51 -24.86
N VAL C 395 59.84 35.68 -23.55
CA VAL C 395 61.00 35.40 -22.71
C VAL C 395 61.25 33.90 -22.66
N ASN C 396 60.36 33.16 -21.99
CA ASN C 396 60.43 31.71 -21.89
C ASN C 396 59.20 31.12 -22.56
N PRO C 397 59.22 30.95 -23.88
CA PRO C 397 58.00 30.54 -24.60
C PRO C 397 57.44 29.21 -24.16
N SER C 398 58.28 28.31 -23.64
CA SER C 398 57.85 26.97 -23.27
C SER C 398 57.24 26.90 -21.88
N GLU C 399 57.21 27.99 -21.12
CA GLU C 399 56.62 28.02 -19.79
C GLU C 399 55.25 28.68 -19.84
N PHE C 400 54.33 28.20 -19.02
CA PHE C 400 52.99 28.78 -18.89
C PHE C 400 53.04 29.83 -17.78
N LEU C 401 53.14 31.10 -18.16
CA LEU C 401 53.29 32.19 -17.21
C LEU C 401 52.39 33.34 -17.63
N PRO C 402 51.14 33.34 -17.15
CA PRO C 402 50.22 34.44 -17.52
C PRO C 402 50.72 35.82 -17.10
N GLU C 403 51.59 35.90 -16.10
CA GLU C 403 52.07 37.20 -15.64
C GLU C 403 52.85 37.97 -16.70
N ARG C 404 53.24 37.31 -17.80
CA ARG C 404 53.98 38.00 -18.86
C ARG C 404 53.11 39.04 -19.56
N PHE C 405 51.79 38.90 -19.49
CA PHE C 405 50.86 39.86 -20.07
C PHE C 405 50.43 40.93 -19.06
N LEU C 406 51.06 40.98 -17.90
CA LEU C 406 50.68 41.90 -16.84
C LEU C 406 51.73 42.99 -16.67
N THR C 407 51.26 44.22 -16.51
CA THR C 407 52.13 45.33 -16.18
C THR C 407 52.53 45.20 -14.70
N PRO C 408 53.50 46.00 -14.25
CA PRO C 408 53.84 45.96 -12.82
C PRO C 408 52.67 46.29 -11.91
N ASP C 409 51.72 47.11 -12.36
CA ASP C 409 50.55 47.49 -11.55
C ASP C 409 49.38 46.54 -11.71
N GLY C 410 49.53 45.47 -12.49
CA GLY C 410 48.50 44.46 -12.63
C GLY C 410 47.54 44.63 -13.80
N ALA C 411 47.85 45.48 -14.76
CA ALA C 411 47.02 45.65 -15.94
C ALA C 411 47.62 44.91 -17.13
N ILE C 412 46.80 44.68 -18.15
CA ILE C 412 47.25 43.95 -19.33
C ILE C 412 48.12 44.84 -20.18
N ASP C 413 49.28 44.33 -20.60
CA ASP C 413 50.14 45.00 -21.58
C ASP C 413 49.57 44.68 -22.95
N LYS C 414 48.75 45.60 -23.49
CA LYS C 414 48.10 45.35 -24.77
C LYS C 414 49.08 45.29 -25.93
N VAL C 415 50.24 45.95 -25.81
CA VAL C 415 51.23 45.87 -26.88
C VAL C 415 51.72 44.44 -27.03
N LEU C 416 51.88 43.72 -25.91
CA LEU C 416 52.34 42.34 -25.96
C LEU C 416 51.20 41.37 -26.25
N SER C 417 49.99 41.67 -25.76
CA SER C 417 48.85 40.79 -25.99
C SER C 417 48.45 40.76 -27.46
N GLU C 418 48.67 41.84 -28.20
CA GLU C 418 48.30 41.88 -29.61
C GLU C 418 49.22 41.04 -30.48
N LYS C 419 50.30 40.51 -29.92
CA LYS C 419 51.22 39.62 -30.63
C LYS C 419 50.85 38.15 -30.46
N VAL C 420 49.73 37.85 -29.80
CA VAL C 420 49.23 36.49 -29.67
C VAL C 420 48.30 36.24 -30.85
N ILE C 421 48.80 35.52 -31.86
CA ILE C 421 48.07 35.24 -33.08
C ILE C 421 47.50 33.83 -32.96
N ILE C 422 46.17 33.72 -33.02
CA ILE C 422 45.54 32.39 -33.03
C ILE C 422 44.23 32.41 -33.82
N PHE C 423 43.74 33.59 -34.19
CA PHE C 423 42.50 33.71 -34.94
C PHE C 423 42.72 34.05 -36.41
N GLY C 424 43.96 34.15 -36.86
CA GLY C 424 44.23 34.48 -38.25
C GLY C 424 44.25 35.97 -38.49
N MET C 425 44.30 36.32 -39.79
CA MET C 425 44.36 37.72 -40.20
C MET C 425 43.70 37.88 -41.56
N GLY C 426 43.22 39.09 -41.81
CA GLY C 426 42.82 39.48 -43.15
C GLY C 426 41.48 38.92 -43.57
N LYS C 427 41.37 38.68 -44.88
CA LYS C 427 40.09 38.36 -45.48
C LYS C 427 39.54 37.02 -44.99
N ARG C 428 40.40 36.15 -44.48
CA ARG C 428 40.00 34.82 -44.01
C ARG C 428 40.06 34.68 -42.49
N LYS C 429 40.18 35.78 -41.76
CA LYS C 429 40.27 35.69 -40.31
C LYS C 429 38.98 35.09 -39.74
N CYS C 430 39.08 34.62 -38.49
CA CYS C 430 37.94 34.04 -37.79
C CYS C 430 36.79 35.05 -37.70
N ILE C 431 35.57 34.58 -37.98
CA ILE C 431 34.39 35.42 -37.87
C ILE C 431 33.67 35.27 -36.54
N GLY C 432 34.08 34.32 -35.71
CA GLY C 432 33.53 34.18 -34.37
C GLY C 432 34.53 34.54 -33.30
N GLU C 433 35.50 35.41 -33.64
CA GLU C 433 36.53 35.78 -32.68
C GLU C 433 35.91 36.43 -31.44
N THR C 434 35.04 37.41 -31.63
CA THR C 434 34.41 38.07 -30.50
C THR C 434 33.57 37.08 -29.69
N ILE C 435 32.82 36.21 -30.37
CA ILE C 435 31.99 35.23 -29.67
C ILE C 435 32.87 34.29 -28.84
N ALA C 436 33.95 33.79 -29.43
CA ALA C 436 34.81 32.86 -28.70
C ALA C 436 35.39 33.50 -27.45
N ARG C 437 35.82 34.75 -27.54
CA ARG C 437 36.47 35.40 -26.40
C ARG C 437 35.49 35.67 -25.27
N TRP C 438 34.23 35.97 -25.59
CA TRP C 438 33.24 36.18 -24.55
C TRP C 438 32.80 34.86 -23.93
N GLU C 439 32.63 33.82 -24.75
CA GLU C 439 32.18 32.53 -24.25
C GLU C 439 33.22 31.89 -23.34
N VAL C 440 34.50 31.93 -23.73
CA VAL C 440 35.53 31.36 -22.88
C VAL C 440 35.62 32.12 -21.57
N PHE C 441 35.55 33.45 -21.62
CA PHE C 441 35.65 34.25 -20.40
C PHE C 441 34.51 33.93 -19.44
N LEU C 442 33.27 33.92 -19.93
CA LEU C 442 32.13 33.75 -19.04
C LEU C 442 32.18 32.40 -18.35
N PHE C 443 32.36 31.31 -19.12
CA PHE C 443 32.40 29.98 -18.54
C PHE C 443 33.43 29.90 -17.42
N LEU C 444 34.65 30.37 -17.69
CA LEU C 444 35.70 30.27 -16.68
C LEU C 444 35.39 31.13 -15.46
N ALA C 445 34.87 32.34 -15.68
CA ALA C 445 34.57 33.24 -14.58
C ALA C 445 33.45 32.69 -13.71
N ILE C 446 32.38 32.19 -14.33
CA ILE C 446 31.26 31.66 -13.56
C ILE C 446 31.69 30.42 -12.78
N LEU C 447 32.50 29.57 -13.40
CA LEU C 447 32.91 28.33 -12.74
C LEU C 447 33.91 28.62 -11.63
N LEU C 448 35.04 29.26 -11.95
CA LEU C 448 36.08 29.48 -10.96
C LEU C 448 35.59 30.32 -9.80
N GLN C 449 34.55 31.14 -10.01
CA GLN C 449 33.98 31.89 -8.89
C GLN C 449 33.38 30.94 -7.85
N ARG C 450 32.83 29.81 -8.29
CA ARG C 450 32.06 28.95 -7.41
C ARG C 450 32.75 27.64 -7.05
N VAL C 451 33.59 27.11 -7.93
CA VAL C 451 34.15 25.78 -7.74
C VAL C 451 35.67 25.80 -7.86
N GLU C 452 36.28 24.74 -7.35
CA GLU C 452 37.72 24.53 -7.44
C GLU C 452 37.95 23.23 -8.19
N PHE C 453 38.73 23.29 -9.27
CA PHE C 453 39.12 22.11 -10.02
C PHE C 453 40.49 21.64 -9.55
N SER C 454 40.70 20.34 -9.59
CA SER C 454 41.95 19.75 -9.11
C SER C 454 42.11 18.37 -9.71
N VAL C 455 43.32 17.84 -9.58
CA VAL C 455 43.62 16.47 -9.96
C VAL C 455 44.50 15.91 -8.84
N PRO C 456 44.26 14.70 -8.36
CA PRO C 456 45.10 14.16 -7.30
C PRO C 456 46.52 13.90 -7.81
N LEU C 457 47.48 14.00 -6.90
CA LEU C 457 48.83 13.61 -7.23
C LEU C 457 48.85 12.14 -7.62
N GLY C 458 49.80 11.78 -8.47
CA GLY C 458 50.02 10.40 -8.81
C GLY C 458 49.27 9.88 -10.02
N VAL C 459 48.50 10.71 -10.71
CA VAL C 459 47.79 10.30 -11.91
C VAL C 459 48.44 10.97 -13.10
N LYS C 460 48.47 10.26 -14.23
CA LYS C 460 49.07 10.80 -15.45
C LYS C 460 48.14 11.79 -16.11
N VAL C 461 48.68 12.96 -16.47
CA VAL C 461 47.95 13.99 -17.19
C VAL C 461 48.84 14.42 -18.35
N ASP C 462 48.65 13.80 -19.51
CA ASP C 462 49.46 14.07 -20.69
C ASP C 462 49.06 15.42 -21.29
N MET C 463 49.92 16.42 -21.14
CA MET C 463 49.68 17.74 -21.68
C MET C 463 50.19 17.91 -23.10
N THR C 464 50.69 16.86 -23.72
CA THR C 464 51.24 16.96 -25.07
C THR C 464 50.12 17.13 -26.09
N PRO C 465 50.13 18.18 -26.91
CA PRO C 465 49.09 18.33 -27.93
C PRO C 465 49.18 17.28 -29.03
N ILE C 466 48.01 16.85 -29.50
CA ILE C 466 47.88 15.88 -30.57
C ILE C 466 47.58 16.65 -31.85
N TYR C 467 48.45 16.53 -32.86
CA TYR C 467 48.36 17.40 -34.02
C TYR C 467 47.01 17.28 -34.72
N GLY C 468 46.62 18.36 -35.37
CA GLY C 468 45.36 18.47 -36.09
C GLY C 468 45.06 19.93 -36.31
N LEU C 469 44.01 20.17 -37.11
CA LEU C 469 43.54 21.54 -37.30
C LEU C 469 43.28 22.20 -35.95
N THR C 470 42.62 21.47 -35.06
CA THR C 470 42.52 21.81 -33.65
C THR C 470 43.23 20.71 -32.87
N MET C 471 44.28 21.07 -32.14
CA MET C 471 45.07 20.07 -31.43
C MET C 471 44.37 19.67 -30.14
N LYS C 472 44.14 18.38 -29.97
CA LYS C 472 43.52 17.81 -28.77
C LYS C 472 44.59 17.30 -27.80
N HIS C 473 44.15 17.02 -26.58
CA HIS C 473 45.02 16.37 -25.60
C HIS C 473 44.45 15.00 -25.28
N ALA C 474 45.28 14.16 -24.70
CA ALA C 474 44.82 12.86 -24.25
C ALA C 474 43.73 13.03 -23.20
N CYS C 475 42.66 12.24 -23.34
CA CYS C 475 41.54 12.34 -22.40
C CYS C 475 42.00 12.02 -20.99
N CYS C 476 41.36 12.68 -20.02
CA CYS C 476 41.69 12.57 -18.60
C CYS C 476 40.42 12.31 -17.81
N GLU C 477 40.35 11.18 -17.12
CA GLU C 477 39.19 10.81 -16.33
C GLU C 477 39.35 11.13 -14.84
N HIS C 478 40.40 11.86 -14.47
CA HIS C 478 40.76 12.02 -13.06
C HIS C 478 40.46 13.41 -12.51
N PHE C 479 39.57 14.16 -13.16
CA PHE C 479 39.25 15.50 -12.70
C PHE C 479 38.34 15.46 -11.49
N GLN C 480 38.58 16.36 -10.55
CA GLN C 480 37.78 16.48 -9.34
C GLN C 480 37.36 17.93 -9.15
N MET C 481 36.16 18.12 -8.58
CA MET C 481 35.57 19.43 -8.40
C MET C 481 35.02 19.56 -6.99
N GLN C 482 35.29 20.70 -6.34
CA GLN C 482 34.81 20.99 -5.00
C GLN C 482 34.27 22.41 -4.97
N LEU C 483 33.15 22.60 -4.28
CA LEU C 483 32.64 23.94 -4.07
C LEU C 483 33.59 24.72 -3.17
N ARG C 484 33.51 26.05 -3.25
CA ARG C 484 34.37 26.92 -2.48
C ARG C 484 33.68 27.40 -1.20
N SER C 485 34.50 27.89 -0.26
CA SER C 485 34.00 28.36 1.03
C SER C 485 32.88 29.37 0.85
N ASN D 12 -3.26 -6.40 41.38
CA ASN D 12 -4.14 -5.23 41.47
C ASN D 12 -3.41 -3.96 41.04
N PRO D 13 -4.13 -3.02 40.43
CA PRO D 13 -3.49 -1.77 39.99
C PRO D 13 -2.95 -0.99 41.17
N PRO D 14 -1.77 -0.40 41.06
CA PRO D 14 -1.20 0.36 42.17
C PRO D 14 -1.89 1.70 42.36
N GLY D 15 -1.60 2.34 43.49
CA GLY D 15 -2.15 3.62 43.82
C GLY D 15 -1.70 4.10 45.18
N PRO D 16 -1.80 5.41 45.42
CA PRO D 16 -1.32 5.96 46.69
C PRO D 16 -2.28 5.66 47.83
N TRP D 17 -1.74 5.79 49.04
CA TRP D 17 -2.56 5.61 50.23
C TRP D 17 -3.62 6.70 50.29
N GLY D 18 -4.82 6.33 50.73
CA GLY D 18 -5.91 7.26 50.85
C GLY D 18 -6.56 7.18 52.22
N TRP D 19 -7.30 8.22 52.53
CA TRP D 19 -7.99 8.26 53.81
C TRP D 19 -9.06 7.16 53.84
N PRO D 20 -9.29 6.54 54.99
CA PRO D 20 -10.20 5.39 55.00
C PRO D 20 -11.64 5.74 54.67
N LEU D 21 -12.08 6.96 54.97
CA LEU D 21 -13.48 7.33 54.79
C LEU D 21 -13.73 8.01 53.45
N ILE D 22 -12.90 8.99 53.07
CA ILE D 22 -13.10 9.72 51.82
C ILE D 22 -12.16 9.29 50.71
N GLY D 23 -11.14 8.50 51.02
CA GLY D 23 -10.22 8.06 49.97
C GLY D 23 -9.38 9.23 49.48
N HIS D 24 -9.31 9.38 48.15
CA HIS D 24 -8.49 10.40 47.52
C HIS D 24 -9.34 11.58 47.02
N MET D 25 -10.52 11.79 47.61
CA MET D 25 -11.40 12.84 47.13
C MET D 25 -10.73 14.21 47.19
N LEU D 26 -9.91 14.45 48.21
CA LEU D 26 -9.24 15.75 48.34
C LEU D 26 -8.02 15.87 47.43
N THR D 27 -7.34 14.76 47.16
CA THR D 27 -6.18 14.80 46.27
C THR D 27 -6.58 15.28 44.88
N LEU D 28 -7.74 14.86 44.40
CA LEU D 28 -8.22 15.32 43.11
C LEU D 28 -8.49 16.82 43.13
N GLY D 29 -9.23 17.28 44.14
CA GLY D 29 -9.51 18.69 44.25
C GLY D 29 -10.40 19.18 43.13
N LYS D 30 -10.15 20.41 42.68
CA LYS D 30 -10.96 21.06 41.67
C LYS D 30 -10.52 20.75 40.24
N ASN D 31 -9.34 20.18 40.05
CA ASN D 31 -8.83 19.83 38.72
C ASN D 31 -8.37 18.37 38.73
N PRO D 32 -9.30 17.42 38.69
CA PRO D 32 -8.88 16.01 38.72
C PRO D 32 -7.94 15.65 37.59
N HIS D 33 -8.16 16.21 36.40
CA HIS D 33 -7.33 15.85 35.25
C HIS D 33 -5.86 16.18 35.49
N LEU D 34 -5.59 17.28 36.20
CA LEU D 34 -4.22 17.63 36.51
C LEU D 34 -3.66 16.75 37.63
N ALA D 35 -4.45 16.51 38.67
CA ALA D 35 -3.99 15.70 39.78
C ALA D 35 -3.70 14.27 39.33
N LEU D 36 -4.60 13.69 38.52
CA LEU D 36 -4.42 12.33 38.04
C LEU D 36 -3.32 12.24 36.99
N SER D 37 -2.96 13.35 36.34
CA SER D 37 -1.81 13.36 35.45
C SER D 37 -0.52 13.23 36.23
N ARG D 38 -0.33 14.05 37.27
CA ARG D 38 0.83 13.90 38.13
C ARG D 38 0.85 12.51 38.76
N MET D 39 -0.32 12.00 39.13
CA MET D 39 -0.41 10.69 39.78
C MET D 39 -0.01 9.58 38.82
N SER D 40 -0.36 9.72 37.53
CA SER D 40 0.00 8.68 36.57
C SER D 40 1.50 8.66 36.29
N GLN D 41 2.18 9.78 36.48
CA GLN D 41 3.63 9.80 36.30
C GLN D 41 4.33 8.89 37.29
N GLN D 42 3.71 8.65 38.45
CA GLN D 42 4.30 7.84 39.51
C GLN D 42 3.82 6.39 39.51
N TYR D 43 2.55 6.15 39.17
CA TYR D 43 1.96 4.82 39.28
C TYR D 43 1.67 4.16 37.94
N GLY D 44 1.72 4.91 36.84
CA GLY D 44 1.64 4.32 35.51
C GLY D 44 0.29 4.52 34.86
N ASP D 45 0.12 3.83 33.73
CA ASP D 45 -1.06 4.02 32.89
C ASP D 45 -2.31 3.37 33.49
N VAL D 46 -2.15 2.40 34.38
CA VAL D 46 -3.29 1.76 35.04
C VAL D 46 -3.08 1.91 36.54
N LEU D 47 -3.94 2.72 37.17
CA LEU D 47 -3.84 2.97 38.60
C LEU D 47 -5.24 2.96 39.21
N GLN D 48 -5.28 2.93 40.54
CA GLN D 48 -6.50 2.75 41.30
C GLN D 48 -6.57 3.79 42.41
N ILE D 49 -7.76 4.35 42.63
CA ILE D 49 -7.98 5.31 43.70
C ILE D 49 -9.30 4.98 44.37
N ARG D 50 -9.73 5.83 45.30
CA ARG D 50 -11.01 5.68 45.96
C ARG D 50 -11.65 7.06 46.10
N ILE D 51 -12.94 7.12 45.81
CA ILE D 51 -13.77 8.30 46.07
C ILE D 51 -14.80 7.86 47.09
N GLY D 52 -14.66 8.35 48.32
CA GLY D 52 -15.39 7.79 49.44
C GLY D 52 -14.87 6.40 49.70
N SER D 53 -15.75 5.40 49.62
CA SER D 53 -15.37 4.01 49.77
C SER D 53 -15.45 3.25 48.45
N THR D 54 -15.66 3.96 47.34
CA THR D 54 -15.84 3.34 46.05
C THR D 54 -14.54 3.34 45.28
N PRO D 55 -14.01 2.19 44.87
CA PRO D 55 -12.79 2.18 44.06
C PRO D 55 -13.05 2.68 42.64
N VAL D 56 -12.03 3.27 42.04
CA VAL D 56 -12.09 3.80 40.69
C VAL D 56 -10.75 3.55 40.02
N VAL D 57 -10.78 3.05 38.79
CA VAL D 57 -9.57 2.81 38.00
C VAL D 57 -9.41 3.94 37.00
N VAL D 58 -8.21 4.50 36.92
CA VAL D 58 -7.91 5.62 36.04
C VAL D 58 -6.94 5.13 34.97
N LEU D 59 -7.32 5.32 33.71
CA LEU D 59 -6.51 4.87 32.58
C LEU D 59 -5.80 6.05 31.95
N SER D 60 -4.51 5.89 31.69
CA SER D 60 -3.68 6.91 31.07
C SER D 60 -2.91 6.26 29.93
N GLY D 61 -2.04 7.04 29.30
CA GLY D 61 -1.21 6.51 28.23
C GLY D 61 -1.97 6.26 26.95
N LEU D 62 -1.34 6.53 25.81
CA LEU D 62 -2.03 6.44 24.53
C LEU D 62 -2.30 4.99 24.14
N ASP D 63 -1.29 4.12 24.28
CA ASP D 63 -1.47 2.72 23.86
C ASP D 63 -2.32 1.95 24.87
N THR D 64 -2.12 2.20 26.16
CA THR D 64 -2.88 1.48 27.18
C THR D 64 -4.36 1.74 27.03
N ILE D 65 -4.74 2.95 26.63
CA ILE D 65 -6.15 3.28 26.48
C ILE D 65 -6.73 2.61 25.23
N ARG D 66 -5.95 2.57 24.15
CA ARG D 66 -6.40 1.88 22.95
C ARG D 66 -6.61 0.39 23.20
N GLN D 67 -5.76 -0.22 24.03
CA GLN D 67 -5.92 -1.64 24.32
C GLN D 67 -7.25 -1.91 25.00
N ALA D 68 -7.69 -0.99 25.86
CA ALA D 68 -8.89 -1.24 26.65
C ALA D 68 -10.16 -0.87 25.88
N LEU D 69 -10.18 0.30 25.25
CA LEU D 69 -11.41 0.75 24.60
C LEU D 69 -11.60 0.13 23.23
N VAL D 70 -10.51 -0.23 22.54
CA VAL D 70 -10.59 -0.76 21.18
C VAL D 70 -10.38 -2.27 21.23
N ARG D 71 -9.15 -2.69 21.52
CA ARG D 71 -8.82 -4.11 21.44
C ARG D 71 -9.60 -4.95 22.43
N GLN D 72 -9.98 -4.39 23.58
CA GLN D 72 -10.85 -5.07 24.54
C GLN D 72 -12.15 -4.30 24.72
N GLY D 73 -12.66 -3.70 23.63
CA GLY D 73 -13.76 -2.76 23.76
C GLY D 73 -14.96 -3.32 24.48
N ASP D 74 -15.34 -4.56 24.19
CA ASP D 74 -16.52 -5.14 24.82
C ASP D 74 -16.36 -5.28 26.33
N ASP D 75 -15.13 -5.26 26.83
CA ASP D 75 -14.89 -5.36 28.27
C ASP D 75 -15.09 -4.02 28.98
N PHE D 76 -14.96 -2.89 28.27
CA PHE D 76 -15.02 -1.56 28.88
C PHE D 76 -16.12 -0.70 28.29
N LYS D 77 -17.20 -1.30 27.79
CA LYS D 77 -18.24 -0.56 27.09
C LYS D 77 -19.39 -0.17 28.00
N GLY D 78 -19.29 -0.41 29.31
CA GLY D 78 -20.39 -0.14 30.20
C GLY D 78 -20.34 1.26 30.82
N ARG D 79 -21.46 1.63 31.44
CA ARG D 79 -21.58 2.87 32.20
C ARG D 79 -21.85 2.55 33.67
N PRO D 80 -21.17 3.21 34.60
CA PRO D 80 -21.49 3.01 36.01
C PRO D 80 -22.86 3.58 36.35
N ASP D 81 -23.49 2.96 37.34
CA ASP D 81 -24.83 3.36 37.79
C ASP D 81 -24.71 4.48 38.83
N LEU D 82 -24.30 5.65 38.34
CA LEU D 82 -24.14 6.82 39.18
C LEU D 82 -25.46 7.55 39.34
N TYR D 83 -25.59 8.25 40.47
CA TYR D 83 -26.85 8.94 40.76
C TYR D 83 -27.10 10.06 39.76
N THR D 84 -26.07 10.87 39.47
CA THR D 84 -26.26 12.00 38.57
C THR D 84 -26.82 11.55 37.22
N PHE D 85 -26.48 10.34 36.78
CA PHE D 85 -26.94 9.84 35.49
C PHE D 85 -28.43 9.48 35.52
N THR D 86 -28.94 9.10 36.69
CA THR D 86 -30.36 8.76 36.81
C THR D 86 -31.27 9.97 36.65
N LEU D 87 -30.72 11.18 36.70
CA LEU D 87 -31.50 12.39 36.52
C LEU D 87 -31.54 12.85 35.07
N ILE D 88 -30.83 12.17 34.18
CA ILE D 88 -30.74 12.55 32.77
C ILE D 88 -31.77 11.74 31.99
N SER D 89 -32.57 12.44 31.18
CA SER D 89 -33.58 11.81 30.33
C SER D 89 -34.45 10.84 31.12
N ASN D 90 -34.86 11.27 32.31
CA ASN D 90 -35.76 10.45 33.13
C ASN D 90 -35.13 9.10 33.43
N GLY D 91 -33.81 9.08 33.62
CA GLY D 91 -33.10 7.86 33.93
C GLY D 91 -33.00 6.86 32.82
N GLN D 92 -33.36 7.23 31.60
CA GLN D 92 -33.36 6.33 30.46
C GLN D 92 -32.53 6.91 29.31
N SER D 93 -31.39 7.51 29.64
CA SER D 93 -30.52 8.09 28.63
C SER D 93 -29.74 6.99 27.91
N MET D 94 -29.71 7.07 26.57
CA MET D 94 -28.93 6.11 25.80
C MET D 94 -27.47 6.12 26.22
N SER D 95 -26.90 7.30 26.41
CA SER D 95 -25.46 7.44 26.62
C SER D 95 -25.05 7.31 28.07
N PHE D 96 -25.97 7.55 29.01
CA PHE D 96 -25.64 7.58 30.43
C PHE D 96 -26.27 6.47 31.25
N SER D 97 -27.32 5.82 30.75
CA SER D 97 -27.93 4.73 31.50
C SER D 97 -26.96 3.55 31.60
N PRO D 98 -27.16 2.67 32.58
CA PRO D 98 -26.26 1.51 32.72
C PRO D 98 -26.46 0.45 31.65
N ASP D 99 -27.47 0.59 30.79
CA ASP D 99 -27.73 -0.39 29.74
C ASP D 99 -26.64 -0.32 28.68
N SER D 100 -25.87 -1.42 28.57
CA SER D 100 -24.82 -1.54 27.55
C SER D 100 -24.93 -2.83 26.76
N GLY D 101 -26.08 -3.49 26.80
CA GLY D 101 -26.27 -4.73 26.10
C GLY D 101 -26.70 -4.51 24.67
N PRO D 102 -27.49 -5.44 24.13
CA PRO D 102 -27.98 -5.26 22.75
C PRO D 102 -28.99 -4.13 22.61
N VAL D 103 -29.75 -3.82 23.67
CA VAL D 103 -30.71 -2.73 23.59
C VAL D 103 -30.01 -1.41 23.32
N TRP D 104 -28.90 -1.16 24.03
CA TRP D 104 -28.13 0.06 23.80
C TRP D 104 -27.56 0.10 22.38
N ALA D 105 -26.95 -1.00 21.95
CA ALA D 105 -26.29 -1.03 20.64
C ALA D 105 -27.26 -0.71 19.51
N ALA D 106 -28.51 -1.15 19.64
CA ALA D 106 -29.52 -0.81 18.63
C ALA D 106 -29.80 0.69 18.63
N ARG D 107 -29.90 1.29 19.82
CA ARG D 107 -30.15 2.73 19.91
C ARG D 107 -28.99 3.53 19.31
N ARG D 108 -27.75 3.11 19.58
CA ARG D 108 -26.61 3.83 19.03
C ARG D 108 -26.62 3.82 17.51
N ARG D 109 -27.00 2.70 16.89
CA ARG D 109 -27.05 2.66 15.44
C ARG D 109 -28.17 3.54 14.88
N LEU D 110 -29.29 3.65 15.60
CA LEU D 110 -30.32 4.58 15.17
C LEU D 110 -29.80 6.01 15.13
N ALA D 111 -28.98 6.38 16.11
CA ALA D 111 -28.41 7.72 16.15
C ALA D 111 -27.38 7.92 15.03
N GLN D 112 -26.50 6.93 14.83
CA GLN D 112 -25.50 7.05 13.78
C GLN D 112 -26.17 7.23 12.42
N ASN D 113 -27.23 6.47 12.15
CA ASN D 113 -27.93 6.57 10.88
C ASN D 113 -28.71 7.86 10.77
N GLY D 114 -29.34 8.29 11.87
CA GLY D 114 -30.04 9.56 11.85
C GLY D 114 -29.12 10.72 11.51
N LEU D 115 -27.94 10.76 12.14
CA LEU D 115 -26.98 11.82 11.84
C LEU D 115 -26.54 11.76 10.39
N LYS D 116 -26.12 10.58 9.95
CA LYS D 116 -25.62 10.41 8.59
C LYS D 116 -26.70 10.81 7.58
N SER D 117 -27.96 10.51 7.87
CA SER D 117 -29.04 10.81 6.94
C SER D 117 -29.26 12.31 6.79
N PHE D 118 -29.11 13.07 7.88
CA PHE D 118 -29.44 14.49 7.88
C PHE D 118 -28.24 15.38 8.20
N SER D 119 -27.03 14.86 8.04
CA SER D 119 -25.84 15.67 8.19
C SER D 119 -24.93 15.50 6.98
N ILE D 120 -24.53 14.26 6.71
CA ILE D 120 -23.57 13.99 5.65
C ILE D 120 -24.23 13.74 4.31
N ALA D 121 -25.51 13.35 4.30
CA ALA D 121 -26.23 13.10 3.06
C ALA D 121 -26.39 14.40 2.24
N SER D 122 -26.57 14.22 0.94
CA SER D 122 -26.70 15.35 0.04
C SER D 122 -28.06 16.02 0.19
N ASP D 123 -28.06 17.35 0.23
CA ASP D 123 -29.31 18.10 0.32
C ASP D 123 -30.05 17.99 -1.01
N PRO D 124 -31.34 17.64 -1.01
CA PRO D 124 -32.08 17.60 -2.28
C PRO D 124 -32.13 18.94 -3.01
N ALA D 125 -31.98 20.06 -2.31
CA ALA D 125 -32.07 21.37 -2.96
C ALA D 125 -30.79 21.74 -3.72
N SER D 126 -29.64 21.26 -3.28
CA SER D 126 -28.36 21.53 -3.92
C SER D 126 -27.63 20.23 -4.21
N SER D 127 -26.90 20.22 -5.32
CA SER D 127 -26.09 19.05 -5.69
C SER D 127 -24.66 19.18 -5.21
N THR D 128 -24.17 20.42 -5.05
CA THR D 128 -22.77 20.64 -4.70
C THR D 128 -22.49 20.31 -3.23
N SER D 129 -23.45 20.57 -2.33
CA SER D 129 -23.17 20.50 -0.90
C SER D 129 -24.12 19.52 -0.20
N CYS D 130 -23.78 19.21 1.06
CA CYS D 130 -24.58 18.34 1.89
C CYS D 130 -25.42 19.14 2.88
N TYR D 131 -26.17 18.42 3.72
CA TYR D 131 -27.04 19.07 4.70
C TYR D 131 -26.24 19.98 5.64
N LEU D 132 -25.18 19.43 6.24
CA LEU D 132 -24.42 20.19 7.23
C LEU D 132 -23.86 21.48 6.63
N GLU D 133 -23.23 21.37 5.46
CA GLU D 133 -22.68 22.57 4.82
C GLU D 133 -23.78 23.60 4.54
N GLU D 134 -24.99 23.13 4.21
CA GLU D 134 -26.08 24.04 3.92
C GLU D 134 -26.46 24.86 5.15
N HIS D 135 -26.58 24.19 6.30
CA HIS D 135 -26.99 24.88 7.53
C HIS D 135 -25.89 25.78 8.06
N VAL D 136 -24.66 25.29 8.09
CA VAL D 136 -23.57 26.08 8.64
C VAL D 136 -23.33 27.32 7.79
N SER D 137 -23.48 27.21 6.47
CA SER D 137 -23.31 28.38 5.62
C SER D 137 -24.36 29.44 5.94
N LYS D 138 -25.62 29.03 6.10
CA LYS D 138 -26.68 29.97 6.44
C LYS D 138 -26.39 30.63 7.78
N GLU D 139 -26.02 29.83 8.78
CA GLU D 139 -25.82 30.37 10.13
C GLU D 139 -24.55 31.22 10.23
N ALA D 140 -23.52 30.89 9.43
CA ALA D 140 -22.31 31.70 9.45
C ALA D 140 -22.57 33.12 8.94
N GLU D 141 -23.44 33.26 7.93
CA GLU D 141 -23.75 34.59 7.41
C GLU D 141 -24.52 35.41 8.44
N VAL D 142 -25.55 34.82 9.04
CA VAL D 142 -26.31 35.52 10.07
C VAL D 142 -25.39 35.93 11.22
N LEU D 143 -24.42 35.06 11.56
CA LEU D 143 -23.50 35.38 12.65
C LEU D 143 -22.63 36.58 12.31
N ILE D 144 -22.17 36.67 11.07
CA ILE D 144 -21.36 37.82 10.66
C ILE D 144 -22.19 39.10 10.74
N SER D 145 -23.41 39.07 10.20
CA SER D 145 -24.28 40.23 10.26
C SER D 145 -24.59 40.60 11.71
N THR D 146 -24.83 39.60 12.56
CA THR D 146 -25.13 39.87 13.95
C THR D 146 -23.96 40.56 14.65
N LEU D 147 -22.73 40.21 14.28
CA LEU D 147 -21.57 40.81 14.90
C LEU D 147 -21.29 42.20 14.34
N GLN D 148 -21.61 42.45 13.07
CA GLN D 148 -21.46 43.78 12.52
C GLN D 148 -22.38 44.76 13.24
N GLU D 149 -23.60 44.31 13.59
CA GLU D 149 -24.50 45.17 14.34
C GLU D 149 -23.89 45.59 15.67
N LEU D 150 -23.23 44.64 16.37
CA LEU D 150 -22.64 44.95 17.66
C LEU D 150 -21.44 45.88 17.54
N MET D 151 -20.70 45.80 16.44
CA MET D 151 -19.56 46.70 16.23
C MET D 151 -20.00 48.12 15.92
N ALA D 152 -21.22 48.32 15.42
CA ALA D 152 -21.73 49.66 15.23
C ALA D 152 -22.22 50.28 16.53
N GLY D 153 -22.74 49.47 17.45
CA GLY D 153 -23.23 49.98 18.71
C GLY D 153 -22.15 50.00 19.78
N PRO D 154 -22.17 49.02 20.69
CA PRO D 154 -21.18 49.04 21.78
C PRO D 154 -19.75 49.02 21.29
N GLY D 155 -19.48 48.41 20.14
CA GLY D 155 -18.11 48.24 19.67
C GLY D 155 -17.41 47.02 20.20
N HIS D 156 -18.04 46.26 21.08
CA HIS D 156 -17.47 45.02 21.60
C HIS D 156 -18.60 44.08 21.99
N PHE D 157 -18.28 42.80 22.16
CA PHE D 157 -19.31 41.79 22.38
C PHE D 157 -18.71 40.58 23.08
N ASN D 158 -19.59 39.73 23.61
CA ASN D 158 -19.22 38.43 24.14
C ASN D 158 -19.53 37.40 23.05
N PRO D 159 -18.52 36.74 22.47
CA PRO D 159 -18.83 35.85 21.33
C PRO D 159 -19.70 34.66 21.70
N TYR D 160 -19.52 34.08 22.89
CA TYR D 160 -20.29 32.90 23.27
C TYR D 160 -21.79 33.17 23.21
N ARG D 161 -22.20 34.39 23.57
CA ARG D 161 -23.61 34.74 23.55
C ARG D 161 -24.25 34.46 22.19
N TYR D 162 -23.49 34.67 21.11
CA TYR D 162 -24.03 34.57 19.76
C TYR D 162 -23.58 33.35 19.00
N VAL D 163 -22.44 32.74 19.36
CA VAL D 163 -22.03 31.49 18.74
C VAL D 163 -22.92 30.34 19.21
N VAL D 164 -23.32 30.36 20.48
CA VAL D 164 -24.13 29.28 21.04
C VAL D 164 -25.46 29.18 20.32
N VAL D 165 -25.98 30.31 19.82
CA VAL D 165 -27.23 30.27 19.08
C VAL D 165 -27.00 29.75 17.66
N SER D 166 -25.97 30.26 17.00
CA SER D 166 -25.67 29.81 15.64
C SER D 166 -25.39 28.32 15.59
N VAL D 167 -24.58 27.82 16.53
CA VAL D 167 -24.26 26.41 16.56
C VAL D 167 -25.51 25.58 16.87
N THR D 168 -26.38 26.10 17.73
CA THR D 168 -27.59 25.36 18.08
C THR D 168 -28.54 25.26 16.89
N ASN D 169 -28.65 26.32 16.09
CA ASN D 169 -29.53 26.29 14.93
C ASN D 169 -29.10 25.21 13.93
N VAL D 170 -27.81 24.91 13.88
CA VAL D 170 -27.32 23.87 12.99
C VAL D 170 -27.78 22.50 13.50
N ILE D 171 -27.47 22.19 14.76
CA ILE D 171 -27.89 20.91 15.32
C ILE D 171 -29.39 20.88 15.52
N CYS D 172 -30.02 22.03 15.74
CA CYS D 172 -31.47 22.05 15.87
C CYS D 172 -32.14 21.83 14.52
N ALA D 173 -31.54 22.30 13.43
CA ALA D 173 -32.09 22.03 12.11
C ALA D 173 -31.94 20.56 11.75
N ILE D 174 -30.87 19.91 12.22
CA ILE D 174 -30.67 18.50 11.94
C ILE D 174 -31.63 17.63 12.77
N CYS D 175 -32.00 18.08 13.96
CA CYS D 175 -32.84 17.30 14.86
C CYS D 175 -34.32 17.67 14.79
N PHE D 176 -34.65 18.94 14.55
CA PHE D 176 -36.04 19.39 14.58
C PHE D 176 -36.44 20.22 13.37
N GLY D 177 -35.55 20.39 12.40
CA GLY D 177 -35.88 21.14 11.20
C GLY D 177 -36.32 22.56 11.45
N ARG D 178 -35.73 23.23 12.44
CA ARG D 178 -36.09 24.59 12.77
C ARG D 178 -34.84 25.33 13.19
N ARG D 179 -34.85 26.64 12.96
CA ARG D 179 -33.81 27.54 13.46
C ARG D 179 -34.48 28.67 14.23
N TYR D 180 -33.68 29.40 15.01
CA TYR D 180 -34.19 30.45 15.88
C TYR D 180 -33.39 31.74 15.67
N ASP D 181 -34.02 32.86 16.03
CA ASP D 181 -33.36 34.15 15.95
C ASP D 181 -32.41 34.31 17.13
N HIS D 182 -31.37 35.15 16.93
CA HIS D 182 -30.36 35.34 17.95
C HIS D 182 -30.90 35.95 19.24
N ASN D 183 -32.15 36.41 19.27
CA ASN D 183 -32.76 36.94 20.49
C ASN D 183 -33.98 36.14 20.93
N HIS D 184 -34.24 34.98 20.33
CA HIS D 184 -35.32 34.12 20.80
C HIS D 184 -35.02 33.68 22.22
N GLN D 185 -35.85 34.08 23.17
CA GLN D 185 -35.54 33.81 24.57
C GLN D 185 -35.82 32.35 24.95
N GLU D 186 -36.79 31.70 24.28
CA GLU D 186 -36.98 30.29 24.58
C GLU D 186 -35.67 29.53 24.37
N LEU D 187 -35.01 29.81 23.25
CA LEU D 187 -33.72 29.18 23.00
C LEU D 187 -32.67 29.64 24.00
N LEU D 188 -32.49 30.96 24.13
CA LEU D 188 -31.50 31.48 25.07
C LEU D 188 -31.75 30.97 26.48
N SER D 189 -33.02 30.77 26.85
CA SER D 189 -33.33 30.17 28.14
C SER D 189 -32.91 28.71 28.20
N LEU D 190 -32.62 28.08 27.07
CA LEU D 190 -32.27 26.68 27.00
C LEU D 190 -30.76 26.45 26.91
N VAL D 191 -30.06 27.26 26.12
CA VAL D 191 -28.65 27.03 25.83
C VAL D 191 -27.71 28.02 26.50
N ASN D 192 -28.22 29.09 27.10
CA ASN D 192 -27.38 30.11 27.70
C ASN D 192 -28.01 30.65 28.98
N LEU D 193 -28.65 29.79 29.76
CA LEU D 193 -29.25 30.19 31.03
C LEU D 193 -29.06 29.06 32.03
N ASN D 194 -28.15 29.27 32.97
CA ASN D 194 -27.92 28.35 34.08
C ASN D 194 -27.68 26.91 33.57
N ASN D 195 -26.64 26.77 32.75
CA ASN D 195 -26.27 25.49 32.18
C ASN D 195 -25.00 25.00 32.88
N ASN D 196 -25.19 24.26 33.97
CA ASN D 196 -24.11 23.65 34.72
C ASN D 196 -24.00 22.15 34.46
N PHE D 197 -24.49 21.70 33.31
CA PHE D 197 -24.49 20.27 33.00
C PHE D 197 -23.07 19.70 33.09
N GLY D 198 -22.10 20.36 32.46
CA GLY D 198 -20.75 19.84 32.46
C GLY D 198 -20.13 19.78 33.84
N GLU D 199 -20.46 20.74 34.70
CA GLU D 199 -19.79 20.80 36.00
C GLU D 199 -20.19 19.65 36.92
N VAL D 200 -21.45 19.20 36.85
CA VAL D 200 -21.89 18.13 37.73
C VAL D 200 -21.57 16.76 37.12
N VAL D 201 -21.63 16.63 35.79
CA VAL D 201 -21.38 15.34 35.16
C VAL D 201 -19.91 15.06 34.97
N GLY D 202 -19.05 16.06 35.13
CA GLY D 202 -17.62 15.83 35.05
C GLY D 202 -17.19 14.70 35.96
N SER D 203 -16.33 13.82 35.44
CA SER D 203 -15.87 12.67 36.21
C SER D 203 -15.34 13.12 37.57
N GLY D 204 -15.80 12.46 38.63
CA GLY D 204 -15.36 12.74 39.97
C GLY D 204 -16.30 13.56 40.82
N ASN D 205 -17.53 13.77 40.38
CA ASN D 205 -18.49 14.52 41.18
C ASN D 205 -18.68 13.83 42.52
N PRO D 206 -18.35 14.47 43.64
CA PRO D 206 -18.47 13.78 44.94
C PRO D 206 -19.88 13.27 45.23
N ALA D 207 -20.91 13.90 44.69
CA ALA D 207 -22.28 13.49 44.98
C ALA D 207 -22.54 12.05 44.58
N ASP D 208 -21.80 11.53 43.59
CA ASP D 208 -22.00 10.17 43.11
C ASP D 208 -21.42 9.12 44.05
N PHE D 209 -20.51 9.51 44.94
CA PHE D 209 -19.82 8.56 45.81
C PHE D 209 -19.98 8.85 47.29
N ILE D 210 -20.52 10.01 47.67
CA ILE D 210 -20.83 10.33 49.06
C ILE D 210 -22.35 10.38 49.17
N PRO D 211 -22.99 9.32 49.68
CA PRO D 211 -24.46 9.25 49.58
C PRO D 211 -25.20 10.40 50.24
N ILE D 212 -24.63 11.01 51.28
CA ILE D 212 -25.37 12.03 52.01
C ILE D 212 -25.52 13.30 51.21
N LEU D 213 -24.57 13.59 50.31
CA LEU D 213 -24.63 14.82 49.53
C LEU D 213 -25.85 14.88 48.63
N ARG D 214 -26.46 13.72 48.32
CA ARG D 214 -27.65 13.70 47.47
C ARG D 214 -28.88 14.26 48.18
N TYR D 215 -28.90 14.24 49.52
CA TYR D 215 -30.07 14.65 50.30
C TYR D 215 -29.89 15.99 50.99
N LEU D 216 -28.68 16.54 51.03
CA LEU D 216 -28.44 17.83 51.65
C LEU D 216 -28.84 18.97 50.72
N PRO D 217 -29.00 20.19 51.27
CA PRO D 217 -29.22 21.35 50.40
C PRO D 217 -28.09 21.50 49.38
N ASN D 218 -28.40 21.30 48.10
CA ASN D 218 -27.39 21.30 47.05
C ASN D 218 -27.87 22.17 45.90
N PRO D 219 -27.47 23.44 45.84
CA PRO D 219 -27.89 24.27 44.71
C PRO D 219 -27.42 23.73 43.38
N SER D 220 -26.20 23.20 43.31
CA SER D 220 -25.69 22.63 42.06
C SER D 220 -26.56 21.47 41.60
N LEU D 221 -26.91 20.56 42.52
CA LEU D 221 -27.66 19.37 42.15
C LEU D 221 -29.13 19.65 41.88
N ASN D 222 -29.71 20.66 42.55
CA ASN D 222 -31.10 21.03 42.29
C ASN D 222 -31.24 21.65 40.91
N ALA D 223 -30.33 22.55 40.54
CA ALA D 223 -30.35 23.11 39.19
C ALA D 223 -30.18 22.04 38.13
N PHE D 224 -29.46 20.97 38.45
CA PHE D 224 -29.26 19.89 37.48
C PHE D 224 -30.53 19.08 37.30
N LYS D 225 -31.27 18.82 38.38
CA LYS D 225 -32.55 18.13 38.27
C LYS D 225 -33.54 18.94 37.45
N ASP D 226 -33.63 20.24 37.73
CA ASP D 226 -34.53 21.12 36.99
C ASP D 226 -34.09 21.29 35.54
N LEU D 227 -32.78 21.27 35.28
CA LEU D 227 -32.28 21.44 33.93
C LEU D 227 -32.69 20.28 33.02
N ASN D 228 -32.63 19.06 33.54
CA ASN D 228 -32.99 17.91 32.71
C ASN D 228 -34.50 17.81 32.49
N GLU D 229 -35.29 18.10 33.53
CA GLU D 229 -36.73 18.21 33.35
C GLU D 229 -37.05 19.33 32.36
N LYS D 230 -36.23 20.40 32.36
CA LYS D 230 -36.38 21.48 31.41
C LYS D 230 -36.18 21.01 29.97
N PHE D 231 -35.12 20.24 29.72
CA PHE D 231 -34.84 19.75 28.37
C PHE D 231 -35.84 18.68 27.94
N TYR D 232 -36.29 17.85 28.87
CA TYR D 232 -37.23 16.78 28.51
C TYR D 232 -38.56 17.33 28.07
N SER D 233 -39.00 18.45 28.66
CA SER D 233 -40.22 19.10 28.21
C SER D 233 -40.05 19.67 26.80
N PHE D 234 -38.91 20.30 26.53
CA PHE D 234 -38.64 20.83 25.20
C PHE D 234 -38.64 19.71 24.15
N MET D 235 -38.07 18.55 24.50
CA MET D 235 -38.05 17.42 23.58
C MET D 235 -39.46 17.07 23.11
N GLN D 236 -40.38 16.90 24.06
CA GLN D 236 -41.75 16.54 23.70
C GLN D 236 -42.38 17.59 22.79
N LYS D 237 -42.25 18.87 23.16
CA LYS D 237 -42.86 19.93 22.35
C LYS D 237 -42.48 19.77 20.88
N MET D 238 -41.21 19.48 20.60
CA MET D 238 -40.79 19.31 19.22
C MET D 238 -41.27 17.97 18.66
N VAL D 239 -41.49 16.98 19.50
CA VAL D 239 -41.90 15.67 19.00
C VAL D 239 -43.39 15.69 18.61
N LYS D 240 -44.24 16.32 19.42
CA LYS D 240 -45.65 16.44 19.06
C LYS D 240 -45.84 17.30 17.82
N GLU D 241 -45.19 18.46 17.76
CA GLU D 241 -45.30 19.31 16.58
C GLU D 241 -44.93 18.55 15.31
N HIS D 242 -43.97 17.63 15.42
CA HIS D 242 -43.58 16.81 14.28
C HIS D 242 -44.60 15.72 14.00
N TYR D 243 -45.18 15.14 15.05
CA TYR D 243 -46.14 14.06 14.89
C TYR D 243 -47.43 14.57 14.24
N LYS D 244 -47.90 15.76 14.64
CA LYS D 244 -49.13 16.31 14.08
C LYS D 244 -49.01 16.53 12.58
N THR D 245 -47.83 16.88 12.09
CA THR D 245 -47.61 17.16 10.67
C THR D 245 -46.72 16.11 10.03
N PHE D 246 -46.73 14.89 10.57
CA PHE D 246 -45.86 13.83 10.09
C PHE D 246 -46.46 13.18 8.84
N GLU D 247 -45.66 13.12 7.79
CA GLU D 247 -46.01 12.41 6.57
C GLU D 247 -45.07 11.22 6.45
N LYS D 248 -45.64 10.01 6.42
CA LYS D 248 -44.86 8.79 6.58
C LYS D 248 -43.78 8.67 5.52
N GLY D 249 -44.01 9.18 4.32
CA GLY D 249 -43.05 9.08 3.25
C GLY D 249 -42.15 10.28 3.06
N HIS D 250 -42.19 11.26 3.98
CA HIS D 250 -41.40 12.47 3.87
C HIS D 250 -40.72 12.72 5.21
N ILE D 251 -39.54 12.15 5.40
CA ILE D 251 -38.79 12.30 6.64
C ILE D 251 -38.00 13.60 6.57
N ARG D 252 -38.32 14.53 7.48
CA ARG D 252 -37.75 15.88 7.44
C ARG D 252 -36.49 16.01 8.29
N ASP D 253 -36.36 15.22 9.36
CA ASP D 253 -35.26 15.39 10.30
C ASP D 253 -35.15 14.12 11.13
N ILE D 254 -34.24 14.14 12.11
CA ILE D 254 -34.00 12.94 12.92
C ILE D 254 -35.24 12.57 13.73
N THR D 255 -35.99 13.57 14.19
CA THR D 255 -37.20 13.27 14.94
C THR D 255 -38.18 12.44 14.12
N ASP D 256 -38.31 12.74 12.82
CA ASP D 256 -39.21 11.98 11.97
C ASP D 256 -38.72 10.55 11.78
N SER D 257 -37.42 10.38 11.49
CA SER D 257 -36.89 9.05 11.30
C SER D 257 -37.01 8.19 12.56
N LEU D 258 -37.09 8.83 13.73
CA LEU D 258 -37.32 8.09 14.96
C LEU D 258 -38.80 7.81 15.18
N ILE D 259 -39.67 8.76 14.82
CA ILE D 259 -41.10 8.49 14.83
C ILE D 259 -41.42 7.35 13.88
N GLU D 260 -40.83 7.37 12.67
CA GLU D 260 -41.04 6.28 11.72
C GLU D 260 -40.59 4.95 12.31
N HIS D 261 -39.50 4.96 13.08
CA HIS D 261 -39.00 3.72 13.65
C HIS D 261 -39.85 3.23 14.80
N CYS D 262 -40.51 4.14 15.53
CA CYS D 262 -41.41 3.72 16.60
C CYS D 262 -42.65 3.02 16.04
N GLN D 263 -43.04 3.33 14.80
CA GLN D 263 -44.16 2.64 14.18
C GLN D 263 -43.74 1.26 13.72
N GLU D 264 -42.59 1.15 13.05
CA GLU D 264 -42.06 -0.13 12.60
C GLU D 264 -41.59 -0.97 13.79
N LEU D 275 -37.38 -2.52 23.62
CA LEU D 275 -37.00 -1.17 23.23
C LEU D 275 -38.19 -0.22 23.18
N SER D 276 -38.47 0.44 24.31
CA SER D 276 -39.68 1.22 24.47
C SER D 276 -39.70 2.44 23.55
N ASP D 277 -40.90 3.01 23.38
CA ASP D 277 -41.05 4.24 22.60
C ASP D 277 -40.22 5.38 23.20
N GLU D 278 -40.12 5.42 24.52
CA GLU D 278 -39.37 6.50 25.17
C GLU D 278 -37.89 6.41 24.83
N LYS D 279 -37.31 5.21 24.86
CA LYS D 279 -35.89 5.04 24.58
C LYS D 279 -35.55 5.25 23.11
N ILE D 280 -36.54 5.21 22.21
CA ILE D 280 -36.29 5.51 20.81
C ILE D 280 -36.39 7.01 20.53
N ILE D 281 -37.27 7.72 21.23
CA ILE D 281 -37.48 9.13 20.96
C ILE D 281 -36.41 9.97 21.64
N ASN D 282 -36.10 9.67 22.90
CA ASN D 282 -35.16 10.50 23.65
C ASN D 282 -33.74 10.42 23.12
N ILE D 283 -33.49 9.61 22.09
CA ILE D 283 -32.18 9.61 21.44
C ILE D 283 -31.88 10.99 20.87
N VAL D 284 -32.90 11.64 20.30
CA VAL D 284 -32.71 12.96 19.71
C VAL D 284 -32.19 13.94 20.75
N LEU D 285 -32.54 13.75 22.02
CA LEU D 285 -32.10 14.67 23.07
C LEU D 285 -30.60 14.53 23.34
N ASP D 286 -30.07 13.31 23.33
CA ASP D 286 -28.63 13.13 23.50
C ASP D 286 -27.86 13.78 22.36
N LEU D 287 -28.42 13.78 21.15
CA LEU D 287 -27.73 14.41 20.03
C LEU D 287 -27.81 15.93 20.10
N PHE D 288 -28.99 16.47 20.43
CA PHE D 288 -29.14 17.92 20.50
C PHE D 288 -28.28 18.50 21.62
N GLY D 289 -28.33 17.89 22.81
CA GLY D 289 -27.55 18.41 23.92
C GLY D 289 -26.05 18.39 23.65
N ALA D 290 -25.55 17.26 23.15
CA ALA D 290 -24.13 17.15 22.85
C ALA D 290 -23.74 18.03 21.68
N GLY D 291 -24.63 18.20 20.70
CA GLY D 291 -24.26 18.94 19.50
C GLY D 291 -24.01 20.42 19.76
N PHE D 292 -24.87 21.04 20.58
CA PHE D 292 -24.76 22.48 20.77
C PHE D 292 -23.67 22.83 21.79
N ASP D 293 -23.51 22.02 22.83
CA ASP D 293 -22.62 22.41 23.92
C ASP D 293 -21.16 22.21 23.57
N THR D 294 -20.80 21.03 23.05
CA THR D 294 -19.38 20.74 22.81
C THR D 294 -18.84 21.52 21.63
N VAL D 295 -19.64 21.69 20.57
CA VAL D 295 -19.16 22.42 19.40
C VAL D 295 -19.04 23.90 19.71
N THR D 296 -19.97 24.44 20.50
CA THR D 296 -19.88 25.84 20.89
C THR D 296 -18.63 26.08 21.73
N THR D 297 -18.34 25.19 22.68
CA THR D 297 -17.14 25.34 23.50
C THR D 297 -15.88 25.23 22.65
N ALA D 298 -15.88 24.36 21.66
CA ALA D 298 -14.71 24.23 20.80
C ALA D 298 -14.52 25.50 19.97
N ILE D 299 -15.62 26.03 19.41
CA ILE D 299 -15.55 27.26 18.64
C ILE D 299 -15.25 28.45 19.55
N SER D 300 -15.78 28.44 20.77
CA SER D 300 -15.46 29.50 21.73
C SER D 300 -13.97 29.48 22.08
N TRP D 301 -13.45 28.29 22.42
CA TRP D 301 -12.02 28.17 22.71
C TRP D 301 -11.17 28.56 21.51
N SER D 302 -11.63 28.22 20.30
CA SER D 302 -10.88 28.59 19.10
C SER D 302 -10.73 30.10 18.99
N LEU D 303 -11.81 30.84 19.25
CA LEU D 303 -11.75 32.30 19.16
C LEU D 303 -10.80 32.87 20.20
N MET D 304 -10.77 32.28 21.39
CA MET D 304 -9.85 32.76 22.42
C MET D 304 -8.39 32.60 21.99
N TYR D 305 -8.04 31.46 21.41
CA TYR D 305 -6.66 31.25 20.96
C TYR D 305 -6.32 32.17 19.80
N LEU D 306 -7.28 32.42 18.89
CA LEU D 306 -7.02 33.32 17.77
C LEU D 306 -6.71 34.73 18.24
N VAL D 307 -7.38 35.17 19.31
CA VAL D 307 -7.19 36.53 19.82
C VAL D 307 -5.93 36.63 20.66
N MET D 308 -5.60 35.58 21.40
CA MET D 308 -4.38 35.58 22.19
C MET D 308 -3.15 35.22 21.36
N ASN D 309 -3.33 34.79 20.11
CA ASN D 309 -2.21 34.44 19.23
C ASN D 309 -2.48 35.04 17.86
N PRO D 310 -2.43 36.36 17.75
CA PRO D 310 -2.67 37.00 16.44
C PRO D 310 -1.75 36.54 15.33
N ARG D 311 -0.53 36.09 15.67
CA ARG D 311 0.34 35.50 14.65
C ARG D 311 -0.34 34.33 13.96
N VAL D 312 -1.05 33.50 14.74
CA VAL D 312 -1.70 32.31 14.20
C VAL D 312 -2.91 32.68 13.37
N GLN D 313 -3.56 33.81 13.68
CA GLN D 313 -4.78 34.16 12.96
C GLN D 313 -4.50 34.64 11.54
N ARG D 314 -3.39 35.35 11.32
CA ARG D 314 -3.10 35.77 9.95
C ARG D 314 -2.59 34.60 9.11
N LYS D 315 -1.84 33.67 9.71
CA LYS D 315 -1.41 32.50 8.96
C LYS D 315 -2.62 31.73 8.44
N ILE D 316 -3.71 31.69 9.22
CA ILE D 316 -4.95 31.08 8.71
C ILE D 316 -5.52 31.90 7.57
N GLN D 317 -5.57 33.22 7.74
CA GLN D 317 -6.10 34.08 6.69
C GLN D 317 -5.21 34.07 5.46
N GLU D 318 -3.89 34.02 5.66
CA GLU D 318 -2.97 33.96 4.53
C GLU D 318 -3.18 32.68 3.74
N GLU D 319 -3.41 31.55 4.43
CA GLU D 319 -3.67 30.29 3.74
C GLU D 319 -4.98 30.32 3.00
N LEU D 320 -6.02 30.92 3.60
CA LEU D 320 -7.30 31.02 2.90
C LEU D 320 -7.15 31.82 1.61
N ASP D 321 -6.43 32.94 1.67
CA ASP D 321 -6.24 33.77 0.48
C ASP D 321 -5.43 33.05 -0.59
N THR D 322 -4.37 32.34 -0.18
CA THR D 322 -3.53 31.66 -1.17
C THR D 322 -4.25 30.49 -1.82
N VAL D 323 -5.01 29.72 -1.05
CA VAL D 323 -5.61 28.50 -1.55
C VAL D 323 -6.99 28.71 -2.17
N ILE D 324 -7.65 29.83 -1.86
CA ILE D 324 -9.02 30.08 -2.32
C ILE D 324 -9.13 31.47 -2.93
N GLY D 325 -8.56 32.46 -2.29
CA GLY D 325 -8.69 33.84 -2.71
C GLY D 325 -10.01 34.45 -2.25
N ARG D 326 -10.15 35.74 -2.52
CA ARG D 326 -11.33 36.50 -2.11
C ARG D 326 -12.43 36.54 -3.17
N SER D 327 -12.42 35.60 -4.11
CA SER D 327 -13.42 35.55 -5.17
C SER D 327 -14.62 34.68 -4.84
N ARG D 328 -14.49 33.76 -3.89
CA ARG D 328 -15.60 32.89 -3.52
C ARG D 328 -15.49 32.53 -2.04
N ARG D 329 -16.62 32.14 -1.46
CA ARG D 329 -16.64 31.73 -0.06
C ARG D 329 -15.99 30.35 0.07
N PRO D 330 -15.32 30.08 1.19
CA PRO D 330 -14.79 28.73 1.39
C PRO D 330 -15.91 27.71 1.45
N ARG D 331 -15.57 26.47 1.17
CA ARG D 331 -16.56 25.40 1.16
C ARG D 331 -15.97 24.20 1.88
N LEU D 332 -16.86 23.29 2.28
CA LEU D 332 -16.40 22.10 2.99
C LEU D 332 -15.41 21.31 2.15
N SER D 333 -15.58 21.31 0.82
CA SER D 333 -14.67 20.59 -0.07
C SER D 333 -13.23 21.08 0.03
N ASP D 334 -13.03 22.31 0.48
CA ASP D 334 -11.68 22.88 0.58
C ASP D 334 -10.94 22.43 1.83
N ARG D 335 -11.59 21.65 2.72
CA ARG D 335 -10.94 21.27 3.97
C ARG D 335 -9.64 20.52 3.72
N SER D 336 -9.61 19.67 2.70
CA SER D 336 -8.41 18.85 2.46
C SER D 336 -7.20 19.67 2.04
N HIS D 337 -7.40 20.88 1.52
CA HIS D 337 -6.31 21.70 1.02
C HIS D 337 -5.94 22.84 1.96
N LEU D 338 -6.42 22.80 3.21
CA LEU D 338 -6.14 23.83 4.21
C LEU D 338 -5.47 23.17 5.40
N PRO D 339 -4.19 22.78 5.26
CA PRO D 339 -3.52 22.08 6.36
C PRO D 339 -3.29 22.92 7.59
N TYR D 340 -3.12 24.23 7.46
CA TYR D 340 -2.85 25.05 8.63
C TYR D 340 -4.11 25.27 9.47
N MET D 341 -5.26 25.41 8.82
CA MET D 341 -6.54 25.45 9.55
C MET D 341 -6.71 24.18 10.37
N GLU D 342 -6.43 23.02 9.79
CA GLU D 342 -6.56 21.76 10.54
C GLU D 342 -5.53 21.69 11.67
N ALA D 343 -4.32 22.20 11.44
CA ALA D 343 -3.32 22.22 12.50
C ALA D 343 -3.76 23.10 13.66
N PHE D 344 -4.47 24.19 13.36
CA PHE D 344 -4.96 25.06 14.43
C PHE D 344 -6.07 24.37 15.21
N ILE D 345 -7.06 23.81 14.51
CA ILE D 345 -8.15 23.14 15.21
C ILE D 345 -7.61 21.98 16.05
N LEU D 346 -6.63 21.26 15.52
CA LEU D 346 -6.01 20.18 16.28
C LEU D 346 -5.34 20.73 17.53
N GLU D 347 -4.66 21.87 17.40
CA GLU D 347 -3.95 22.42 18.56
C GLU D 347 -4.92 23.01 19.57
N THR D 348 -6.08 23.48 19.12
CA THR D 348 -7.10 23.93 20.07
C THR D 348 -7.62 22.75 20.88
N PHE D 349 -7.91 21.63 20.22
CA PHE D 349 -8.35 20.44 20.93
C PHE D 349 -7.24 19.94 21.88
N ARG D 350 -5.99 19.97 21.41
CA ARG D 350 -4.91 19.38 22.20
C ARG D 350 -4.55 20.26 23.40
N HIS D 351 -4.31 21.55 23.17
CA HIS D 351 -3.84 22.42 24.25
C HIS D 351 -4.94 22.62 25.29
N SER D 352 -6.16 22.92 24.85
CA SER D 352 -7.25 23.14 25.79
C SER D 352 -7.69 21.82 26.40
N SER D 353 -7.75 20.77 25.58
CA SER D 353 -8.31 19.47 25.98
C SER D 353 -9.64 19.66 26.70
N PHE D 354 -10.48 20.51 26.14
CA PHE D 354 -11.67 20.94 26.86
C PHE D 354 -12.61 19.79 27.18
N VAL D 355 -12.31 18.58 26.71
CA VAL D 355 -12.97 17.37 27.23
C VAL D 355 -11.89 16.53 27.91
N PRO D 356 -11.50 16.85 29.15
CA PRO D 356 -10.33 16.16 29.73
C PRO D 356 -10.56 14.70 30.02
N PHE D 357 -11.76 14.32 30.44
CA PHE D 357 -12.11 12.92 30.63
C PHE D 357 -13.25 12.55 29.69
N THR D 358 -13.25 11.29 29.26
CA THR D 358 -14.44 10.74 28.64
C THR D 358 -15.54 10.62 29.67
N ILE D 359 -16.75 10.34 29.20
CA ILE D 359 -17.80 9.94 30.15
C ILE D 359 -17.29 8.74 30.91
N PRO D 360 -17.53 8.61 32.22
CA PRO D 360 -17.00 7.46 32.95
C PRO D 360 -17.42 6.14 32.31
N HIS D 361 -16.51 5.19 32.31
CA HIS D 361 -16.77 3.84 31.84
C HIS D 361 -16.92 2.88 33.01
N SER D 362 -17.29 1.64 32.68
CA SER D 362 -17.45 0.59 33.67
C SER D 362 -17.21 -0.74 32.98
N THR D 363 -16.60 -1.68 33.70
CA THR D 363 -16.29 -2.99 33.15
C THR D 363 -17.54 -3.87 33.12
N THR D 364 -17.76 -4.53 31.99
CA THR D 364 -18.90 -5.43 31.81
C THR D 364 -18.62 -6.84 32.30
N ARG D 365 -17.37 -7.14 32.65
CA ARG D 365 -16.99 -8.47 33.13
C ARG D 365 -15.57 -8.39 33.67
N ASP D 366 -15.24 -9.34 34.55
CA ASP D 366 -13.88 -9.46 35.04
C ASP D 366 -12.92 -9.55 33.86
N THR D 367 -11.86 -8.75 33.91
CA THR D 367 -10.91 -8.68 32.80
C THR D 367 -9.54 -8.32 33.35
N SER D 368 -8.56 -8.30 32.46
CA SER D 368 -7.20 -7.92 32.81
C SER D 368 -6.68 -6.93 31.78
N LEU D 369 -5.74 -6.10 32.20
CA LEU D 369 -5.20 -5.04 31.35
C LEU D 369 -3.77 -4.78 31.74
N LYS D 370 -2.84 -5.05 30.83
CA LYS D 370 -1.42 -4.84 31.09
C LYS D 370 -0.97 -5.58 32.35
N GLY D 371 -1.65 -6.68 32.68
CA GLY D 371 -1.28 -7.50 33.81
C GLY D 371 -1.96 -7.18 35.12
N PHE D 372 -3.00 -6.34 35.12
CA PHE D 372 -3.70 -5.94 36.34
C PHE D 372 -5.12 -6.48 36.32
N TYR D 373 -5.60 -6.94 37.46
CA TYR D 373 -6.92 -7.51 37.59
C TYR D 373 -7.95 -6.42 37.84
N ILE D 374 -9.05 -6.46 37.10
CA ILE D 374 -10.13 -5.49 37.23
C ILE D 374 -11.46 -6.23 37.27
N PRO D 375 -12.17 -6.24 38.40
CA PRO D 375 -13.44 -6.99 38.47
C PRO D 375 -14.55 -6.27 37.73
N LYS D 376 -15.67 -6.99 37.59
CA LYS D 376 -16.86 -6.43 36.96
C LYS D 376 -17.46 -5.31 37.80
N GLY D 377 -17.97 -4.29 37.13
CA GLY D 377 -18.62 -3.18 37.79
C GLY D 377 -17.68 -2.10 38.28
N ARG D 378 -16.39 -2.22 37.98
CA ARG D 378 -15.41 -1.25 38.45
C ARG D 378 -15.54 0.02 37.61
N CYS D 379 -15.68 1.15 38.29
CA CYS D 379 -15.74 2.44 37.61
C CYS D 379 -14.37 2.78 37.04
N VAL D 380 -14.36 3.28 35.80
CA VAL D 380 -13.13 3.52 35.06
C VAL D 380 -13.15 4.94 34.48
N PHE D 381 -12.09 5.69 34.74
CA PHE D 381 -11.89 7.02 34.17
C PHE D 381 -10.85 6.97 33.05
N VAL D 382 -11.10 7.71 31.98
CA VAL D 382 -10.20 7.77 30.84
C VAL D 382 -9.70 9.20 30.73
N ASN D 383 -8.39 9.39 30.94
CA ASN D 383 -7.79 10.73 31.05
C ASN D 383 -7.24 11.13 29.69
N GLN D 384 -8.08 11.80 28.90
CA GLN D 384 -7.63 12.34 27.63
C GLN D 384 -6.65 13.49 27.81
N TRP D 385 -6.83 14.28 28.88
CA TRP D 385 -5.91 15.39 29.13
C TRP D 385 -4.48 14.90 29.25
N GLN D 386 -4.27 13.75 29.90
CA GLN D 386 -2.91 13.25 30.11
C GLN D 386 -2.22 12.97 28.78
N ILE D 387 -2.97 12.44 27.81
CA ILE D 387 -2.39 12.15 26.50
C ILE D 387 -2.00 13.44 25.78
N ASN D 388 -2.93 14.38 25.69
CA ASN D 388 -2.68 15.61 24.92
C ASN D 388 -1.61 16.49 25.55
N HIS D 389 -1.20 16.21 26.79
CA HIS D 389 -0.17 16.99 27.45
C HIS D 389 0.98 16.13 27.94
N ASP D 390 1.08 14.89 27.50
CA ASP D 390 2.18 14.02 27.91
C ASP D 390 3.50 14.56 27.41
N GLN D 391 4.45 14.73 28.34
CA GLN D 391 5.79 15.16 27.96
C GLN D 391 6.46 14.16 27.04
N LYS D 392 6.00 12.90 27.07
CA LYS D 392 6.60 11.83 26.29
C LYS D 392 6.40 12.06 24.79
N LEU D 393 5.22 12.54 24.41
CA LEU D 393 4.82 12.63 23.00
C LEU D 393 4.99 14.01 22.38
N TRP D 394 4.92 15.07 23.16
CA TRP D 394 4.95 16.42 22.63
C TRP D 394 6.15 17.17 23.19
N VAL D 395 6.65 18.11 22.40
CA VAL D 395 7.85 18.87 22.76
C VAL D 395 7.51 19.82 23.90
N ASN D 396 6.69 20.83 23.63
CA ASN D 396 6.29 21.82 24.62
C ASN D 396 4.78 21.71 24.82
N PRO D 397 4.32 20.78 25.66
CA PRO D 397 2.88 20.55 25.75
C PRO D 397 2.09 21.77 26.21
N SER D 398 2.72 22.65 26.99
CA SER D 398 2.01 23.79 27.56
C SER D 398 1.92 24.98 26.62
N GLU D 399 2.55 24.90 25.45
CA GLU D 399 2.55 25.99 24.49
C GLU D 399 1.54 25.73 23.39
N PHE D 400 0.93 26.81 22.89
CA PHE D 400 0.00 26.72 21.77
C PHE D 400 0.82 26.90 20.49
N LEU D 401 1.13 25.79 19.82
CA LEU D 401 1.99 25.79 18.65
C LEU D 401 1.37 24.93 17.57
N PRO D 402 0.49 25.50 16.73
CA PRO D 402 -0.12 24.70 15.67
C PRO D 402 0.89 24.08 14.72
N GLU D 403 2.07 24.69 14.57
CA GLU D 403 3.07 24.19 13.64
C GLU D 403 3.59 22.81 14.01
N ARG D 404 3.32 22.33 15.22
CA ARG D 404 3.82 21.02 15.64
C ARG D 404 3.21 19.89 14.85
N PHE D 405 2.05 20.10 14.23
CA PHE D 405 1.39 19.10 13.41
C PHE D 405 1.75 19.22 11.93
N LEU D 406 2.75 20.01 11.60
CA LEU D 406 3.12 20.27 10.22
C LEU D 406 4.45 19.63 9.88
N THR D 407 4.52 19.02 8.71
CA THR D 407 5.76 18.50 8.16
C THR D 407 6.60 19.64 7.63
N PRO D 408 7.87 19.38 7.29
CA PRO D 408 8.70 20.45 6.71
C PRO D 408 8.10 21.06 5.44
N ASP D 409 7.32 20.29 4.67
CA ASP D 409 6.72 20.81 3.45
C ASP D 409 5.36 21.46 3.67
N GLY D 410 4.89 21.52 4.92
CA GLY D 410 3.66 22.22 5.23
C GLY D 410 2.40 21.39 5.23
N ALA D 411 2.52 20.06 5.26
CA ALA D 411 1.36 19.18 5.27
C ALA D 411 1.11 18.64 6.68
N ILE D 412 -0.08 18.07 6.86
CA ILE D 412 -0.44 17.50 8.15
C ILE D 412 0.27 16.17 8.35
N ASP D 413 0.93 16.02 9.50
CA ASP D 413 1.57 14.77 9.90
C ASP D 413 0.51 13.88 10.53
N LYS D 414 -0.01 12.93 9.76
CA LYS D 414 -1.10 12.09 10.26
C LYS D 414 -0.68 11.23 11.44
N VAL D 415 0.60 10.86 11.50
CA VAL D 415 1.07 10.07 12.63
C VAL D 415 0.94 10.86 13.92
N LEU D 416 1.25 12.16 13.85
CA LEU D 416 1.18 13.00 15.05
C LEU D 416 -0.23 13.51 15.30
N SER D 417 -1.00 13.80 14.24
CA SER D 417 -2.36 14.30 14.44
C SER D 417 -3.26 13.23 15.06
N GLU D 418 -3.00 11.96 14.76
CA GLU D 418 -3.82 10.89 15.33
C GLU D 418 -3.52 10.63 16.80
N LYS D 419 -2.56 11.32 17.39
CA LYS D 419 -2.29 11.21 18.83
C LYS D 419 -3.05 12.24 19.66
N VAL D 420 -3.89 13.07 19.03
CA VAL D 420 -4.72 14.02 19.74
C VAL D 420 -6.05 13.32 20.05
N ILE D 421 -6.21 12.89 21.29
CA ILE D 421 -7.40 12.15 21.71
C ILE D 421 -8.33 13.12 22.42
N ILE D 422 -9.52 13.30 21.87
CA ILE D 422 -10.54 14.12 22.52
C ILE D 422 -11.93 13.59 22.21
N PHE D 423 -12.04 12.68 21.25
CA PHE D 423 -13.33 12.10 20.87
C PHE D 423 -13.53 10.68 21.38
N GLY D 424 -12.59 10.15 22.16
CA GLY D 424 -12.73 8.79 22.67
C GLY D 424 -12.22 7.77 21.69
N MET D 425 -12.49 6.51 22.03
CA MET D 425 -12.05 5.38 21.22
C MET D 425 -13.03 4.23 21.39
N GLY D 426 -13.09 3.37 20.39
CA GLY D 426 -13.75 2.09 20.57
C GLY D 426 -15.27 2.20 20.53
N LYS D 427 -15.90 1.32 21.31
CA LYS D 427 -17.35 1.15 21.24
C LYS D 427 -18.12 2.37 21.71
N ARG D 428 -17.51 3.23 22.54
CA ARG D 428 -18.21 4.39 23.08
C ARG D 428 -17.71 5.72 22.51
N LYS D 429 -16.90 5.70 21.46
CA LYS D 429 -16.35 6.94 20.93
C LYS D 429 -17.47 7.85 20.46
N CYS D 430 -17.13 9.13 20.29
CA CYS D 430 -18.11 10.10 19.83
C CYS D 430 -18.69 9.67 18.50
N ILE D 431 -20.02 9.80 18.38
CA ILE D 431 -20.70 9.48 17.12
C ILE D 431 -20.94 10.71 16.26
N GLY D 432 -20.66 11.91 16.75
CA GLY D 432 -20.76 13.10 15.94
C GLY D 432 -19.40 13.70 15.64
N GLU D 433 -18.37 12.87 15.69
CA GLU D 433 -17.01 13.35 15.47
C GLU D 433 -16.88 14.05 14.13
N THR D 434 -17.29 13.37 13.05
CA THR D 434 -17.14 13.99 11.73
C THR D 434 -17.91 15.30 11.65
N ILE D 435 -19.12 15.33 12.22
CA ILE D 435 -19.90 16.57 12.23
C ILE D 435 -19.14 17.64 12.98
N ALA D 436 -18.58 17.30 14.14
CA ALA D 436 -17.85 18.27 14.94
C ALA D 436 -16.68 18.86 14.17
N ARG D 437 -15.93 18.01 13.47
CA ARG D 437 -14.75 18.49 12.76
C ARG D 437 -15.13 19.35 11.56
N TRP D 438 -16.24 19.01 10.89
CA TRP D 438 -16.69 19.78 9.73
C TRP D 438 -17.35 21.09 10.16
N GLU D 439 -18.12 21.07 11.24
CA GLU D 439 -18.80 22.28 11.69
C GLU D 439 -17.80 23.32 12.17
N VAL D 440 -16.83 22.90 12.99
CA VAL D 440 -15.82 23.82 13.48
C VAL D 440 -15.00 24.38 12.33
N PHE D 441 -14.59 23.53 11.39
CA PHE D 441 -13.80 24.00 10.25
C PHE D 441 -14.57 25.02 9.42
N LEU D 442 -15.83 24.72 9.09
CA LEU D 442 -16.60 25.61 8.22
C LEU D 442 -16.81 26.98 8.86
N PHE D 443 -17.28 27.00 10.11
CA PHE D 443 -17.51 28.27 10.79
C PHE D 443 -16.25 29.13 10.76
N LEU D 444 -15.12 28.55 11.18
CA LEU D 444 -13.88 29.33 11.23
C LEU D 444 -13.44 29.76 9.84
N ALA D 445 -13.60 28.88 8.84
CA ALA D 445 -13.17 29.21 7.48
C ALA D 445 -14.01 30.34 6.89
N ILE D 446 -15.33 30.28 7.04
CA ILE D 446 -16.19 31.30 6.46
C ILE D 446 -15.98 32.64 7.15
N LEU D 447 -15.80 32.63 8.47
CA LEU D 447 -15.64 33.87 9.21
C LEU D 447 -14.28 34.50 8.97
N LEU D 448 -13.21 33.75 9.24
CA LEU D 448 -11.87 34.33 9.21
C LEU D 448 -11.51 34.84 7.81
N GLN D 449 -12.12 34.30 6.76
CA GLN D 449 -11.90 34.83 5.42
C GLN D 449 -12.40 36.27 5.32
N ARG D 450 -13.43 36.62 6.08
CA ARG D 450 -14.13 37.88 5.91
C ARG D 450 -13.87 38.88 7.02
N VAL D 451 -13.62 38.42 8.25
CA VAL D 451 -13.49 39.30 9.40
C VAL D 451 -12.24 38.97 10.18
N GLU D 452 -11.81 39.94 10.99
CA GLU D 452 -10.66 39.80 11.89
C GLU D 452 -11.16 39.97 13.32
N PHE D 453 -10.89 38.98 14.16
CA PHE D 453 -11.20 39.07 15.58
C PHE D 453 -9.98 39.54 16.34
N SER D 454 -10.22 40.26 17.42
CA SER D 454 -9.14 40.87 18.20
C SER D 454 -9.67 41.23 19.58
N VAL D 455 -8.72 41.56 20.46
CA VAL D 455 -9.04 42.06 21.79
C VAL D 455 -8.06 43.20 22.06
N PRO D 456 -8.50 44.32 22.62
CA PRO D 456 -7.57 45.42 22.89
C PRO D 456 -6.56 45.07 23.97
N LEU D 457 -5.39 45.70 23.88
CA LEU D 457 -4.38 45.57 24.92
C LEU D 457 -4.89 46.11 26.26
N GLY D 458 -4.41 45.50 27.34
CA GLY D 458 -4.71 45.98 28.66
C GLY D 458 -5.93 45.37 29.32
N VAL D 459 -6.56 44.39 28.69
CA VAL D 459 -7.73 43.73 29.26
C VAL D 459 -7.36 42.31 29.68
N LYS D 460 -7.95 41.85 30.77
CA LYS D 460 -7.68 40.51 31.29
C LYS D 460 -8.40 39.48 30.44
N VAL D 461 -7.67 38.43 30.06
CA VAL D 461 -8.23 37.32 29.30
C VAL D 461 -7.77 36.05 30.01
N ASP D 462 -8.61 35.52 30.90
CA ASP D 462 -8.29 34.31 31.65
C ASP D 462 -8.49 33.12 30.72
N MET D 463 -7.37 32.52 30.29
CA MET D 463 -7.38 31.35 29.43
C MET D 463 -7.39 30.04 30.22
N THR D 464 -7.50 30.12 31.54
CA THR D 464 -7.48 28.91 32.36
C THR D 464 -8.78 28.14 32.16
N PRO D 465 -8.73 26.86 31.82
CA PRO D 465 -9.98 26.09 31.69
C PRO D 465 -10.64 25.90 33.05
N ILE D 466 -11.96 25.94 33.05
CA ILE D 466 -12.79 25.70 34.22
C ILE D 466 -13.29 24.26 34.16
N TYR D 467 -12.95 23.46 35.18
CA TYR D 467 -13.18 22.02 35.09
C TYR D 467 -14.66 21.70 34.88
N GLY D 468 -14.88 20.55 34.27
CA GLY D 468 -16.21 20.06 33.94
C GLY D 468 -16.10 19.00 32.86
N LEU D 469 -17.25 18.37 32.58
CA LEU D 469 -17.27 17.43 31.46
C LEU D 469 -16.74 18.10 30.21
N THR D 470 -17.25 19.30 29.93
CA THR D 470 -16.68 20.19 28.92
C THR D 470 -16.15 21.42 29.66
N MET D 471 -14.84 21.63 29.58
CA MET D 471 -14.21 22.72 30.30
C MET D 471 -14.47 24.02 29.55
N LYS D 472 -15.05 24.99 30.24
CA LYS D 472 -15.30 26.31 29.69
C LYS D 472 -14.19 27.26 30.14
N HIS D 473 -14.19 28.45 29.56
CA HIS D 473 -13.29 29.53 29.96
C HIS D 473 -14.12 30.67 30.54
N ALA D 474 -13.44 31.58 31.24
CA ALA D 474 -14.10 32.77 31.76
C ALA D 474 -14.65 33.60 30.60
N CYS D 475 -15.90 34.05 30.75
CA CYS D 475 -16.52 34.84 29.70
C CYS D 475 -15.73 36.13 29.46
N CYS D 476 -15.71 36.56 28.21
CA CYS D 476 -14.94 37.75 27.80
C CYS D 476 -15.88 38.64 26.98
N GLU D 477 -16.09 39.86 27.45
CA GLU D 477 -16.97 40.81 26.77
C GLU D 477 -16.21 41.81 25.91
N HIS D 478 -14.91 41.60 25.69
CA HIS D 478 -14.06 42.60 25.06
C HIS D 478 -13.67 42.23 23.63
N PHE D 479 -14.42 41.33 22.99
CA PHE D 479 -14.10 40.93 21.63
C PHE D 479 -14.47 42.01 20.63
N GLN D 480 -13.61 42.20 19.63
CA GLN D 480 -13.84 43.17 18.58
C GLN D 480 -13.66 42.48 17.23
N MET D 481 -14.43 42.93 16.24
CA MET D 481 -14.47 42.34 14.91
C MET D 481 -14.37 43.45 13.88
N GLN D 482 -13.54 43.23 12.87
CA GLN D 482 -13.34 44.19 11.78
C GLN D 482 -13.38 43.46 10.44
N LEU D 483 -13.99 44.08 9.44
CA LEU D 483 -13.95 43.56 8.09
C LEU D 483 -12.53 43.66 7.53
N ARG D 484 -12.22 42.81 6.56
CA ARG D 484 -10.89 42.76 5.97
C ARG D 484 -10.82 43.59 4.69
N SER D 485 -9.59 43.92 4.29
CA SER D 485 -9.35 44.73 3.09
C SER D 485 -10.03 44.17 1.85
#